data_4JAO
#
_entry.id   4JAO
#
_cell.length_a   71.123
_cell.length_b   48.426
_cell.length_c   189.694
_cell.angle_alpha   90.00
_cell.angle_beta   97.25
_cell.angle_gamma   90.00
#
_symmetry.space_group_name_H-M   'P 1 21 1'
#
loop_
_entity.id
_entity.type
_entity.pdbx_description
1 polymer 'Alpha-pyrone synthesis polyketide synthase-like Pks11'
2 non-polymer 'PALMITIC ACID'
3 non-polymer (2S)-2-methylheptadecan-1-ol
4 water water
#
_entity_poly.entity_id   1
_entity_poly.type   'polypeptide(L)'
_entity_poly.pdbx_seq_one_letter_code
;MSVIAGVFGALPPHRYSQSEITDSFVEFPGLKEHEEIIRRLHAAAKVNGRHLVLPLQQYPSLTDFGDANEIFIEKAVDLG
VEALLGALDDANLRPSDIDMIATATVTGVAVPSLDARIAGRLGLRPDVRRMPLFGLGCVAGAAGVARLRDYLRGAPDDVA
VLVSVELCSLTYPAVKPTVSSLVGTALFGDGAAAVVAVGDRRAEQVRAGGPDILDSRSSLYPDSLHIMGWDVGSHGLRLR
LSPDLTNLIERYLANDVTTFLDAHRLTKDDIGAWVSHPGGPKVIDAVATSLALPPEALELTWRSLGEIGNLSSASILHIL
RDTIEKRPPSGSAGLMLAMGPGFCTELVLLRWR
;
_entity_poly.pdbx_strand_id   D,C,B,A
#
loop_
_chem_comp.id
_chem_comp.type
_chem_comp.name
_chem_comp.formula
JAO non-polymer (2S)-2-methylheptadecan-1-ol 'C18 H38 O'
PLM non-polymer 'PALMITIC ACID' 'C16 H32 O2'
#
# COMPACT_ATOMS: atom_id res chain seq x y z
N SER A 2 -4.77 4.37 7.93
CA SER A 2 -5.06 4.39 9.37
C SER A 2 -3.88 5.04 10.08
N VAL A 3 -4.15 5.86 11.10
CA VAL A 3 -3.11 6.64 11.74
C VAL A 3 -3.20 6.62 13.26
N ILE A 4 -2.10 6.28 13.92
CA ILE A 4 -2.05 6.22 15.38
C ILE A 4 -2.10 7.62 15.97
N ALA A 5 -3.00 7.82 16.93
CA ALA A 5 -3.21 9.14 17.52
C ALA A 5 -2.71 9.21 18.97
N GLY A 6 -2.57 8.06 19.61
CA GLY A 6 -2.13 8.01 21.00
C GLY A 6 -1.51 6.69 21.37
N VAL A 7 -0.39 6.72 22.11
CA VAL A 7 0.17 5.48 22.68
C VAL A 7 0.50 5.71 24.15
N PHE A 8 -0.08 4.91 25.03
CA PHE A 8 0.10 5.10 26.47
C PHE A 8 0.34 3.77 27.15
N GLY A 9 1.33 3.74 28.05
CA GLY A 9 1.67 2.56 28.80
C GLY A 9 1.39 2.73 30.28
N ALA A 10 0.51 1.88 30.82
CA ALA A 10 0.16 1.95 32.22
C ALA A 10 0.76 0.75 32.92
N LEU A 11 1.34 1.00 34.07
CA LEU A 11 1.85 -0.05 34.90
C LEU A 11 1.31 0.03 36.29
N PRO A 12 1.30 -1.09 36.97
CA PRO A 12 0.91 -1.04 38.38
C PRO A 12 1.96 -0.24 39.17
N PRO A 13 1.54 0.46 40.24
CA PRO A 13 2.42 1.35 41.01
C PRO A 13 3.57 0.63 41.71
N HIS A 14 3.33 -0.60 42.19
CA HIS A 14 4.37 -1.41 42.81
C HIS A 14 5.47 -1.81 41.83
N ARG A 15 6.62 -1.15 41.87
CA ARG A 15 7.78 -1.64 41.10
C ARG A 15 8.81 -2.28 42.02
N TYR A 16 9.36 -3.40 41.58
CA TYR A 16 10.33 -4.13 42.34
C TYR A 16 11.53 -4.43 41.46
N SER A 17 12.73 -4.35 42.04
CA SER A 17 13.93 -4.74 41.31
C SER A 17 13.85 -6.22 40.97
N GLN A 18 14.65 -6.68 39.99
CA GLN A 18 14.65 -8.11 39.71
C GLN A 18 15.20 -8.85 40.92
N SER A 19 16.16 -8.23 41.61
CA SER A 19 16.79 -8.88 42.76
C SER A 19 15.82 -9.01 43.93
N GLU A 20 14.98 -7.99 44.11
CA GLU A 20 13.88 -7.99 45.08
C GLU A 20 12.93 -9.15 44.81
N ILE A 21 12.53 -9.30 43.54
CA ILE A 21 11.59 -10.34 43.13
C ILE A 21 12.19 -11.72 43.37
N THR A 22 13.38 -11.96 42.82
CA THR A 22 14.05 -13.25 42.99
C THR A 22 14.20 -13.62 44.46
N ASP A 23 14.74 -12.70 45.26
CA ASP A 23 15.00 -12.99 46.68
C ASP A 23 13.75 -13.40 47.45
N SER A 24 12.61 -12.82 47.10
CA SER A 24 11.35 -13.18 47.75
C SER A 24 10.68 -14.38 47.09
N PHE A 25 10.84 -14.52 45.77
CA PHE A 25 10.27 -15.63 45.03
C PHE A 25 10.84 -16.99 45.47
N VAL A 26 12.18 -17.06 45.58
CA VAL A 26 12.84 -18.31 45.98
C VAL A 26 12.52 -18.73 47.41
N GLU A 27 11.72 -17.92 48.12
CA GLU A 27 11.23 -18.29 49.44
C GLU A 27 9.74 -18.62 49.44
N PHE A 28 9.12 -18.58 48.27
CA PHE A 28 7.71 -18.97 48.13
C PHE A 28 7.60 -20.48 48.31
N PRO A 29 6.44 -20.96 48.82
CA PRO A 29 6.19 -22.39 49.04
C PRO A 29 6.62 -23.30 47.88
N GLY A 30 7.48 -24.27 48.19
CA GLY A 30 7.84 -25.36 47.26
C GLY A 30 8.73 -24.95 46.11
N LEU A 31 9.71 -24.10 46.42
CA LEU A 31 10.58 -23.47 45.43
C LEU A 31 12.01 -23.27 45.89
N LYS A 32 12.27 -23.38 47.18
CA LYS A 32 13.64 -23.27 47.71
C LYS A 32 14.49 -24.46 47.25
N GLU A 33 13.81 -25.54 46.89
CA GLU A 33 14.49 -26.71 46.35
C GLU A 33 15.08 -26.38 44.98
N HIS A 34 14.54 -25.34 44.33
CA HIS A 34 14.96 -24.95 42.98
C HIS A 34 15.63 -23.58 42.93
N GLU A 35 15.97 -23.03 44.10
CA GLU A 35 16.51 -21.66 44.21
C GLU A 35 17.70 -21.41 43.27
N GLU A 36 18.45 -22.47 42.95
CA GLU A 36 19.59 -22.34 42.05
C GLU A 36 19.18 -21.95 40.64
N ILE A 37 18.35 -22.79 40.02
CA ILE A 37 17.91 -22.57 38.64
C ILE A 37 17.07 -21.29 38.55
N ILE A 38 16.29 -21.00 39.60
CA ILE A 38 15.44 -19.81 39.63
C ILE A 38 16.31 -18.56 39.56
N ARG A 39 17.34 -18.49 40.40
CA ARG A 39 18.24 -17.35 40.37
C ARG A 39 19.01 -17.29 39.05
N ARG A 40 19.30 -18.45 38.48
CA ARG A 40 19.98 -18.47 37.19
C ARG A 40 19.06 -17.91 36.10
N LEU A 41 17.79 -18.31 36.12
CA LEU A 41 16.84 -17.86 35.10
C LEU A 41 16.55 -16.38 35.24
N HIS A 42 16.44 -15.94 36.49
CA HIS A 42 16.15 -14.55 36.77
C HIS A 42 17.30 -13.62 36.37
N ALA A 43 18.53 -14.02 36.69
CA ALA A 43 19.68 -13.19 36.34
C ALA A 43 19.91 -13.12 34.82
N ALA A 44 19.70 -14.26 34.14
CA ALA A 44 19.90 -14.37 32.70
C ALA A 44 18.85 -13.57 31.91
N ALA A 45 17.80 -13.16 32.61
CA ALA A 45 16.61 -12.60 31.97
C ALA A 45 16.81 -11.19 31.44
N LYS A 46 17.88 -10.53 31.88
CA LYS A 46 18.12 -9.12 31.53
C LYS A 46 16.93 -8.20 31.80
N VAL A 47 16.17 -8.53 32.84
CA VAL A 47 15.12 -7.65 33.37
C VAL A 47 15.68 -7.10 34.69
N ASN A 48 15.65 -5.78 34.88
CA ASN A 48 16.23 -5.26 36.12
C ASN A 48 15.16 -4.99 37.15
N GLY A 49 13.93 -4.95 36.64
CA GLY A 49 12.79 -4.64 37.48
C GLY A 49 11.49 -4.92 36.75
N ARG A 50 10.43 -5.16 37.52
CA ARG A 50 9.11 -5.40 36.97
C ARG A 50 8.06 -4.75 37.85
N HIS A 51 7.02 -4.22 37.23
CA HIS A 51 5.85 -3.79 37.99
C HIS A 51 4.95 -5.01 38.28
N LEU A 52 4.58 -5.21 39.54
CA LEU A 52 3.64 -6.28 39.92
C LEU A 52 2.33 -5.68 40.43
N VAL A 53 1.22 -6.27 39.99
CA VAL A 53 -0.11 -5.70 40.24
C VAL A 53 -0.51 -5.93 41.68
N LEU A 54 0.09 -6.95 42.31
CA LEU A 54 -0.10 -7.24 43.72
C LEU A 54 1.22 -7.01 44.46
N PRO A 55 1.14 -6.70 45.78
CA PRO A 55 2.36 -6.70 46.62
C PRO A 55 3.10 -8.03 46.43
N LEU A 56 4.43 -7.98 46.39
CA LEU A 56 5.23 -9.19 46.13
C LEU A 56 4.92 -10.34 47.10
N GLN A 57 4.42 -10.00 48.29
CA GLN A 57 4.19 -11.01 49.32
C GLN A 57 2.73 -11.43 49.44
N GLN A 58 1.92 -11.14 48.45
CA GLN A 58 0.57 -11.71 48.36
C GLN A 58 0.60 -12.95 47.48
N TYR A 59 1.55 -12.96 46.54
CA TYR A 59 1.63 -14.02 45.52
C TYR A 59 1.64 -15.47 46.01
N PRO A 60 2.42 -15.78 47.08
CA PRO A 60 2.35 -17.15 47.61
C PRO A 60 0.95 -17.58 48.06
N SER A 61 0.11 -16.60 48.42
CA SER A 61 -1.25 -16.91 48.80
C SER A 61 -2.21 -16.97 47.60
N LEU A 62 -1.73 -16.51 46.44
CA LEU A 62 -2.49 -16.62 45.18
C LEU A 62 -2.38 -18.01 44.59
N THR A 63 -2.82 -19.03 45.33
CA THR A 63 -2.71 -20.39 44.84
C THR A 63 -3.95 -20.80 44.07
N ASP A 64 -5.05 -20.06 44.25
CA ASP A 64 -6.30 -20.45 43.61
C ASP A 64 -6.55 -19.67 42.32
N PHE A 65 -6.75 -20.42 41.24
CA PHE A 65 -7.05 -19.81 39.94
C PHE A 65 -8.27 -18.89 39.97
N GLY A 66 -9.30 -19.32 40.71
CA GLY A 66 -10.52 -18.53 40.87
C GLY A 66 -10.24 -17.17 41.48
N ASP A 67 -9.39 -17.14 42.50
CA ASP A 67 -9.01 -15.89 43.14
C ASP A 67 -8.24 -15.03 42.16
N ALA A 68 -7.22 -15.64 41.56
CA ALA A 68 -6.29 -14.94 40.69
C ALA A 68 -7.01 -14.36 39.49
N ASN A 69 -8.03 -15.07 39.01
CA ASN A 69 -8.74 -14.62 37.84
C ASN A 69 -9.70 -13.48 38.15
N GLU A 70 -10.27 -13.50 39.34
CA GLU A 70 -11.18 -12.44 39.79
C GLU A 70 -10.43 -11.13 39.99
N ILE A 71 -9.28 -11.22 40.64
CA ILE A 71 -8.39 -10.09 40.81
C ILE A 71 -7.94 -9.58 39.44
N PHE A 72 -7.65 -10.51 38.54
CA PHE A 72 -7.29 -10.15 37.18
C PHE A 72 -8.32 -9.23 36.57
N ILE A 73 -9.58 -9.67 36.59
CA ILE A 73 -10.66 -8.91 35.98
C ILE A 73 -10.73 -7.48 36.53
N GLU A 74 -10.84 -7.36 37.86
CA GLU A 74 -10.84 -6.04 38.54
C GLU A 74 -9.60 -5.18 38.22
N LYS A 75 -8.39 -5.73 38.44
CA LYS A 75 -7.13 -5.01 38.21
C LYS A 75 -6.94 -4.66 36.75
N ALA A 76 -7.29 -5.59 35.85
CA ALA A 76 -7.12 -5.40 34.41
C ALA A 76 -8.06 -4.34 33.85
N VAL A 77 -9.21 -4.16 34.47
CA VAL A 77 -10.10 -3.07 34.04
C VAL A 77 -9.59 -1.71 34.53
N ASP A 78 -9.08 -1.63 35.76
CA ASP A 78 -8.48 -0.37 36.28
C ASP A 78 -7.26 0.02 35.46
N LEU A 79 -6.34 -0.92 35.27
CA LEU A 79 -5.15 -0.73 34.45
C LEU A 79 -5.54 -0.44 32.99
N GLY A 80 -6.55 -1.16 32.52
CA GLY A 80 -7.02 -1.02 31.16
C GLY A 80 -7.49 0.41 30.92
N VAL A 81 -8.36 0.91 31.81
CA VAL A 81 -8.93 2.24 31.65
C VAL A 81 -7.87 3.32 31.78
N GLU A 82 -6.91 3.09 32.68
CA GLU A 82 -5.79 4.00 32.86
C GLU A 82 -5.03 4.14 31.55
N ALA A 83 -4.76 3.00 30.91
CA ALA A 83 -3.99 3.08 29.68
C ALA A 83 -4.83 3.74 28.59
N LEU A 84 -6.12 3.42 28.52
CA LEU A 84 -6.98 4.04 27.52
C LEU A 84 -7.15 5.53 27.77
N LEU A 85 -7.41 5.90 29.02
CA LEU A 85 -7.53 7.31 29.36
C LEU A 85 -6.27 8.00 28.91
N GLY A 86 -5.13 7.45 29.31
CA GLY A 86 -3.84 7.97 28.91
C GLY A 86 -3.66 8.14 27.41
N ALA A 87 -3.99 7.10 26.65
CA ALA A 87 -3.85 7.16 25.19
C ALA A 87 -4.86 8.13 24.59
N LEU A 88 -6.06 8.18 25.17
CA LEU A 88 -7.07 9.18 24.79
C LEU A 88 -6.53 10.61 25.02
N ASP A 89 -5.86 10.81 26.15
CA ASP A 89 -5.22 12.10 26.44
C ASP A 89 -4.04 12.43 25.51
N ASP A 90 -3.27 11.41 25.12
CA ASP A 90 -2.16 11.59 24.17
C ASP A 90 -2.72 11.99 22.80
N ALA A 91 -3.84 11.37 22.43
CA ALA A 91 -4.54 11.68 21.18
C ALA A 91 -5.34 12.97 21.28
N ASN A 92 -5.42 13.55 22.47
CA ASN A 92 -6.40 14.59 22.78
C ASN A 92 -7.81 14.21 22.28
N LEU A 93 -8.25 13.01 22.67
CA LEU A 93 -9.57 12.50 22.31
C LEU A 93 -10.33 12.08 23.56
N ARG A 94 -11.62 11.84 23.41
CA ARG A 94 -12.45 11.54 24.54
C ARG A 94 -13.10 10.18 24.37
N PRO A 95 -13.43 9.50 25.49
CA PRO A 95 -14.12 8.22 25.48
C PRO A 95 -15.30 8.15 24.48
N SER A 96 -16.15 9.18 24.44
CA SER A 96 -17.26 9.24 23.48
C SER A 96 -16.83 9.14 22.00
N ASP A 97 -15.55 9.39 21.71
CA ASP A 97 -15.02 9.38 20.35
C ASP A 97 -14.71 7.97 19.82
N ILE A 98 -14.51 7.04 20.75
CA ILE A 98 -14.14 5.66 20.42
C ILE A 98 -15.26 4.95 19.69
N ASP A 99 -14.97 4.50 18.46
CA ASP A 99 -16.01 3.91 17.63
C ASP A 99 -15.91 2.39 17.66
N MET A 100 -14.73 1.88 18.01
CA MET A 100 -14.54 0.45 18.22
C MET A 100 -13.39 0.25 19.20
N ILE A 101 -13.55 -0.74 20.06
CA ILE A 101 -12.55 -1.03 21.07
C ILE A 101 -12.15 -2.49 20.97
N ALA A 102 -10.86 -2.73 20.85
CA ALA A 102 -10.37 -4.09 20.78
C ALA A 102 -9.53 -4.25 22.01
N THR A 103 -9.59 -5.44 22.59
CA THR A 103 -8.95 -5.68 23.86
C THR A 103 -8.08 -6.90 23.70
N ALA A 104 -6.90 -6.88 24.30
CA ALA A 104 -6.03 -8.03 24.17
C ALA A 104 -5.51 -8.43 25.52
N THR A 105 -5.67 -9.72 25.81
CA THR A 105 -5.14 -10.30 27.03
C THR A 105 -4.89 -11.76 26.76
N VAL A 106 -3.94 -12.36 27.48
CA VAL A 106 -3.83 -13.80 27.43
C VAL A 106 -3.73 -14.33 28.86
N THR A 107 -3.75 -13.42 29.82
CA THR A 107 -3.39 -13.75 31.20
C THR A 107 -4.57 -13.81 32.16
N GLY A 108 -5.77 -13.85 31.61
CA GLY A 108 -6.97 -13.96 32.41
C GLY A 108 -8.17 -14.17 31.52
N VAL A 109 -9.23 -14.71 32.11
CA VAL A 109 -10.41 -14.97 31.31
C VAL A 109 -11.62 -14.25 31.88
N ALA A 110 -12.25 -13.45 31.04
CA ALA A 110 -13.33 -12.56 31.45
C ALA A 110 -14.46 -12.68 30.45
N VAL A 111 -15.60 -13.12 30.95
CA VAL A 111 -16.84 -13.05 30.19
C VAL A 111 -17.88 -12.48 31.16
N PRO A 112 -18.38 -11.26 30.88
CA PRO A 112 -18.04 -10.36 29.77
C PRO A 112 -16.56 -9.91 29.73
N SER A 113 -16.11 -9.55 28.53
CA SER A 113 -14.70 -9.32 28.28
C SER A 113 -14.25 -7.98 28.85
N LEU A 114 -12.94 -7.76 28.88
CA LEU A 114 -12.40 -6.49 29.36
C LEU A 114 -12.97 -5.30 28.59
N ASP A 115 -13.16 -5.46 27.28
CA ASP A 115 -13.66 -4.35 26.47
C ASP A 115 -15.07 -3.95 26.88
N ALA A 116 -15.85 -4.93 27.33
CA ALA A 116 -17.18 -4.68 27.86
C ALA A 116 -17.09 -3.85 29.11
N ARG A 117 -16.16 -4.20 29.98
CA ARG A 117 -16.06 -3.60 31.30
C ARG A 117 -15.43 -2.22 31.23
N ILE A 118 -14.36 -2.12 30.44
CA ILE A 118 -13.72 -0.81 30.31
C ILE A 118 -14.64 0.16 29.57
N ALA A 119 -15.44 -0.35 28.63
CA ALA A 119 -16.46 0.47 27.97
C ALA A 119 -17.47 1.05 28.96
N GLY A 120 -17.89 0.23 29.93
CA GLY A 120 -18.82 0.68 30.95
C GLY A 120 -18.17 1.66 31.92
N ARG A 121 -16.92 1.40 32.29
CA ARG A 121 -16.20 2.30 33.19
C ARG A 121 -15.93 3.69 32.57
N LEU A 122 -15.63 3.72 31.27
CA LEU A 122 -15.30 4.99 30.60
C LEU A 122 -16.51 5.68 29.96
N GLY A 123 -17.64 4.98 29.98
CA GLY A 123 -18.85 5.51 29.38
C GLY A 123 -18.70 5.64 27.87
N LEU A 124 -18.11 4.64 27.23
CA LEU A 124 -18.08 4.59 25.79
C LEU A 124 -19.52 4.41 25.31
N ARG A 125 -19.82 4.95 24.13
CA ARG A 125 -21.16 4.83 23.54
C ARG A 125 -21.63 3.37 23.51
N PRO A 126 -22.91 3.14 23.83
CA PRO A 126 -23.43 1.77 23.91
C PRO A 126 -23.32 1.04 22.58
N ASP A 127 -23.00 1.74 21.50
CA ASP A 127 -22.81 1.08 20.21
C ASP A 127 -21.36 0.88 19.79
N VAL A 128 -20.40 1.07 20.71
CA VAL A 128 -19.01 0.72 20.40
C VAL A 128 -18.95 -0.69 19.87
N ARG A 129 -18.12 -0.90 18.85
CA ARG A 129 -17.85 -2.22 18.31
C ARG A 129 -16.73 -2.88 19.11
N ARG A 130 -17.03 -4.03 19.71
CA ARG A 130 -16.07 -4.67 20.60
C ARG A 130 -15.40 -5.88 19.96
N MET A 131 -14.07 -5.95 20.11
CA MET A 131 -13.29 -7.06 19.56
C MET A 131 -12.40 -7.63 20.65
N PRO A 132 -12.92 -8.49 21.48
CA PRO A 132 -12.10 -9.05 22.52
C PRO A 132 -11.28 -10.20 22.01
N LEU A 133 -10.03 -9.92 21.69
CA LEU A 133 -9.10 -10.94 21.31
C LEU A 133 -8.49 -11.63 22.48
N PHE A 134 -8.50 -12.94 22.45
CA PHE A 134 -7.89 -13.72 23.47
C PHE A 134 -7.18 -14.83 22.78
N GLY A 135 -5.98 -15.15 23.20
CA GLY A 135 -5.29 -16.28 22.62
C GLY A 135 -4.33 -15.94 21.52
N LEU A 136 -4.20 -14.66 21.26
CA LEU A 136 -3.17 -14.14 20.41
C LEU A 136 -1.90 -14.13 21.21
N GLY A 137 -2.02 -13.94 22.49
CA GLY A 137 -0.89 -13.83 23.36
C GLY A 137 0.03 -12.71 22.97
N CYS A 138 1.30 -12.97 23.08
CA CYS A 138 2.34 -11.98 22.93
C CYS A 138 2.30 -11.22 21.61
N VAL A 139 1.64 -11.80 20.61
CA VAL A 139 1.61 -11.21 19.29
C VAL A 139 0.55 -10.11 19.20
N ALA A 140 -0.32 -10.05 20.21
CA ALA A 140 -1.52 -9.21 20.18
C ALA A 140 -1.29 -7.70 20.14
N GLY A 141 -0.10 -7.25 20.54
CA GLY A 141 0.18 -5.82 20.44
C GLY A 141 0.31 -5.41 18.98
N ALA A 142 1.10 -6.18 18.23
CA ALA A 142 1.30 -5.99 16.80
C ALA A 142 0.01 -6.27 16.03
N ALA A 143 -0.52 -7.47 16.24
CA ALA A 143 -1.73 -7.89 15.58
C ALA A 143 -2.91 -6.99 15.95
N GLY A 144 -3.00 -6.58 17.22
CA GLY A 144 -4.01 -5.62 17.65
C GLY A 144 -3.99 -4.36 16.80
N VAL A 145 -2.78 -3.81 16.60
CA VAL A 145 -2.59 -2.63 15.77
C VAL A 145 -3.04 -2.92 14.36
N ALA A 146 -2.69 -4.11 13.86
CA ALA A 146 -3.10 -4.53 12.53
C ALA A 146 -4.62 -4.65 12.42
N ARG A 147 -5.26 -5.19 13.45
CA ARG A 147 -6.72 -5.28 13.48
C ARG A 147 -7.34 -3.89 13.42
N LEU A 148 -6.87 -2.99 14.29
CA LEU A 148 -7.22 -1.57 14.24
C LEU A 148 -7.14 -1.06 12.81
N ARG A 149 -5.99 -1.24 12.18
CA ARG A 149 -5.81 -0.84 10.79
C ARG A 149 -6.88 -1.50 9.93
N ASP A 150 -7.14 -2.79 10.19
CA ASP A 150 -8.08 -3.54 9.36
C ASP A 150 -9.51 -3.04 9.55
N TYR A 151 -9.83 -2.60 10.76
CA TYR A 151 -11.12 -1.97 11.00
C TYR A 151 -11.18 -0.57 10.39
N LEU A 152 -10.19 0.26 10.69
CA LEU A 152 -10.17 1.66 10.25
C LEU A 152 -10.09 1.75 8.72
N ARG A 153 -9.64 0.68 8.05
CA ARG A 153 -9.52 0.72 6.59
C ARG A 153 -10.89 0.53 5.91
N GLY A 154 -11.85 -0.03 6.64
CA GLY A 154 -13.23 -0.11 6.20
C GLY A 154 -14.10 0.97 6.83
N ALA A 155 -13.53 1.74 7.75
CA ALA A 155 -14.23 2.82 8.47
C ALA A 155 -13.30 4.02 8.71
N PRO A 156 -13.00 4.77 7.64
CA PRO A 156 -12.01 5.86 7.61
C PRO A 156 -12.32 7.07 8.50
N ASP A 157 -13.57 7.23 8.93
CA ASP A 157 -13.97 8.38 9.74
C ASP A 157 -13.98 8.06 11.22
N ASP A 158 -13.63 6.82 11.56
CA ASP A 158 -13.81 6.30 12.93
C ASP A 158 -12.55 6.36 13.77
N VAL A 159 -12.75 6.16 15.07
CA VAL A 159 -11.66 5.98 16.01
C VAL A 159 -11.77 4.57 16.57
N ALA A 160 -10.67 3.84 16.51
CA ALA A 160 -10.62 2.48 17.01
C ALA A 160 -9.52 2.46 18.05
N VAL A 161 -9.73 1.73 19.15
CA VAL A 161 -8.70 1.67 20.16
C VAL A 161 -8.31 0.23 20.44
N LEU A 162 -7.07 0.05 20.86
CA LEU A 162 -6.58 -1.24 21.26
C LEU A 162 -6.21 -1.05 22.71
N VAL A 163 -6.72 -1.91 23.58
CA VAL A 163 -6.29 -1.90 24.98
C VAL A 163 -5.73 -3.26 25.26
N SER A 164 -4.45 -3.29 25.58
CA SER A 164 -3.79 -4.53 25.91
C SER A 164 -3.56 -4.45 27.39
N VAL A 165 -4.02 -5.48 28.13
CA VAL A 165 -3.72 -5.57 29.55
C VAL A 165 -3.26 -6.95 29.84
N GLU A 166 -2.03 -7.08 30.31
CA GLU A 166 -1.50 -8.39 30.67
C GLU A 166 -0.99 -8.37 32.10
N LEU A 167 -1.62 -9.15 32.96
CA LEU A 167 -1.20 -9.27 34.31
C LEU A 167 -0.62 -10.64 34.49
N CYS A 168 0.55 -10.82 33.91
CA CYS A 168 1.21 -12.12 33.91
C CYS A 168 1.42 -12.69 35.33
N SER A 169 1.73 -11.81 36.28
CA SER A 169 1.98 -12.24 37.64
C SER A 169 0.80 -13.00 38.22
N LEU A 170 -0.40 -12.71 37.70
CA LEU A 170 -1.64 -13.30 38.21
C LEU A 170 -1.88 -14.72 37.72
N THR A 171 -1.07 -15.17 36.76
CA THR A 171 -1.10 -16.57 36.35
C THR A 171 -0.34 -17.47 37.33
N TYR A 172 0.19 -16.86 38.40
CA TYR A 172 0.92 -17.59 39.45
C TYR A 172 0.35 -18.93 39.95
N PRO A 173 -0.99 -19.06 40.16
CA PRO A 173 -1.52 -20.36 40.61
C PRO A 173 -1.09 -21.52 39.73
N ALA A 174 -0.77 -21.22 38.47
CA ALA A 174 -0.38 -22.27 37.54
C ALA A 174 1.14 -22.53 37.40
N VAL A 175 1.99 -21.71 38.03
CA VAL A 175 3.43 -21.94 37.86
C VAL A 175 3.95 -23.10 38.70
N LYS A 176 4.72 -23.99 38.08
CA LYS A 176 5.39 -25.09 38.79
C LYS A 176 6.91 -24.96 38.68
N PRO A 177 7.66 -25.58 39.55
CA PRO A 177 9.11 -25.54 39.43
C PRO A 177 9.56 -26.33 38.26
N THR A 178 9.51 -25.68 37.14
CA THR A 178 9.55 -26.27 35.81
C THR A 178 10.22 -25.22 34.95
N VAL A 179 11.15 -25.64 34.11
CA VAL A 179 11.98 -24.72 33.39
C VAL A 179 11.11 -23.71 32.74
N SER A 180 10.08 -24.17 32.06
CA SER A 180 9.26 -23.27 31.29
C SER A 180 8.57 -22.25 32.16
N SER A 181 7.98 -22.71 33.23
CA SER A 181 7.26 -21.81 34.09
C SER A 181 8.20 -20.92 34.83
N LEU A 182 9.36 -21.42 35.16
CA LEU A 182 10.43 -20.62 35.78
C LEU A 182 11.01 -19.59 34.80
N VAL A 183 11.13 -19.95 33.54
CA VAL A 183 11.50 -18.95 32.54
C VAL A 183 10.46 -17.82 32.55
N GLY A 184 9.19 -18.18 32.65
CA GLY A 184 8.13 -17.19 32.70
C GLY A 184 8.27 -16.23 33.87
N THR A 185 8.75 -16.77 34.99
CA THR A 185 8.80 -16.01 36.25
C THR A 185 10.00 -15.07 36.27
N ALA A 186 10.93 -15.27 35.35
CA ALA A 186 12.12 -14.43 35.23
C ALA A 186 11.87 -13.28 34.27
N LEU A 187 10.99 -13.51 33.31
CA LEU A 187 10.71 -12.59 32.22
C LEU A 187 9.51 -11.67 32.48
N PHE A 188 8.38 -12.28 32.82
CA PHE A 188 7.08 -11.59 32.74
C PHE A 188 6.72 -10.67 33.89
N GLY A 189 6.23 -9.49 33.51
CA GLY A 189 5.81 -8.48 34.46
C GLY A 189 4.39 -8.06 34.11
N ASP A 190 3.86 -7.09 34.84
CA ASP A 190 2.50 -6.63 34.65
C ASP A 190 2.52 -5.25 34.03
N GLY A 191 1.42 -4.90 33.37
CA GLY A 191 1.30 -3.63 32.70
C GLY A 191 0.23 -3.72 31.66
N ALA A 192 -0.11 -2.57 31.09
CA ALA A 192 -1.14 -2.48 30.07
C ALA A 192 -0.63 -1.43 29.10
N ALA A 193 -1.30 -1.29 27.97
CA ALA A 193 -1.00 -0.19 27.06
C ALA A 193 -2.21 -0.03 26.20
N ALA A 194 -2.42 1.18 25.71
CA ALA A 194 -3.48 1.38 24.76
C ALA A 194 -2.89 2.11 23.59
N VAL A 195 -3.41 1.83 22.40
CA VAL A 195 -3.09 2.60 21.22
C VAL A 195 -4.40 3.18 20.75
N VAL A 196 -4.38 4.47 20.42
CA VAL A 196 -5.56 5.10 19.84
C VAL A 196 -5.23 5.35 18.40
N ALA A 197 -5.82 4.59 17.50
CA ALA A 197 -5.61 4.83 16.08
C ALA A 197 -6.90 5.43 15.51
N VAL A 198 -6.79 6.01 14.34
CA VAL A 198 -7.81 6.90 13.81
C VAL A 198 -7.85 6.64 12.31
N GLY A 199 -9.03 6.67 11.70
CA GLY A 199 -9.12 6.45 10.27
C GLY A 199 -8.43 7.56 9.47
N ASP A 200 -8.16 7.31 8.19
CA ASP A 200 -7.45 8.26 7.37
C ASP A 200 -8.18 9.60 7.25
N ARG A 201 -9.50 9.54 7.07
CA ARG A 201 -10.31 10.76 6.92
C ARG A 201 -10.50 11.50 8.23
N ARG A 202 -10.05 10.87 9.31
CA ARG A 202 -10.22 11.39 10.66
C ARG A 202 -8.90 11.93 11.23
N ALA A 203 -7.78 11.51 10.64
CA ALA A 203 -6.44 11.87 11.14
C ALA A 203 -6.16 13.37 11.13
N GLU A 204 -6.64 14.06 10.10
CA GLU A 204 -6.39 15.49 9.91
C GLU A 204 -7.13 16.37 10.94
N GLN A 205 -8.44 16.14 11.08
CA GLN A 205 -9.25 16.83 12.09
C GLN A 205 -8.75 16.58 13.52
N VAL A 206 -8.36 15.33 13.80
CA VAL A 206 -7.94 14.88 15.12
C VAL A 206 -6.50 15.29 15.40
N ARG A 207 -5.76 15.60 14.36
CA ARG A 207 -4.33 15.93 14.45
C ARG A 207 -3.48 14.79 14.96
N ALA A 208 -3.85 13.62 14.55
CA ALA A 208 -3.10 12.44 14.98
C ALA A 208 -1.64 12.67 14.65
N GLY A 209 -0.76 12.44 15.62
CA GLY A 209 0.65 12.73 15.44
C GLY A 209 1.49 11.49 15.35
N GLY A 210 0.98 10.41 15.94
CA GLY A 210 1.69 9.14 15.95
C GLY A 210 1.81 8.59 14.55
N PRO A 211 2.51 7.45 14.42
CA PRO A 211 2.95 6.91 13.13
C PRO A 211 1.79 6.38 12.27
N ASP A 212 1.93 6.41 10.95
CA ASP A 212 0.96 5.75 10.08
C ASP A 212 1.01 4.25 10.28
N ILE A 213 -0.15 3.60 10.17
CA ILE A 213 -0.19 2.15 10.08
C ILE A 213 -0.39 1.78 8.61
N LEU A 214 0.67 1.28 7.98
CA LEU A 214 0.69 1.04 6.54
C LEU A 214 0.19 -0.32 6.09
N ASP A 215 0.60 -1.35 6.82
CA ASP A 215 0.26 -2.73 6.45
C ASP A 215 0.68 -3.69 7.54
N SER A 216 0.31 -4.96 7.36
CA SER A 216 0.64 -5.99 8.33
C SER A 216 0.69 -7.33 7.65
N ARG A 217 1.51 -8.23 8.18
CA ARG A 217 1.53 -9.60 7.72
C ARG A 217 1.66 -10.54 8.90
N SER A 218 0.69 -11.44 9.00
CA SER A 218 0.75 -12.52 9.97
C SER A 218 1.52 -13.64 9.31
N SER A 219 2.28 -14.37 10.09
CA SER A 219 2.90 -15.55 9.54
C SER A 219 2.56 -16.68 10.49
N LEU A 220 1.59 -17.52 10.12
CA LEU A 220 1.21 -18.66 10.97
C LEU A 220 2.02 -19.90 10.55
N TYR A 221 3.01 -20.28 11.35
CA TYR A 221 3.90 -21.41 11.00
C TYR A 221 3.15 -22.75 11.08
N PRO A 222 3.45 -23.65 10.12
CA PRO A 222 2.85 -25.00 10.10
C PRO A 222 3.33 -25.84 11.28
N ASP A 223 2.42 -26.65 11.83
CA ASP A 223 2.80 -27.68 12.78
C ASP A 223 3.60 -27.12 13.96
N SER A 224 3.15 -25.99 14.52
CA SER A 224 3.92 -25.30 15.58
C SER A 224 3.09 -24.91 16.81
N LEU A 225 2.11 -25.74 17.17
CA LEU A 225 1.25 -25.45 18.31
C LEU A 225 2.06 -25.49 19.60
N HIS A 226 2.95 -26.47 19.67
CA HIS A 226 3.78 -26.71 20.85
C HIS A 226 4.73 -25.57 21.20
N ILE A 227 5.10 -24.76 20.20
CA ILE A 227 6.07 -23.66 20.43
C ILE A 227 5.69 -22.74 21.59
N MET A 228 4.40 -22.45 21.74
CA MET A 228 3.95 -21.46 22.73
C MET A 228 2.45 -21.57 22.95
N GLY A 229 2.03 -21.45 24.20
CA GLY A 229 0.61 -21.47 24.50
C GLY A 229 0.29 -21.62 25.97
N TRP A 230 -0.99 -21.81 26.28
CA TRP A 230 -1.41 -22.09 27.63
C TRP A 230 -1.72 -23.57 27.80
N ASP A 231 -1.18 -24.18 28.82
CA ASP A 231 -1.78 -25.40 29.36
C ASP A 231 -2.85 -24.90 30.33
N VAL A 232 -4.12 -25.12 29.98
CA VAL A 232 -5.23 -24.61 30.78
C VAL A 232 -5.87 -25.71 31.62
N GLY A 233 -6.05 -25.45 32.92
CA GLY A 233 -6.57 -26.47 33.82
C GLY A 233 -7.11 -25.87 35.10
N SER A 234 -7.31 -26.70 36.12
CA SER A 234 -7.85 -26.24 37.40
C SER A 234 -6.91 -25.24 38.10
N HIS A 235 -5.61 -25.28 37.79
CA HIS A 235 -4.68 -24.33 38.40
C HIS A 235 -4.50 -23.04 37.60
N GLY A 236 -5.21 -22.94 36.49
CA GLY A 236 -5.14 -21.74 35.68
C GLY A 236 -4.29 -21.89 34.44
N LEU A 237 -3.72 -20.77 34.03
CA LEU A 237 -3.00 -20.69 32.78
C LEU A 237 -1.55 -21.01 33.01
N ARG A 238 -1.12 -22.16 32.51
CA ARG A 238 0.26 -22.61 32.68
C ARG A 238 1.01 -22.46 31.36
N LEU A 239 2.18 -21.82 31.44
CA LEU A 239 2.96 -21.51 30.27
C LEU A 239 3.54 -22.75 29.61
N ARG A 240 3.22 -22.92 28.34
CA ARG A 240 3.88 -23.87 27.47
C ARG A 240 4.86 -23.01 26.68
N LEU A 241 6.16 -23.31 26.78
CA LEU A 241 7.17 -22.59 26.02
C LEU A 241 8.30 -23.56 25.66
N SER A 242 8.42 -23.88 24.37
CA SER A 242 9.40 -24.82 23.84
C SER A 242 10.72 -24.12 23.51
N PRO A 243 11.85 -24.81 23.72
CA PRO A 243 13.17 -24.24 23.38
C PRO A 243 13.50 -24.41 21.90
N ASP A 244 12.49 -24.69 21.08
CA ASP A 244 12.67 -24.70 19.64
C ASP A 244 12.36 -23.31 19.12
N LEU A 245 11.94 -22.43 20.04
CA LEU A 245 11.46 -21.11 19.68
C LEU A 245 12.57 -20.37 18.95
N THR A 246 13.69 -20.18 19.66
CA THR A 246 14.87 -19.51 19.11
C THR A 246 15.23 -20.07 17.75
N ASN A 247 15.29 -21.39 17.64
CA ASN A 247 15.61 -21.98 16.35
C ASN A 247 14.57 -21.75 15.27
N LEU A 248 13.29 -21.67 15.66
CA LEU A 248 12.23 -21.33 14.71
C LEU A 248 12.46 -19.93 14.13
N ILE A 249 12.71 -18.97 15.02
CA ILE A 249 13.03 -17.61 14.64
C ILE A 249 14.22 -17.56 13.70
N GLU A 250 15.35 -18.14 14.12
CA GLU A 250 16.59 -18.08 13.34
C GLU A 250 16.42 -18.65 11.93
N ARG A 251 15.50 -19.60 11.78
CA ARG A 251 15.29 -20.26 10.50
C ARG A 251 14.19 -19.64 9.65
N TYR A 252 13.18 -19.04 10.30
CA TYR A 252 12.03 -18.52 9.55
C TYR A 252 11.76 -17.01 9.62
N LEU A 253 12.30 -16.33 10.64
CA LEU A 253 12.01 -14.91 10.80
C LEU A 253 12.47 -14.11 9.59
N ALA A 254 13.64 -14.45 9.05
CA ALA A 254 14.23 -13.66 7.95
C ALA A 254 13.28 -13.64 6.78
N ASN A 255 12.82 -14.82 6.41
CA ASN A 255 11.85 -14.98 5.31
C ASN A 255 10.50 -14.30 5.59
N ASP A 256 10.08 -14.20 6.85
CA ASP A 256 8.85 -13.45 7.18
C ASP A 256 9.01 -11.98 6.83
N VAL A 257 10.05 -11.36 7.38
CA VAL A 257 10.24 -9.92 7.13
C VAL A 257 10.63 -9.65 5.68
N THR A 258 11.46 -10.50 5.09
CA THR A 258 11.84 -10.35 3.69
C THR A 258 10.64 -10.48 2.76
N THR A 259 9.76 -11.45 3.02
CA THR A 259 8.58 -11.65 2.18
C THR A 259 7.59 -10.49 2.36
N PHE A 260 7.57 -9.92 3.56
CA PHE A 260 6.73 -8.77 3.88
C PHE A 260 7.32 -7.48 3.33
N LEU A 261 8.61 -7.27 3.58
CA LEU A 261 9.29 -6.06 3.09
C LEU A 261 9.38 -6.02 1.55
N ASP A 262 9.51 -7.19 0.91
CA ASP A 262 9.49 -7.26 -0.58
C ASP A 262 8.17 -6.77 -1.15
N ALA A 263 7.11 -6.88 -0.35
CA ALA A 263 5.79 -6.47 -0.79
C ALA A 263 5.69 -4.95 -0.77
N HIS A 264 6.61 -4.30 -0.08
CA HIS A 264 6.70 -2.84 -0.08
C HIS A 264 8.00 -2.34 -0.71
N ARG A 265 8.77 -3.29 -1.27
CA ARG A 265 10.06 -3.03 -1.91
C ARG A 265 11.05 -2.39 -0.96
N LEU A 266 11.06 -2.90 0.27
CA LEU A 266 11.97 -2.41 1.30
C LEU A 266 12.95 -3.52 1.66
N THR A 267 14.16 -3.14 2.04
CA THR A 267 15.10 -4.05 2.66
C THR A 267 15.14 -3.71 4.14
N LYS A 268 15.84 -4.51 4.94
CA LYS A 268 15.96 -4.21 6.36
C LYS A 268 16.68 -2.88 6.61
N ASP A 269 17.44 -2.39 5.62
CA ASP A 269 18.17 -1.13 5.78
C ASP A 269 17.22 0.07 5.77
N ASP A 270 16.08 -0.11 5.09
CA ASP A 270 15.08 0.96 4.95
C ASP A 270 14.29 1.21 6.24
N ILE A 271 14.33 0.26 7.18
CA ILE A 271 13.61 0.44 8.44
C ILE A 271 14.33 1.42 9.34
N GLY A 272 13.71 2.58 9.56
CA GLY A 272 14.29 3.60 10.40
C GLY A 272 14.18 3.26 11.87
N ALA A 273 13.11 2.58 12.27
CA ALA A 273 12.97 2.16 13.67
C ALA A 273 12.34 0.77 13.79
N TRP A 274 13.01 -0.11 14.55
CA TRP A 274 12.46 -1.44 14.78
C TRP A 274 11.73 -1.45 16.11
N VAL A 275 10.48 -1.93 16.08
CA VAL A 275 9.68 -2.02 17.30
C VAL A 275 9.44 -3.51 17.60
N SER A 276 10.41 -4.11 18.27
CA SER A 276 10.44 -5.56 18.44
C SER A 276 9.90 -5.98 19.80
N HIS A 277 9.22 -7.12 19.79
CA HIS A 277 8.74 -7.69 21.04
C HIS A 277 9.90 -8.31 21.80
N PRO A 278 10.06 -7.91 23.07
CA PRO A 278 11.15 -8.36 23.95
C PRO A 278 10.83 -9.68 24.60
N GLY A 279 10.56 -10.73 23.82
CA GLY A 279 10.34 -12.06 24.37
C GLY A 279 11.28 -12.39 25.51
N GLY A 280 12.56 -12.32 25.21
CA GLY A 280 13.60 -12.67 26.16
C GLY A 280 14.92 -12.43 25.47
N PRO A 281 16.02 -12.43 26.23
CA PRO A 281 17.33 -12.09 25.63
C PRO A 281 17.68 -13.05 24.50
N LYS A 282 17.32 -14.32 24.67
CA LYS A 282 17.65 -15.32 23.67
C LYS A 282 16.85 -15.10 22.38
N VAL A 283 15.62 -14.61 22.53
CA VAL A 283 14.75 -14.25 21.40
C VAL A 283 15.19 -12.96 20.71
N ILE A 284 15.49 -11.92 21.50
CA ILE A 284 16.02 -10.68 20.94
C ILE A 284 17.36 -10.94 20.20
N ASP A 285 18.17 -11.86 20.71
CA ASP A 285 19.39 -12.26 20.02
C ASP A 285 19.06 -12.93 18.70
N ALA A 286 18.05 -13.80 18.73
CA ALA A 286 17.67 -14.55 17.54
C ALA A 286 17.07 -13.61 16.50
N VAL A 287 16.36 -12.58 16.93
CA VAL A 287 15.80 -11.61 15.98
C VAL A 287 16.91 -10.83 15.28
N ALA A 288 17.79 -10.23 16.09
CA ALA A 288 18.95 -9.49 15.58
C ALA A 288 19.84 -10.34 14.68
N THR A 289 20.06 -11.60 15.06
CA THR A 289 20.93 -12.48 14.26
C THR A 289 20.29 -12.87 12.93
N SER A 290 19.02 -13.23 12.96
CA SER A 290 18.30 -13.63 11.75
C SER A 290 18.07 -12.47 10.80
N LEU A 291 18.02 -11.26 11.33
CA LEU A 291 17.78 -10.10 10.48
C LEU A 291 19.06 -9.30 10.26
N ALA A 292 20.17 -9.81 10.79
CA ALA A 292 21.47 -9.14 10.73
C ALA A 292 21.39 -7.68 11.18
N LEU A 293 20.86 -7.47 12.38
CA LEU A 293 20.61 -6.12 12.87
C LEU A 293 21.71 -5.60 13.78
N PRO A 294 22.03 -4.30 13.64
CA PRO A 294 22.95 -3.66 14.59
C PRO A 294 22.33 -3.60 15.99
N PRO A 295 23.18 -3.54 17.02
CA PRO A 295 22.69 -3.55 18.40
C PRO A 295 21.90 -2.29 18.76
N GLU A 296 21.98 -1.27 17.92
CA GLU A 296 21.18 -0.06 18.16
C GLU A 296 19.71 -0.27 17.75
N ALA A 297 19.49 -1.17 16.79
CA ALA A 297 18.15 -1.42 16.25
C ALA A 297 17.18 -1.95 17.31
N LEU A 298 17.65 -2.85 18.16
CA LEU A 298 16.78 -3.43 19.20
C LEU A 298 17.04 -2.84 20.58
N GLU A 299 17.67 -1.67 20.64
CA GLU A 299 18.05 -1.10 21.93
C GLU A 299 16.82 -0.72 22.74
N LEU A 300 15.84 -0.10 22.10
CA LEU A 300 14.64 0.33 22.79
C LEU A 300 13.88 -0.88 23.38
N THR A 301 13.98 -2.02 22.72
CA THR A 301 13.26 -3.18 23.21
C THR A 301 14.07 -3.88 24.31
N TRP A 302 15.39 -3.88 24.16
CA TRP A 302 16.27 -4.37 25.23
C TRP A 302 16.01 -3.57 26.50
N ARG A 303 15.80 -2.27 26.33
CA ARG A 303 15.63 -1.33 27.44
C ARG A 303 14.29 -1.50 28.12
N SER A 304 13.26 -1.84 27.33
CA SER A 304 11.94 -2.08 27.91
C SER A 304 12.06 -3.34 28.75
N LEU A 305 12.55 -4.40 28.11
CA LEU A 305 12.82 -5.68 28.77
C LEU A 305 13.45 -5.47 30.14
N GLY A 306 14.59 -4.79 30.19
CA GLY A 306 15.28 -4.54 31.44
C GLY A 306 14.53 -3.69 32.46
N GLU A 307 13.69 -2.77 31.96
CA GLU A 307 13.00 -1.82 32.83
C GLU A 307 11.67 -2.34 33.38
N ILE A 308 10.98 -3.11 32.55
CA ILE A 308 9.57 -3.41 32.74
C ILE A 308 9.28 -4.92 32.58
N GLY A 309 10.24 -5.65 32.04
CA GLY A 309 10.07 -7.08 31.77
C GLY A 309 9.23 -7.32 30.53
N ASN A 310 8.92 -8.59 30.29
CA ASN A 310 8.05 -8.96 29.18
C ASN A 310 6.57 -8.78 29.61
N LEU A 311 5.85 -7.88 28.96
CA LEU A 311 4.46 -7.61 29.32
C LEU A 311 3.50 -8.33 28.36
N SER A 312 3.96 -9.42 27.76
CA SER A 312 3.20 -10.15 26.76
C SER A 312 2.81 -9.18 25.68
N SER A 313 1.57 -9.10 25.29
CA SER A 313 1.17 -8.19 24.20
C SER A 313 1.46 -6.71 24.48
N ALA A 314 1.49 -6.33 25.76
CA ALA A 314 1.61 -4.92 26.13
C ALA A 314 3.03 -4.38 25.95
N SER A 315 4.03 -5.26 25.89
CA SER A 315 5.41 -4.81 25.77
C SER A 315 5.70 -4.08 24.44
N ILE A 316 5.24 -4.65 23.33
CA ILE A 316 5.57 -4.03 22.06
C ILE A 316 4.91 -2.67 21.93
N LEU A 317 3.92 -2.40 22.79
CA LEU A 317 3.20 -1.13 22.74
C LEU A 317 3.90 -0.07 23.57
N HIS A 318 4.42 -0.47 24.74
CA HIS A 318 5.32 0.39 25.50
C HIS A 318 6.50 0.79 24.63
N ILE A 319 7.18 -0.21 24.05
CA ILE A 319 8.33 0.02 23.16
C ILE A 319 7.97 0.93 21.98
N LEU A 320 6.76 0.77 21.44
CA LEU A 320 6.30 1.66 20.38
C LEU A 320 6.21 3.10 20.89
N ARG A 321 5.72 3.27 22.13
CA ARG A 321 5.70 4.61 22.74
C ARG A 321 7.11 5.13 22.98
N ASP A 322 8.02 4.26 23.43
CA ASP A 322 9.42 4.64 23.62
C ASP A 322 10.02 5.12 22.29
N THR A 323 9.70 4.39 21.21
CA THR A 323 10.14 4.71 19.86
C THR A 323 9.64 6.07 19.39
N ILE A 324 8.34 6.32 19.56
CA ILE A 324 7.74 7.62 19.22
C ILE A 324 8.34 8.76 20.05
N GLU A 325 8.50 8.52 21.35
CA GLU A 325 9.26 9.41 22.23
C GLU A 325 10.63 9.77 21.60
N LYS A 326 11.50 8.78 21.39
CA LYS A 326 12.82 9.02 20.82
C LYS A 326 12.75 9.64 19.40
N ARG A 327 11.58 9.55 18.82
CA ARG A 327 11.30 10.18 17.56
C ARG A 327 12.23 9.75 16.48
N PRO A 328 11.81 8.77 15.71
CA PRO A 328 12.58 8.23 14.57
C PRO A 328 12.56 9.21 13.38
N PRO A 329 13.48 9.02 12.41
CA PRO A 329 13.57 9.94 11.26
C PRO A 329 12.22 10.15 10.60
N SER A 330 11.85 11.42 10.37
CA SER A 330 10.52 11.77 9.88
C SER A 330 10.19 11.16 8.52
N GLY A 331 9.33 10.15 8.51
CA GLY A 331 8.88 9.54 7.26
C GLY A 331 9.59 8.24 6.93
N SER A 332 10.40 7.74 7.87
CA SER A 332 11.12 6.50 7.64
C SER A 332 10.23 5.31 7.97
N ALA A 333 10.63 4.13 7.55
CA ALA A 333 9.85 2.94 7.80
C ALA A 333 10.00 2.54 9.25
N GLY A 334 8.90 2.08 9.84
CA GLY A 334 8.93 1.44 11.15
C GLY A 334 8.35 0.05 10.98
N LEU A 335 8.98 -0.93 11.63
CA LEU A 335 8.49 -2.29 11.57
C LEU A 335 8.23 -2.76 12.99
N MET A 336 6.97 -3.09 13.27
CA MET A 336 6.65 -3.77 14.51
C MET A 336 6.82 -5.25 14.27
N LEU A 337 7.48 -5.91 15.22
CA LEU A 337 7.80 -7.32 15.11
C LEU A 337 7.31 -8.03 16.35
N ALA A 338 6.43 -9.01 16.17
CA ALA A 338 5.93 -9.76 17.32
C ALA A 338 5.77 -11.24 17.00
N MET A 339 5.69 -12.02 18.06
CA MET A 339 5.52 -13.46 17.94
C MET A 339 4.61 -13.89 19.08
N GLY A 340 3.75 -14.86 18.82
CA GLY A 340 2.81 -15.31 19.82
C GLY A 340 2.39 -16.72 19.52
N PRO A 341 1.59 -17.31 20.42
CA PRO A 341 1.08 -18.67 20.31
C PRO A 341 0.47 -18.94 18.93
N GLY A 342 0.75 -20.11 18.36
CA GLY A 342 0.33 -20.37 16.99
C GLY A 342 0.99 -21.56 16.30
N PHE A 343 2.30 -21.53 16.11
CA PHE A 343 3.15 -20.36 16.39
C PHE A 343 3.06 -19.37 15.23
N CYS A 344 2.97 -18.08 15.54
CA CYS A 344 2.88 -17.11 14.48
C CYS A 344 3.76 -15.90 14.68
N THR A 345 3.85 -15.12 13.62
CA THR A 345 4.61 -13.90 13.59
C THR A 345 3.67 -12.83 13.07
N GLU A 346 3.78 -11.61 13.61
CA GLU A 346 3.12 -10.46 13.02
C GLU A 346 4.09 -9.34 12.81
N LEU A 347 4.07 -8.82 11.60
CA LEU A 347 4.87 -7.66 11.27
C LEU A 347 3.86 -6.58 10.99
N VAL A 348 4.08 -5.37 11.48
CA VAL A 348 3.24 -4.27 11.05
C VAL A 348 4.15 -3.19 10.53
N LEU A 349 3.85 -2.70 9.33
CA LEU A 349 4.68 -1.67 8.75
C LEU A 349 4.19 -0.29 9.19
N LEU A 350 5.10 0.52 9.73
CA LEU A 350 4.76 1.85 10.24
C LEU A 350 5.52 2.94 9.45
N ARG A 351 4.95 4.15 9.41
CA ARG A 351 5.70 5.29 8.90
C ARG A 351 5.76 6.34 9.98
N TRP A 352 6.97 6.74 10.36
CA TRP A 352 7.14 7.74 11.39
C TRP A 352 6.82 9.15 10.90
N ARG A 353 6.51 10.04 11.83
CA ARG A 353 6.19 11.43 11.46
C ARG A 353 7.29 12.42 11.85
N SER B 2 -20.66 -6.34 1.89
CA SER B 2 -20.34 -7.75 2.11
C SER B 2 -21.55 -8.67 1.98
N VAL B 3 -21.33 -9.89 1.48
CA VAL B 3 -22.40 -10.87 1.30
C VAL B 3 -21.98 -12.29 1.71
N ILE B 4 -22.87 -12.98 2.43
CA ILE B 4 -22.65 -14.35 2.86
C ILE B 4 -22.67 -15.29 1.66
N ALA B 5 -21.65 -16.13 1.54
CA ALA B 5 -21.53 -17.06 0.42
C ALA B 5 -21.82 -18.49 0.86
N GLY B 6 -21.77 -18.72 2.16
CA GLY B 6 -22.00 -20.05 2.70
C GLY B 6 -22.17 -20.06 4.20
N VAL B 7 -23.14 -20.83 4.68
CA VAL B 7 -23.36 -21.05 6.10
C VAL B 7 -23.38 -22.55 6.27
N PHE B 8 -23.04 -23.03 7.46
CA PHE B 8 -22.97 -24.46 7.69
C PHE B 8 -22.87 -24.69 9.17
N GLY B 9 -23.83 -25.45 9.70
CA GLY B 9 -23.81 -25.84 11.08
C GLY B 9 -23.29 -27.26 11.15
N ALA B 10 -22.55 -27.55 12.20
CA ALA B 10 -22.03 -28.88 12.37
C ALA B 10 -22.29 -29.25 13.81
N LEU B 11 -22.69 -30.50 14.02
CA LEU B 11 -22.96 -31.04 15.34
C LEU B 11 -22.24 -32.32 15.61
N PRO B 12 -21.97 -32.58 16.86
CA PRO B 12 -21.41 -33.90 17.17
C PRO B 12 -22.45 -34.96 16.86
N PRO B 13 -22.01 -36.16 16.46
CA PRO B 13 -22.96 -37.20 16.00
C PRO B 13 -23.89 -37.75 17.10
N HIS B 14 -23.48 -37.69 18.36
CA HIS B 14 -24.33 -38.16 19.46
C HIS B 14 -25.52 -37.22 19.65
N ARG B 15 -26.70 -37.61 19.17
CA ARG B 15 -27.92 -36.84 19.43
C ARG B 15 -28.77 -37.55 20.49
N TYR B 16 -29.12 -36.84 21.57
CA TYR B 16 -30.02 -37.42 22.58
C TYR B 16 -31.32 -36.64 22.73
N SER B 17 -32.41 -37.36 22.98
CA SER B 17 -33.67 -36.74 23.32
C SER B 17 -33.45 -35.87 24.53
N GLN B 18 -34.31 -34.88 24.71
CA GLN B 18 -34.33 -34.16 25.98
C GLN B 18 -34.64 -35.16 27.10
N SER B 19 -35.59 -36.06 26.84
CA SER B 19 -36.00 -37.07 27.82
C SER B 19 -34.83 -37.99 28.17
N GLU B 20 -34.15 -38.49 27.15
CA GLU B 20 -33.00 -39.37 27.39
C GLU B 20 -31.94 -38.62 28.19
N ILE B 21 -31.73 -37.34 27.86
CA ILE B 21 -30.75 -36.53 28.58
C ILE B 21 -31.16 -36.27 30.03
N THR B 22 -32.42 -35.89 30.25
CA THR B 22 -32.90 -35.68 31.61
C THR B 22 -32.91 -36.96 32.45
N ASP B 23 -33.35 -38.05 31.86
CA ASP B 23 -33.46 -39.31 32.57
C ASP B 23 -32.14 -39.78 33.03
N SER B 24 -31.15 -39.61 32.21
CA SER B 24 -29.79 -39.98 32.57
C SER B 24 -29.18 -38.94 33.51
N PHE B 25 -29.48 -37.67 33.25
CA PHE B 25 -28.85 -36.57 33.98
C PHE B 25 -29.25 -36.58 35.45
N VAL B 26 -30.52 -36.86 35.70
CA VAL B 26 -31.01 -36.96 37.07
C VAL B 26 -30.24 -38.03 37.84
N GLU B 27 -29.75 -39.04 37.13
CA GLU B 27 -29.00 -40.13 37.77
C GLU B 27 -27.50 -39.85 37.88
N PHE B 28 -27.08 -38.64 37.52
CA PHE B 28 -25.67 -38.24 37.65
C PHE B 28 -25.30 -37.97 39.09
N PRO B 29 -24.03 -38.19 39.45
CA PRO B 29 -23.55 -37.96 40.81
C PRO B 29 -23.91 -36.57 41.35
N GLY B 30 -24.55 -36.57 42.52
CA GLY B 30 -24.81 -35.33 43.23
C GLY B 30 -26.06 -34.62 42.74
N LEU B 31 -26.84 -35.30 41.90
CA LEU B 31 -27.97 -34.67 41.24
C LEU B 31 -29.35 -35.24 41.52
N LYS B 32 -29.44 -36.52 41.74
CA LYS B 32 -30.74 -37.19 42.00
C LYS B 32 -31.65 -36.42 42.96
N GLU B 33 -31.05 -35.79 43.97
CA GLU B 33 -31.83 -34.99 44.92
C GLU B 33 -32.60 -33.85 44.25
N HIS B 34 -32.06 -33.32 43.16
CA HIS B 34 -32.69 -32.18 42.46
C HIS B 34 -33.48 -32.61 41.22
N GLU B 35 -33.88 -33.89 41.18
CA GLU B 35 -34.67 -34.43 40.07
C GLU B 35 -35.89 -33.60 39.71
N GLU B 36 -36.65 -33.20 40.73
CA GLU B 36 -37.85 -32.41 40.52
C GLU B 36 -37.60 -31.15 39.70
N ILE B 37 -36.65 -30.33 40.16
CA ILE B 37 -36.39 -29.07 39.48
C ILE B 37 -35.71 -29.30 38.11
N ILE B 38 -34.90 -30.36 38.04
CA ILE B 38 -34.22 -30.69 36.81
C ILE B 38 -35.22 -31.12 35.74
N ARG B 39 -36.14 -31.97 36.09
CA ARG B 39 -37.18 -32.33 35.17
C ARG B 39 -38.01 -31.10 34.82
N ARG B 40 -38.38 -30.33 35.81
CA ARG B 40 -39.14 -29.09 35.59
C ARG B 40 -38.47 -28.25 34.54
N LEU B 41 -37.20 -27.95 34.83
CA LEU B 41 -36.37 -27.09 34.00
C LEU B 41 -36.12 -27.68 32.61
N HIS B 42 -35.82 -28.97 32.56
CA HIS B 42 -35.60 -29.61 31.24
C HIS B 42 -36.87 -29.63 30.39
N ALA B 43 -38.03 -29.80 31.03
CA ALA B 43 -39.30 -29.83 30.32
C ALA B 43 -39.70 -28.43 29.85
N ALA B 44 -39.47 -27.45 30.73
CA ALA B 44 -39.86 -26.07 30.46
C ALA B 44 -38.96 -25.41 29.41
N ALA B 45 -37.83 -26.06 29.11
CA ALA B 45 -36.79 -25.53 28.23
C ALA B 45 -37.20 -25.53 26.76
N LYS B 46 -38.23 -26.31 26.44
CA LYS B 46 -38.70 -26.44 25.07
C LYS B 46 -37.55 -26.82 24.13
N VAL B 47 -36.64 -27.63 24.64
CA VAL B 47 -35.58 -28.27 23.86
C VAL B 47 -35.97 -29.74 23.81
N ASN B 48 -36.06 -30.34 22.63
CA ASN B 48 -36.56 -31.71 22.53
C ASN B 48 -35.46 -32.72 22.39
N GLY B 49 -34.25 -32.22 22.12
CA GLY B 49 -33.09 -33.06 21.88
C GLY B 49 -31.86 -32.19 21.73
N ARG B 50 -30.69 -32.80 21.90
CA ARG B 50 -29.45 -32.03 21.82
C ARG B 50 -28.30 -32.92 21.38
N HIS B 51 -27.42 -32.37 20.56
CA HIS B 51 -26.21 -33.07 20.18
C HIS B 51 -25.14 -32.82 21.24
N LEU B 52 -24.50 -33.88 21.69
CA LEU B 52 -23.45 -33.79 22.70
C LEU B 52 -22.15 -34.28 22.10
N VAL B 53 -21.05 -33.70 22.55
CA VAL B 53 -19.76 -34.02 21.98
C VAL B 53 -19.18 -35.26 22.64
N LEU B 54 -19.67 -35.55 23.84
CA LEU B 54 -19.27 -36.74 24.58
C LEU B 54 -20.52 -37.63 24.69
N PRO B 55 -20.33 -38.97 24.70
CA PRO B 55 -21.47 -39.86 24.98
C PRO B 55 -22.08 -39.40 26.29
N LEU B 56 -23.40 -39.32 26.32
CA LEU B 56 -24.12 -38.82 27.48
C LEU B 56 -23.57 -39.37 28.79
N GLN B 57 -23.28 -40.68 28.83
CA GLN B 57 -22.92 -41.30 30.11
C GLN B 57 -21.46 -41.02 30.48
N GLN B 58 -20.73 -40.35 29.59
CA GLN B 58 -19.34 -40.00 29.90
C GLN B 58 -19.23 -38.76 30.81
N TYR B 59 -20.28 -37.94 30.85
CA TYR B 59 -20.22 -36.68 31.62
C TYR B 59 -19.93 -36.77 33.14
N PRO B 60 -20.51 -37.75 33.85
CA PRO B 60 -20.16 -37.89 35.28
C PRO B 60 -18.65 -37.97 35.50
N SER B 61 -17.91 -38.49 34.51
CA SER B 61 -16.44 -38.61 34.63
C SER B 61 -15.70 -37.30 34.27
N LEU B 62 -16.46 -36.33 33.73
CA LEU B 62 -15.88 -35.04 33.31
C LEU B 62 -16.00 -34.06 34.47
N THR B 63 -15.16 -34.26 35.49
CA THR B 63 -15.14 -33.38 36.66
C THR B 63 -13.95 -32.41 36.66
N ASP B 64 -12.93 -32.73 35.86
CA ASP B 64 -11.71 -31.93 35.81
C ASP B 64 -11.73 -30.92 34.66
N PHE B 65 -11.52 -29.64 34.99
CA PHE B 65 -11.52 -28.56 33.99
C PHE B 65 -10.37 -28.71 32.98
N GLY B 66 -9.26 -29.32 33.41
CA GLY B 66 -8.14 -29.57 32.52
C GLY B 66 -8.48 -30.55 31.41
N ASP B 67 -8.99 -31.72 31.80
CA ASP B 67 -9.50 -32.72 30.87
C ASP B 67 -10.53 -32.12 29.95
N ALA B 68 -11.49 -31.43 30.55
CA ALA B 68 -12.64 -30.88 29.80
C ALA B 68 -12.16 -29.91 28.75
N ASN B 69 -11.26 -29.01 29.15
CA ASN B 69 -10.79 -27.99 28.24
C ASN B 69 -9.87 -28.59 27.17
N GLU B 70 -9.25 -29.71 27.49
CA GLU B 70 -8.44 -30.43 26.51
C GLU B 70 -9.31 -31.09 25.46
N ILE B 71 -10.34 -31.79 25.93
CA ILE B 71 -11.32 -32.39 25.04
C ILE B 71 -11.95 -31.29 24.21
N PHE B 72 -12.24 -30.16 24.86
CA PHE B 72 -12.73 -29.00 24.12
C PHE B 72 -11.83 -28.67 22.95
N ILE B 73 -10.54 -28.47 23.20
CA ILE B 73 -9.62 -28.11 22.10
C ILE B 73 -9.59 -29.18 20.99
N GLU B 74 -9.51 -30.45 21.37
CA GLU B 74 -9.53 -31.52 20.37
C GLU B 74 -10.83 -31.51 19.57
N LYS B 75 -11.95 -31.42 20.29
CA LYS B 75 -13.26 -31.53 19.64
C LYS B 75 -13.67 -30.21 18.98
N ALA B 76 -13.36 -29.08 19.60
CA ALA B 76 -13.70 -27.77 18.99
C ALA B 76 -13.10 -27.60 17.61
N VAL B 77 -11.81 -27.92 17.45
CA VAL B 77 -11.18 -27.74 16.16
C VAL B 77 -11.81 -28.60 15.06
N ASP B 78 -12.03 -29.89 15.31
CA ASP B 78 -12.57 -30.72 14.23
C ASP B 78 -14.04 -30.47 13.96
N LEU B 79 -14.79 -30.08 14.98
CA LEU B 79 -16.15 -29.56 14.75
C LEU B 79 -16.06 -28.26 13.95
N GLY B 80 -15.10 -27.40 14.30
CA GLY B 80 -14.85 -26.15 13.60
C GLY B 80 -14.48 -26.35 12.15
N VAL B 81 -13.55 -27.26 11.87
CA VAL B 81 -13.12 -27.48 10.48
C VAL B 81 -14.20 -28.16 9.65
N GLU B 82 -14.94 -29.09 10.26
CA GLU B 82 -16.11 -29.67 9.59
C GLU B 82 -17.12 -28.59 9.22
N ALA B 83 -17.35 -27.66 10.15
CA ALA B 83 -18.25 -26.55 9.91
C ALA B 83 -17.69 -25.66 8.78
N LEU B 84 -16.44 -25.25 8.90
CA LEU B 84 -15.78 -24.40 7.91
C LEU B 84 -15.79 -25.02 6.52
N LEU B 85 -15.37 -26.27 6.42
CA LEU B 85 -15.35 -26.98 5.15
C LEU B 85 -16.73 -26.97 4.53
N GLY B 86 -17.73 -27.36 5.32
CA GLY B 86 -19.10 -27.36 4.85
C GLY B 86 -19.54 -26.01 4.30
N ALA B 87 -19.08 -24.94 4.92
CA ALA B 87 -19.44 -23.59 4.45
C ALA B 87 -18.57 -23.21 3.27
N LEU B 88 -17.32 -23.66 3.28
CA LEU B 88 -16.42 -23.46 2.14
C LEU B 88 -17.02 -24.08 0.88
N ASP B 89 -17.56 -25.29 1.03
CA ASP B 89 -18.15 -26.02 -0.09
C ASP B 89 -19.51 -25.46 -0.46
N ASP B 90 -20.19 -24.86 0.51
CA ASP B 90 -21.49 -24.25 0.24
C ASP B 90 -21.20 -23.02 -0.60
N ALA B 91 -20.05 -22.40 -0.33
CA ALA B 91 -19.64 -21.19 -1.05
C ALA B 91 -18.84 -21.59 -2.26
N ASN B 92 -18.69 -22.90 -2.44
CA ASN B 92 -17.85 -23.45 -3.49
C ASN B 92 -16.49 -22.76 -3.46
N LEU B 93 -15.97 -22.58 -2.25
CA LEU B 93 -14.63 -22.00 -2.06
C LEU B 93 -13.72 -23.02 -1.39
N ARG B 94 -12.44 -22.64 -1.27
CA ARG B 94 -11.42 -23.51 -0.69
C ARG B 94 -10.75 -22.80 0.49
N PRO B 95 -10.13 -23.58 1.40
CA PRO B 95 -9.40 -23.01 2.54
C PRO B 95 -8.37 -21.96 2.10
N SER B 96 -7.71 -22.17 0.97
CA SER B 96 -6.70 -21.23 0.50
C SER B 96 -7.34 -19.87 0.18
N ASP B 97 -8.61 -19.87 -0.14
CA ASP B 97 -9.30 -18.65 -0.49
C ASP B 97 -9.48 -17.71 0.70
N ILE B 98 -9.38 -18.25 1.91
CA ILE B 98 -9.64 -17.46 3.13
C ILE B 98 -8.53 -16.45 3.43
N ASP B 99 -8.93 -15.20 3.62
CA ASP B 99 -7.99 -14.10 3.91
C ASP B 99 -8.02 -13.73 5.39
N MET B 100 -9.13 -14.04 6.06
CA MET B 100 -9.23 -13.78 7.47
C MET B 100 -10.19 -14.77 8.12
N ILE B 101 -9.88 -15.16 9.36
CA ILE B 101 -10.72 -16.13 10.04
C ILE B 101 -11.06 -15.59 11.41
N ALA B 102 -12.34 -15.42 11.68
CA ALA B 102 -12.77 -15.04 13.02
C ALA B 102 -13.30 -16.30 13.67
N THR B 103 -12.98 -16.47 14.96
CA THR B 103 -13.30 -17.67 15.72
C THR B 103 -14.10 -17.20 16.92
N ALA B 104 -15.22 -17.84 17.21
CA ALA B 104 -16.03 -17.40 18.34
C ALA B 104 -16.33 -18.57 19.24
N THR B 105 -15.90 -18.44 20.49
CA THR B 105 -16.24 -19.44 21.49
C THR B 105 -16.26 -18.75 22.84
N VAL B 106 -17.04 -19.30 23.76
CA VAL B 106 -17.12 -18.73 25.10
C VAL B 106 -17.06 -19.90 26.06
N THR B 107 -16.86 -21.08 25.51
CA THR B 107 -17.11 -22.25 26.29
C THR B 107 -15.85 -23.11 26.37
N GLY B 108 -14.73 -22.50 25.98
CA GLY B 108 -13.43 -23.15 26.09
C GLY B 108 -12.27 -22.17 25.96
N VAL B 109 -11.16 -22.46 26.62
CA VAL B 109 -10.03 -21.53 26.57
C VAL B 109 -8.83 -22.13 25.84
N ALA B 110 -8.60 -21.63 24.62
CA ALA B 110 -7.55 -22.16 23.74
C ALA B 110 -6.49 -21.12 23.34
N VAL B 111 -5.25 -21.35 23.79
CA VAL B 111 -4.10 -20.54 23.43
C VAL B 111 -2.94 -21.51 23.14
N PRO B 112 -2.58 -21.72 21.85
CA PRO B 112 -3.07 -21.05 20.62
C PRO B 112 -4.58 -21.19 20.39
N SER B 113 -5.20 -20.12 19.88
CA SER B 113 -6.64 -20.04 19.67
C SER B 113 -7.18 -21.05 18.65
N LEU B 114 -8.49 -21.18 18.60
CA LEU B 114 -9.14 -22.07 17.65
C LEU B 114 -8.77 -21.72 16.21
N ASP B 115 -8.82 -20.42 15.88
CA ASP B 115 -8.49 -20.00 14.52
C ASP B 115 -7.11 -20.50 14.12
N ALA B 116 -6.13 -20.35 14.99
CA ALA B 116 -4.79 -20.88 14.70
C ALA B 116 -4.85 -22.36 14.35
N ARG B 117 -5.52 -23.15 15.19
CA ARG B 117 -5.55 -24.59 14.98
C ARG B 117 -6.35 -25.01 13.76
N ILE B 118 -7.54 -24.44 13.59
CA ILE B 118 -8.34 -24.65 12.39
C ILE B 118 -7.55 -24.28 11.14
N ALA B 119 -6.86 -23.14 11.18
CA ALA B 119 -6.06 -22.72 10.03
C ALA B 119 -4.93 -23.72 9.75
N GLY B 120 -4.35 -24.29 10.81
CA GLY B 120 -3.35 -25.34 10.66
C GLY B 120 -3.93 -26.56 9.95
N ARG B 121 -5.03 -27.08 10.50
CA ARG B 121 -5.73 -28.23 9.96
C ARG B 121 -6.08 -28.05 8.48
N LEU B 122 -6.72 -26.94 8.17
CA LEU B 122 -7.30 -26.76 6.85
C LEU B 122 -6.32 -26.15 5.84
N GLY B 123 -5.11 -25.86 6.27
CA GLY B 123 -4.09 -25.35 5.37
C GLY B 123 -4.36 -23.96 4.83
N LEU B 124 -4.94 -23.09 5.66
CA LEU B 124 -5.11 -21.70 5.30
C LEU B 124 -3.73 -21.09 5.03
N ARG B 125 -3.69 -20.06 4.19
CA ARG B 125 -2.45 -19.34 3.96
C ARG B 125 -1.89 -18.92 5.30
N PRO B 126 -0.57 -19.10 5.51
CA PRO B 126 0.09 -18.68 6.76
C PRO B 126 -0.19 -17.23 7.13
N ASP B 127 -0.52 -16.40 6.14
CA ASP B 127 -0.82 -15.00 6.40
C ASP B 127 -2.32 -14.71 6.48
N VAL B 128 -3.14 -15.71 6.77
CA VAL B 128 -4.55 -15.40 7.07
C VAL B 128 -4.58 -14.46 8.25
N ARG B 129 -5.46 -13.46 8.19
CA ARG B 129 -5.67 -12.59 9.35
C ARG B 129 -6.50 -13.32 10.39
N ARG B 130 -6.03 -13.32 11.63
CA ARG B 130 -6.70 -14.07 12.68
C ARG B 130 -7.41 -13.17 13.67
N MET B 131 -8.67 -13.48 13.97
CA MET B 131 -9.43 -12.73 14.97
C MET B 131 -10.10 -13.68 15.96
N PRO B 132 -9.40 -14.04 17.05
CA PRO B 132 -9.97 -14.93 18.07
C PRO B 132 -10.89 -14.21 19.04
N LEU B 133 -12.20 -14.27 18.82
CA LEU B 133 -13.19 -13.62 19.69
C LEU B 133 -13.60 -14.48 20.89
N PHE B 134 -13.27 -14.01 22.09
CA PHE B 134 -13.65 -14.75 23.28
C PHE B 134 -14.24 -13.81 24.32
N GLY B 135 -15.48 -14.09 24.72
CA GLY B 135 -16.12 -13.31 25.77
C GLY B 135 -17.27 -12.50 25.22
N LEU B 136 -17.65 -12.82 23.98
CA LEU B 136 -18.83 -12.24 23.38
C LEU B 136 -19.99 -13.15 23.73
N GLY B 137 -19.69 -14.43 23.90
CA GLY B 137 -20.69 -15.39 24.33
C GLY B 137 -21.74 -15.61 23.27
N CYS B 138 -23.00 -15.59 23.68
CA CYS B 138 -24.11 -15.92 22.79
C CYS B 138 -24.28 -14.87 21.70
N VAL B 139 -23.78 -13.66 21.98
CA VAL B 139 -23.85 -12.57 21.04
C VAL B 139 -22.88 -12.79 19.86
N ALA B 140 -21.93 -13.70 20.03
CA ALA B 140 -20.83 -13.84 19.05
C ALA B 140 -21.22 -14.30 17.64
N GLY B 141 -22.40 -14.91 17.48
CA GLY B 141 -22.84 -15.33 16.15
C GLY B 141 -23.26 -14.13 15.32
N ALA B 142 -24.12 -13.27 15.88
CA ALA B 142 -24.48 -12.01 15.21
C ALA B 142 -23.27 -11.10 15.13
N ALA B 143 -22.59 -10.91 16.26
CA ALA B 143 -21.41 -10.06 16.34
C ALA B 143 -20.28 -10.51 15.43
N GLY B 144 -20.06 -11.81 15.34
CA GLY B 144 -19.03 -12.33 14.45
C GLY B 144 -19.37 -11.98 13.01
N VAL B 145 -20.63 -12.17 12.63
CA VAL B 145 -21.09 -11.77 11.30
C VAL B 145 -20.88 -10.28 11.07
N ALA B 146 -21.17 -9.46 12.08
CA ALA B 146 -20.95 -8.01 11.97
C ALA B 146 -19.46 -7.69 11.77
N ARG B 147 -18.59 -8.43 12.48
CA ARG B 147 -17.16 -8.19 12.37
C ARG B 147 -16.62 -8.57 10.99
N LEU B 148 -17.25 -9.53 10.33
CA LEU B 148 -16.88 -9.90 8.95
C LEU B 148 -17.22 -8.77 7.98
N ARG B 149 -18.46 -8.26 8.08
CA ARG B 149 -18.82 -7.04 7.39
C ARG B 149 -17.74 -6.01 7.66
N ASP B 150 -17.52 -5.68 8.92
CA ASP B 150 -16.52 -4.65 9.28
C ASP B 150 -15.15 -4.86 8.63
N TYR B 151 -14.78 -6.11 8.42
CA TYR B 151 -13.53 -6.45 7.75
C TYR B 151 -13.67 -6.30 6.25
N LEU B 152 -14.67 -6.97 5.69
CA LEU B 152 -14.82 -6.98 4.24
C LEU B 152 -15.10 -5.59 3.71
N ARG B 153 -15.67 -4.73 4.56
CA ARG B 153 -15.98 -3.36 4.20
C ARG B 153 -14.75 -2.65 3.64
N GLY B 154 -13.58 -3.00 4.16
CA GLY B 154 -12.32 -2.46 3.69
C GLY B 154 -11.49 -3.44 2.89
N ALA B 155 -12.06 -4.60 2.58
CA ALA B 155 -11.34 -5.58 1.77
C ALA B 155 -12.28 -6.30 0.80
N PRO B 156 -12.70 -5.59 -0.27
CA PRO B 156 -13.76 -6.01 -1.23
C PRO B 156 -13.41 -7.27 -2.03
N ASP B 157 -12.15 -7.67 -2.02
CA ASP B 157 -11.71 -8.85 -2.77
C ASP B 157 -11.55 -10.05 -1.85
N ASP B 158 -11.79 -9.83 -0.56
CA ASP B 158 -11.43 -10.83 0.42
C ASP B 158 -12.55 -11.82 0.73
N VAL B 159 -12.12 -12.94 1.28
CA VAL B 159 -13.00 -13.94 1.84
C VAL B 159 -12.70 -13.90 3.32
N ALA B 160 -13.73 -13.66 4.13
CA ALA B 160 -13.57 -13.69 5.58
C ALA B 160 -14.53 -14.71 6.17
N VAL B 161 -14.01 -15.64 6.97
CA VAL B 161 -14.84 -16.65 7.60
C VAL B 161 -14.99 -16.44 9.11
N LEU B 162 -16.20 -16.72 9.62
CA LEU B 162 -16.47 -16.82 11.06
C LEU B 162 -16.74 -18.28 11.40
N VAL B 163 -15.99 -18.84 12.34
CA VAL B 163 -16.25 -20.19 12.83
C VAL B 163 -16.62 -20.11 14.29
N SER B 164 -17.87 -20.46 14.60
CA SER B 164 -18.29 -20.54 15.99
C SER B 164 -18.33 -22.01 16.40
N VAL B 165 -17.74 -22.31 17.55
CA VAL B 165 -17.85 -23.63 18.15
C VAL B 165 -18.23 -23.43 19.59
N GLU B 166 -19.28 -24.06 20.00
CA GLU B 166 -19.65 -24.01 21.38
C GLU B 166 -19.92 -25.39 21.90
N LEU B 167 -19.08 -25.82 22.78
CA LEU B 167 -19.18 -27.11 23.38
C LEU B 167 -19.60 -26.88 24.80
N CYS B 168 -20.83 -26.50 24.97
CA CYS B 168 -21.37 -26.18 26.30
C CYS B 168 -21.24 -27.36 27.28
N SER B 169 -21.44 -28.56 26.76
CA SER B 169 -21.40 -29.81 27.55
C SER B 169 -20.13 -29.91 28.34
N LEU B 170 -19.04 -29.44 27.74
CA LEU B 170 -17.71 -29.61 28.32
C LEU B 170 -17.43 -28.61 29.44
N THR B 171 -18.37 -27.72 29.72
CA THR B 171 -18.25 -26.92 30.94
C THR B 171 -18.80 -27.68 32.13
N TYR B 172 -19.21 -28.93 31.93
CA TYR B 172 -19.77 -29.77 33.01
C TYR B 172 -19.01 -29.74 34.36
N PRO B 173 -17.66 -29.76 34.34
CA PRO B 173 -16.90 -29.64 35.59
C PRO B 173 -17.35 -28.50 36.55
N ALA B 174 -17.92 -27.44 36.00
CA ALA B 174 -18.28 -26.28 36.80
C ALA B 174 -19.75 -26.31 37.21
N VAL B 175 -20.44 -27.33 36.75
CA VAL B 175 -21.87 -27.45 36.96
C VAL B 175 -22.17 -28.06 38.31
N LYS B 176 -22.98 -27.34 39.07
CA LYS B 176 -23.49 -27.80 40.34
C LYS B 176 -24.97 -27.63 40.38
N PRO B 177 -25.61 -28.43 41.34
CA PRO B 177 -27.07 -28.28 41.39
C PRO B 177 -27.61 -26.96 41.96
N THR B 178 -27.14 -25.87 41.43
CA THR B 178 -27.60 -24.53 41.76
C THR B 178 -28.55 -24.17 40.65
N VAL B 179 -29.57 -23.34 40.88
CA VAL B 179 -30.59 -23.23 39.83
C VAL B 179 -30.04 -22.68 38.50
N SER B 180 -29.15 -21.70 38.54
CA SER B 180 -28.61 -21.11 37.31
C SER B 180 -27.85 -22.13 36.45
N SER B 181 -27.01 -22.94 37.09
CA SER B 181 -26.29 -23.99 36.39
C SER B 181 -27.26 -25.03 35.81
N LEU B 182 -28.35 -25.29 36.54
CA LEU B 182 -29.36 -26.25 36.09
C LEU B 182 -30.21 -25.68 34.96
N VAL B 183 -30.44 -24.37 35.00
CA VAL B 183 -31.10 -23.71 33.89
C VAL B 183 -30.31 -24.01 32.63
N GLY B 184 -28.99 -23.75 32.70
CA GLY B 184 -28.10 -23.99 31.57
C GLY B 184 -28.03 -25.45 31.18
N THR B 185 -28.13 -26.32 32.18
CA THR B 185 -28.08 -27.75 31.95
C THR B 185 -29.32 -28.23 31.17
N ALA B 186 -30.36 -27.39 31.15
CA ALA B 186 -31.62 -27.71 30.47
C ALA B 186 -31.69 -27.24 29.02
N LEU B 187 -30.84 -26.27 28.69
CA LEU B 187 -30.96 -25.52 27.43
C LEU B 187 -29.79 -25.68 26.48
N PHE B 188 -28.58 -25.79 27.02
CA PHE B 188 -27.37 -25.71 26.19
C PHE B 188 -26.91 -27.05 25.63
N GLY B 189 -26.58 -27.06 24.34
CA GLY B 189 -26.11 -28.25 23.66
C GLY B 189 -24.84 -27.95 22.89
N ASP B 190 -24.25 -28.94 22.25
CA ASP B 190 -23.00 -28.71 21.53
C ASP B 190 -23.20 -28.59 20.03
N GLY B 191 -22.29 -27.86 19.39
CA GLY B 191 -22.41 -27.64 17.97
C GLY B 191 -21.50 -26.54 17.48
N ALA B 192 -21.16 -26.61 16.19
CA ALA B 192 -20.34 -25.56 15.58
C ALA B 192 -21.11 -25.03 14.39
N ALA B 193 -20.68 -23.88 13.89
CA ALA B 193 -21.21 -23.33 12.66
C ALA B 193 -20.19 -22.38 12.03
N ALA B 194 -20.20 -22.28 10.71
CA ALA B 194 -19.27 -21.40 10.01
C ALA B 194 -20.02 -20.50 9.07
N VAL B 195 -19.57 -19.26 8.95
CA VAL B 195 -20.07 -18.38 7.92
C VAL B 195 -18.93 -17.99 6.99
N VAL B 196 -19.05 -18.31 5.73
CA VAL B 196 -18.10 -17.78 4.76
C VAL B 196 -18.71 -16.51 4.16
N ALA B 197 -18.08 -15.38 4.44
CA ALA B 197 -18.53 -14.13 3.85
C ALA B 197 -17.50 -13.68 2.81
N VAL B 198 -17.88 -12.71 1.99
CA VAL B 198 -17.07 -12.37 0.83
C VAL B 198 -17.31 -10.91 0.52
N GLY B 199 -16.29 -10.23 0.04
CA GLY B 199 -16.39 -8.80 -0.26
C GLY B 199 -17.32 -8.54 -1.43
N ASP B 200 -17.73 -7.28 -1.61
CA ASP B 200 -18.65 -6.95 -2.70
C ASP B 200 -18.12 -7.26 -4.09
N ARG B 201 -16.82 -7.06 -4.30
CA ARG B 201 -16.19 -7.28 -5.60
C ARG B 201 -16.00 -8.77 -5.81
N ARG B 202 -15.58 -9.43 -4.74
CA ARG B 202 -15.34 -10.86 -4.76
C ARG B 202 -16.67 -11.59 -4.91
N ALA B 203 -17.76 -10.91 -4.54
CA ALA B 203 -19.10 -11.51 -4.56
C ALA B 203 -19.56 -12.03 -5.93
N GLU B 204 -19.41 -11.23 -6.98
CA GLU B 204 -19.86 -11.67 -8.29
C GLU B 204 -18.98 -12.80 -8.84
N GLN B 205 -17.69 -12.76 -8.53
CA GLN B 205 -16.77 -13.82 -8.95
C GLN B 205 -17.12 -15.22 -8.37
N VAL B 206 -17.55 -15.28 -7.11
CA VAL B 206 -17.88 -16.57 -6.47
C VAL B 206 -19.37 -16.94 -6.51
N ARG B 207 -20.16 -16.13 -7.22
CA ARG B 207 -21.61 -16.31 -7.34
C ARG B 207 -22.26 -16.41 -5.96
N ALA B 208 -21.86 -15.51 -5.05
CA ALA B 208 -22.22 -15.53 -3.63
C ALA B 208 -23.73 -15.59 -3.36
N GLY B 209 -24.17 -16.71 -2.80
CA GLY B 209 -25.58 -17.00 -2.61
C GLY B 209 -26.30 -16.35 -1.43
N GLY B 210 -25.82 -16.61 -0.22
CA GLY B 210 -26.47 -16.12 1.01
C GLY B 210 -26.70 -14.61 1.04
N PRO B 211 -27.23 -14.11 2.17
CA PRO B 211 -27.67 -12.71 2.24
C PRO B 211 -26.55 -11.67 2.28
N ASP B 212 -26.87 -10.45 1.87
CA ASP B 212 -25.94 -9.34 2.07
C ASP B 212 -25.98 -8.89 3.52
N ILE B 213 -24.81 -8.77 4.13
CA ILE B 213 -24.68 -8.22 5.48
C ILE B 213 -24.57 -6.71 5.34
N LEU B 214 -25.68 -6.03 5.60
CA LEU B 214 -25.76 -4.59 5.35
C LEU B 214 -25.16 -3.71 6.45
N ASP B 215 -25.53 -3.97 7.69
CA ASP B 215 -25.08 -3.12 8.79
C ASP B 215 -25.35 -3.83 10.11
N SER B 216 -24.69 -3.36 11.16
CA SER B 216 -24.94 -3.87 12.49
C SER B 216 -24.92 -2.72 13.47
N ARG B 217 -25.53 -2.95 14.64
CA ARG B 217 -25.45 -2.03 15.75
C ARG B 217 -25.33 -2.86 17.02
N SER B 218 -24.21 -2.70 17.70
CA SER B 218 -24.06 -3.30 19.01
C SER B 218 -24.83 -2.43 20.01
N SER B 219 -25.33 -3.03 21.08
CA SER B 219 -25.91 -2.24 22.15
C SER B 219 -25.53 -2.79 23.51
N LEU B 220 -24.55 -2.13 24.13
CA LEU B 220 -24.06 -2.45 25.45
C LEU B 220 -24.96 -1.76 26.48
N TYR B 221 -25.49 -2.55 27.41
CA TYR B 221 -26.34 -2.01 28.47
C TYR B 221 -25.50 -1.64 29.68
N PRO B 222 -25.70 -0.42 30.20
CA PRO B 222 -25.01 0.07 31.41
C PRO B 222 -25.25 -0.80 32.65
N ASP B 223 -24.21 -0.98 33.46
CA ASP B 223 -24.34 -1.56 34.80
C ASP B 223 -25.01 -2.93 34.75
N SER B 224 -24.55 -3.76 33.84
CA SER B 224 -25.19 -5.06 33.61
C SER B 224 -24.20 -6.21 33.40
N LEU B 225 -22.98 -6.07 33.95
CA LEU B 225 -21.97 -7.12 33.91
C LEU B 225 -22.51 -8.44 34.48
N HIS B 226 -23.29 -8.32 35.56
CA HIS B 226 -23.83 -9.43 36.36
C HIS B 226 -24.96 -10.23 35.69
N ILE B 227 -25.56 -9.67 34.64
CA ILE B 227 -26.71 -10.27 33.99
C ILE B 227 -26.33 -11.61 33.36
N MET B 228 -25.16 -11.67 32.74
CA MET B 228 -24.73 -12.82 31.97
C MET B 228 -23.21 -12.99 31.96
N GLY B 229 -22.77 -14.24 31.82
CA GLY B 229 -21.36 -14.54 31.68
C GLY B 229 -20.91 -15.77 32.45
N TRP B 230 -19.60 -15.86 32.65
CA TRP B 230 -19.01 -16.92 33.45
C TRP B 230 -18.49 -16.35 34.76
N ASP B 231 -18.55 -17.17 35.81
CA ASP B 231 -17.67 -16.99 36.94
C ASP B 231 -16.59 -18.06 36.75
N VAL B 232 -15.41 -17.62 36.36
CA VAL B 232 -14.34 -18.53 35.99
C VAL B 232 -13.60 -18.92 37.26
N GLY B 233 -13.27 -20.20 37.38
CA GLY B 233 -12.68 -20.74 38.61
C GLY B 233 -11.90 -22.02 38.36
N SER B 234 -11.46 -22.67 39.44
CA SER B 234 -10.66 -23.90 39.31
C SER B 234 -11.46 -25.02 38.68
N HIS B 235 -12.79 -25.00 38.88
CA HIS B 235 -13.68 -26.01 38.30
C HIS B 235 -14.18 -25.55 36.94
N GLY B 236 -13.66 -24.42 36.47
CA GLY B 236 -13.84 -24.02 35.09
C GLY B 236 -14.84 -22.92 34.86
N LEU B 237 -15.64 -23.09 33.82
CA LEU B 237 -16.58 -22.07 33.36
C LEU B 237 -17.99 -22.32 33.93
N ARG B 238 -18.34 -21.54 34.95
CA ARG B 238 -19.63 -21.64 35.63
C ARG B 238 -20.60 -20.57 35.12
N LEU B 239 -21.78 -20.98 34.68
CA LEU B 239 -22.77 -20.05 34.14
C LEU B 239 -23.27 -19.05 35.17
N ARG B 240 -23.15 -17.78 34.86
CA ARG B 240 -23.85 -16.75 35.59
C ARG B 240 -24.98 -16.33 34.69
N LEU B 241 -26.17 -16.21 35.23
CA LEU B 241 -27.35 -15.92 34.46
C LEU B 241 -28.41 -15.35 35.35
N SER B 242 -28.76 -14.11 35.15
CA SER B 242 -29.68 -13.45 36.02
C SER B 242 -31.12 -13.58 35.57
N PRO B 243 -32.03 -13.61 36.52
CA PRO B 243 -33.46 -13.55 36.16
C PRO B 243 -33.87 -12.15 35.65
N ASP B 244 -33.03 -11.15 35.93
CA ASP B 244 -33.30 -9.76 35.54
C ASP B 244 -33.28 -9.58 34.02
N LEU B 245 -32.59 -10.51 33.33
CA LEU B 245 -32.37 -10.46 31.88
C LEU B 245 -33.64 -10.25 31.04
N THR B 246 -34.67 -11.05 31.33
CA THR B 246 -35.96 -10.92 30.67
C THR B 246 -36.44 -9.46 30.73
N ASN B 247 -36.38 -8.88 31.92
CA ASN B 247 -36.90 -7.52 32.10
C ASN B 247 -36.05 -6.45 31.44
N LEU B 248 -34.79 -6.76 31.14
CA LEU B 248 -33.92 -5.87 30.35
C LEU B 248 -34.37 -5.86 28.89
N ILE B 249 -34.66 -7.03 28.36
CA ILE B 249 -35.21 -7.17 27.01
C ILE B 249 -36.48 -6.34 26.84
N GLU B 250 -37.51 -6.66 27.62
CA GLU B 250 -38.79 -5.93 27.57
C GLU B 250 -38.68 -4.42 27.76
N ARG B 251 -37.74 -3.98 28.59
CA ARG B 251 -37.52 -2.56 28.83
C ARG B 251 -36.84 -1.86 27.66
N TYR B 252 -35.87 -2.54 27.06
CA TYR B 252 -34.87 -1.86 26.23
C TYR B 252 -34.64 -2.42 24.83
N LEU B 253 -35.12 -3.62 24.53
CA LEU B 253 -34.79 -4.23 23.24
C LEU B 253 -35.50 -3.51 22.11
N ALA B 254 -36.78 -3.19 22.31
CA ALA B 254 -37.55 -2.46 21.31
C ALA B 254 -36.87 -1.14 20.95
N ASN B 255 -36.31 -0.49 21.96
CA ASN B 255 -35.50 0.73 21.78
C ASN B 255 -34.30 0.48 20.86
N ASP B 256 -33.54 -0.60 21.12
CA ASP B 256 -32.37 -0.95 20.28
C ASP B 256 -32.79 -1.28 18.86
N VAL B 257 -33.92 -1.97 18.77
CA VAL B 257 -34.35 -2.54 17.50
C VAL B 257 -34.91 -1.44 16.61
N THR B 258 -35.46 -0.39 17.23
CA THR B 258 -36.10 0.71 16.52
C THR B 258 -35.08 1.77 16.11
N THR B 259 -34.21 2.17 17.06
CA THR B 259 -33.12 3.11 16.75
C THR B 259 -32.24 2.60 15.60
N PHE B 260 -31.96 1.29 15.61
CA PHE B 260 -31.16 0.68 14.55
C PHE B 260 -31.94 0.65 13.24
N LEU B 261 -33.23 0.31 13.32
CA LEU B 261 -34.09 0.23 12.13
C LEU B 261 -34.47 1.59 11.58
N ASP B 262 -34.55 2.60 12.45
CA ASP B 262 -34.85 3.96 11.99
C ASP B 262 -33.69 4.46 11.15
N ALA B 263 -32.48 4.04 11.52
CA ALA B 263 -31.29 4.42 10.78
C ALA B 263 -31.35 3.92 9.33
N HIS B 264 -32.23 2.95 9.08
CA HIS B 264 -32.36 2.40 7.74
C HIS B 264 -33.72 2.62 7.09
N ARG B 265 -34.44 3.62 7.59
CA ARG B 265 -35.78 3.96 7.09
C ARG B 265 -36.64 2.71 7.08
N LEU B 266 -36.60 1.97 8.19
CA LEU B 266 -37.33 0.71 8.28
C LEU B 266 -38.22 0.64 9.52
N THR B 267 -39.09 -0.37 9.54
CA THR B 267 -39.98 -0.65 10.66
C THR B 267 -39.86 -2.13 11.03
N LYS B 268 -40.53 -2.53 12.12
CA LYS B 268 -40.65 -3.93 12.48
C LYS B 268 -41.25 -4.73 11.33
N ASP B 269 -42.29 -4.18 10.71
CA ASP B 269 -43.00 -4.93 9.67
C ASP B 269 -42.28 -5.01 8.34
N ASP B 270 -41.27 -4.17 8.16
CA ASP B 270 -40.49 -4.18 6.92
C ASP B 270 -39.40 -5.25 6.88
N ILE B 271 -39.37 -6.14 7.87
CA ILE B 271 -38.34 -7.17 7.87
C ILE B 271 -38.93 -8.57 7.54
N GLY B 272 -38.31 -9.25 6.58
CA GLY B 272 -38.89 -10.44 5.96
C GLY B 272 -38.63 -11.78 6.64
N ALA B 273 -37.56 -11.83 7.43
CA ALA B 273 -37.24 -13.01 8.22
C ALA B 273 -36.40 -12.58 9.40
N TRP B 274 -36.90 -12.86 10.60
CA TRP B 274 -36.14 -12.59 11.81
C TRP B 274 -35.19 -13.77 12.08
N VAL B 275 -33.96 -13.46 12.49
CA VAL B 275 -33.00 -14.49 12.86
C VAL B 275 -32.56 -14.26 14.31
N SER B 276 -33.23 -14.93 15.25
CA SER B 276 -33.07 -14.61 16.66
C SER B 276 -32.35 -15.70 17.41
N HIS B 277 -31.42 -15.29 18.28
CA HIS B 277 -30.81 -16.20 19.24
C HIS B 277 -31.84 -16.62 20.29
N PRO B 278 -31.83 -17.93 20.66
CA PRO B 278 -32.71 -18.45 21.72
C PRO B 278 -31.96 -18.57 23.05
N GLY B 279 -32.16 -17.64 23.97
CA GLY B 279 -31.61 -17.83 25.30
C GLY B 279 -32.30 -19.03 25.93
N GLY B 280 -33.60 -19.11 25.64
CA GLY B 280 -34.52 -20.09 26.20
C GLY B 280 -35.90 -19.52 25.95
N PRO B 281 -36.95 -20.23 26.37
CA PRO B 281 -38.32 -19.83 26.03
C PRO B 281 -38.73 -18.46 26.57
N LYS B 282 -38.37 -18.14 27.80
CA LYS B 282 -38.76 -16.86 28.40
C LYS B 282 -38.11 -15.73 27.63
N VAL B 283 -36.89 -15.98 27.20
CA VAL B 283 -36.14 -15.02 26.41
C VAL B 283 -36.83 -14.81 25.06
N ILE B 284 -37.12 -15.91 24.37
CA ILE B 284 -37.81 -15.86 23.08
C ILE B 284 -39.19 -15.15 23.19
N ASP B 285 -39.93 -15.45 24.27
CA ASP B 285 -41.20 -14.79 24.55
C ASP B 285 -40.99 -13.28 24.72
N ALA B 286 -40.00 -12.92 25.53
CA ALA B 286 -39.63 -11.52 25.79
C ALA B 286 -39.37 -10.67 24.54
N VAL B 287 -38.51 -11.14 23.64
CA VAL B 287 -38.23 -10.40 22.41
C VAL B 287 -39.44 -10.44 21.50
N ALA B 288 -40.15 -11.57 21.49
CA ALA B 288 -41.38 -11.66 20.73
C ALA B 288 -42.38 -10.62 21.25
N THR B 289 -42.52 -10.54 22.58
CA THR B 289 -43.46 -9.62 23.22
C THR B 289 -43.08 -8.14 23.07
N SER B 290 -41.81 -7.84 23.33
CA SER B 290 -41.35 -6.46 23.33
C SER B 290 -41.33 -5.89 21.91
N LEU B 291 -41.01 -6.73 20.94
CA LEU B 291 -40.99 -6.34 19.53
C LEU B 291 -42.36 -6.52 18.89
N ALA B 292 -43.35 -6.91 19.70
CA ALA B 292 -44.68 -7.29 19.22
C ALA B 292 -44.55 -8.17 17.98
N LEU B 293 -43.98 -9.35 18.16
CA LEU B 293 -43.74 -10.30 17.08
C LEU B 293 -44.85 -11.35 17.02
N PRO B 294 -45.36 -11.61 15.81
CA PRO B 294 -46.29 -12.72 15.56
C PRO B 294 -45.62 -14.07 15.86
N PRO B 295 -46.41 -15.14 16.03
CA PRO B 295 -45.84 -16.46 16.32
C PRO B 295 -44.85 -16.92 15.26
N GLU B 296 -45.17 -16.67 13.99
CA GLU B 296 -44.33 -17.15 12.89
C GLU B 296 -42.94 -16.54 12.84
N ALA B 297 -42.79 -15.32 13.37
CA ALA B 297 -41.54 -14.60 13.22
C ALA B 297 -40.34 -15.27 13.92
N LEU B 298 -40.57 -15.97 15.02
CA LEU B 298 -39.46 -16.59 15.74
C LEU B 298 -39.49 -18.11 15.65
N GLU B 299 -40.31 -18.62 14.74
CA GLU B 299 -40.59 -20.06 14.69
C GLU B 299 -39.33 -20.88 14.42
N LEU B 300 -38.49 -20.39 13.52
CA LEU B 300 -37.24 -21.08 13.24
C LEU B 300 -36.37 -21.19 14.48
N THR B 301 -36.23 -20.09 15.21
CA THR B 301 -35.38 -20.14 16.40
C THR B 301 -36.00 -21.02 17.47
N TRP B 302 -37.33 -21.04 17.56
CA TRP B 302 -38.00 -22.03 18.38
C TRP B 302 -37.76 -23.47 17.87
N ARG B 303 -37.86 -23.68 16.56
CA ARG B 303 -37.59 -24.98 16.00
C ARG B 303 -36.15 -25.39 16.29
N SER B 304 -35.21 -24.49 16.02
CA SER B 304 -33.79 -24.77 16.31
C SER B 304 -33.58 -25.07 17.80
N LEU B 305 -34.20 -24.26 18.67
CA LEU B 305 -34.19 -24.54 20.11
C LEU B 305 -34.54 -25.99 20.38
N GLY B 306 -35.71 -26.43 19.90
CA GLY B 306 -36.18 -27.80 20.10
C GLY B 306 -35.35 -28.91 19.47
N GLU B 307 -34.77 -28.65 18.30
CA GLU B 307 -33.94 -29.64 17.61
C GLU B 307 -32.54 -29.85 18.21
N ILE B 308 -31.86 -28.75 18.56
CA ILE B 308 -30.48 -28.88 19.02
C ILE B 308 -30.16 -28.08 20.29
N GLY B 309 -31.16 -27.41 20.84
CA GLY B 309 -30.96 -26.65 22.06
C GLY B 309 -30.26 -25.33 21.82
N ASN B 310 -29.85 -24.70 22.92
CA ASN B 310 -29.09 -23.47 22.85
C ASN B 310 -27.60 -23.75 22.62
N LEU B 311 -27.09 -23.43 21.42
CA LEU B 311 -25.69 -23.67 21.12
C LEU B 311 -24.87 -22.43 21.38
N SER B 312 -25.41 -21.48 22.09
CA SER B 312 -24.74 -20.22 22.30
C SER B 312 -24.48 -19.52 20.96
N SER B 313 -23.23 -19.18 20.68
CA SER B 313 -22.89 -18.43 19.45
C SER B 313 -23.39 -19.08 18.18
N ALA B 314 -23.28 -20.40 18.11
CA ALA B 314 -23.54 -21.11 16.88
C ALA B 314 -25.02 -21.24 16.61
N SER B 315 -25.84 -20.94 17.63
CA SER B 315 -27.28 -21.08 17.48
C SER B 315 -27.76 -20.20 16.37
N ILE B 316 -27.56 -18.89 16.52
CA ILE B 316 -28.05 -17.93 15.53
C ILE B 316 -27.52 -18.23 14.11
N LEU B 317 -26.38 -18.93 14.01
CA LEU B 317 -25.81 -19.31 12.70
C LEU B 317 -26.44 -20.61 12.18
N HIS B 318 -27.03 -21.39 13.08
CA HIS B 318 -27.80 -22.55 12.65
C HIS B 318 -29.15 -22.12 12.13
N ILE B 319 -29.81 -21.22 12.85
CA ILE B 319 -31.12 -20.78 12.40
C ILE B 319 -30.99 -19.82 11.21
N LEU B 320 -29.84 -19.17 11.08
CA LEU B 320 -29.52 -18.39 9.86
C LEU B 320 -29.40 -19.31 8.65
N ARG B 321 -28.64 -20.41 8.80
CA ARG B 321 -28.59 -21.47 7.81
C ARG B 321 -30.00 -22.07 7.53
N ASP B 322 -30.76 -22.30 8.60
CA ASP B 322 -32.14 -22.79 8.47
C ASP B 322 -33.06 -21.81 7.72
N THR B 323 -32.91 -20.51 8.00
CA THR B 323 -33.75 -19.50 7.38
C THR B 323 -33.32 -19.24 5.93
N ILE B 324 -32.05 -19.49 5.62
CA ILE B 324 -31.57 -19.37 4.25
C ILE B 324 -32.22 -20.45 3.39
N GLU B 325 -32.26 -21.68 3.90
CA GLU B 325 -32.94 -22.80 3.24
C GLU B 325 -34.44 -22.56 3.04
N LYS B 326 -35.01 -21.65 3.85
CA LYS B 326 -36.43 -21.32 3.77
C LYS B 326 -36.68 -20.44 2.56
N ARG B 327 -35.59 -19.88 2.05
CA ARG B 327 -35.59 -18.85 1.06
C ARG B 327 -36.73 -17.91 1.30
N PRO B 328 -36.42 -16.87 2.02
CA PRO B 328 -37.35 -15.79 2.34
C PRO B 328 -37.42 -14.82 1.16
N PRO B 329 -38.39 -13.89 1.14
CA PRO B 329 -38.56 -12.92 0.04
C PRO B 329 -37.26 -12.27 -0.42
N SER B 330 -37.02 -12.28 -1.73
CA SER B 330 -35.82 -11.68 -2.29
C SER B 330 -35.76 -10.18 -1.99
N GLY B 331 -34.55 -9.69 -1.69
CA GLY B 331 -34.35 -8.27 -1.42
C GLY B 331 -35.01 -7.79 -0.13
N SER B 332 -35.50 -8.74 0.67
CA SER B 332 -36.19 -8.41 1.90
C SER B 332 -35.19 -8.26 3.05
N ALA B 333 -35.52 -7.40 4.00
CA ALA B 333 -34.66 -7.21 5.17
C ALA B 333 -34.62 -8.47 6.05
N GLY B 334 -33.43 -8.85 6.47
CA GLY B 334 -33.28 -9.88 7.49
C GLY B 334 -32.72 -9.19 8.71
N LEU B 335 -33.09 -9.65 9.89
CA LEU B 335 -32.59 -9.00 11.09
C LEU B 335 -32.05 -10.02 12.07
N MET B 336 -30.72 -10.17 12.13
CA MET B 336 -30.13 -11.00 13.15
C MET B 336 -30.26 -10.27 14.48
N LEU B 337 -30.77 -10.94 15.50
CA LEU B 337 -30.71 -10.36 16.83
C LEU B 337 -30.14 -11.39 17.80
N ALA B 338 -29.08 -10.98 18.48
CA ALA B 338 -28.48 -11.85 19.48
C ALA B 338 -28.26 -11.03 20.74
N MET B 339 -27.85 -11.71 21.80
CA MET B 339 -27.55 -11.03 23.04
C MET B 339 -26.63 -11.92 23.84
N GLY B 340 -25.88 -11.31 24.75
CA GLY B 340 -25.00 -12.10 25.61
C GLY B 340 -24.31 -11.26 26.66
N PRO B 341 -23.21 -11.80 27.22
CA PRO B 341 -22.47 -11.16 28.32
C PRO B 341 -22.02 -9.73 27.98
N GLY B 342 -22.26 -8.82 28.91
CA GLY B 342 -22.06 -7.40 28.66
C GLY B 342 -22.70 -6.52 29.72
N PHE B 343 -24.03 -6.54 29.82
CA PHE B 343 -24.93 -7.29 28.93
C PHE B 343 -25.13 -6.50 27.65
N CYS B 344 -25.24 -7.21 26.53
CA CYS B 344 -25.42 -6.49 25.28
C CYS B 344 -26.30 -7.22 24.30
N THR B 345 -26.71 -6.49 23.28
CA THR B 345 -27.52 -7.06 22.23
C THR B 345 -26.82 -6.68 20.92
N GLU B 346 -27.05 -7.45 19.85
CA GLU B 346 -26.39 -7.18 18.58
C GLU B 346 -27.37 -7.40 17.43
N LEU B 347 -27.68 -6.33 16.72
CA LEU B 347 -28.56 -6.40 15.56
C LEU B 347 -27.70 -6.40 14.35
N VAL B 348 -28.01 -7.28 13.41
CA VAL B 348 -27.30 -7.32 12.14
C VAL B 348 -28.34 -7.23 11.02
N LEU B 349 -28.22 -6.21 10.18
CA LEU B 349 -29.16 -6.03 9.07
C LEU B 349 -28.76 -6.90 7.89
N LEU B 350 -29.66 -7.78 7.47
CA LEU B 350 -29.38 -8.68 6.37
C LEU B 350 -30.30 -8.35 5.22
N ARG B 351 -29.85 -8.73 4.03
CA ARG B 351 -30.64 -8.66 2.83
C ARG B 351 -30.53 -9.93 2.08
N TRP B 352 -31.65 -10.55 1.81
CA TRP B 352 -31.69 -11.89 1.29
C TRP B 352 -31.71 -11.84 -0.21
N ARG B 353 -31.43 -12.95 -0.87
CA ARG B 353 -31.51 -12.99 -2.31
C ARG B 353 -32.86 -13.49 -2.80
N SER C 2 18.94 -1.35 -6.32
CA SER C 2 19.59 -1.37 -7.62
C SER C 2 21.09 -1.13 -7.45
N VAL C 3 21.93 -1.72 -8.30
CA VAL C 3 23.35 -1.37 -8.26
C VAL C 3 23.95 -1.00 -9.64
N ILE C 4 24.99 -0.16 -9.63
CA ILE C 4 25.57 0.30 -10.89
C ILE C 4 26.64 -0.66 -11.37
N ALA C 5 26.52 -1.08 -12.63
CA ALA C 5 27.44 -2.05 -13.19
C ALA C 5 28.49 -1.41 -14.08
N GLY C 6 28.19 -0.23 -14.61
CA GLY C 6 29.11 0.48 -15.48
C GLY C 6 28.75 1.94 -15.70
N VAL C 7 29.74 2.80 -15.64
CA VAL C 7 29.55 4.22 -15.98
C VAL C 7 30.61 4.63 -16.99
N PHE C 8 30.17 5.18 -18.12
CA PHE C 8 31.10 5.48 -19.21
C PHE C 8 30.78 6.84 -19.79
N GLY C 9 31.83 7.58 -20.10
CA GLY C 9 31.66 8.87 -20.71
C GLY C 9 32.13 8.82 -22.15
N ALA C 10 31.50 9.60 -23.00
CA ALA C 10 31.98 9.71 -24.36
C ALA C 10 31.95 11.18 -24.69
N LEU C 11 32.92 11.63 -25.46
CA LEU C 11 33.06 13.01 -25.90
C LEU C 11 33.37 13.06 -27.35
N PRO C 12 32.94 14.07 -28.05
CA PRO C 12 33.31 14.14 -29.47
C PRO C 12 34.81 14.30 -29.58
N PRO C 13 35.41 13.87 -30.70
CA PRO C 13 36.88 13.95 -30.82
C PRO C 13 37.46 15.36 -30.78
N HIS C 14 36.74 16.36 -31.31
CA HIS C 14 37.27 17.74 -31.32
C HIS C 14 37.45 18.34 -29.94
N ARG C 15 38.69 18.36 -29.47
CA ARG C 15 39.06 18.94 -28.19
C ARG C 15 39.67 20.32 -28.46
N TYR C 16 39.10 21.38 -27.89
CA TYR C 16 39.70 22.72 -27.97
C TYR C 16 40.03 23.32 -26.61
N SER C 17 41.11 24.10 -26.57
CA SER C 17 41.48 24.86 -25.40
C SER C 17 40.41 25.91 -25.13
N GLN C 18 40.22 26.29 -23.87
CA GLN C 18 39.32 27.42 -23.60
C GLN C 18 39.83 28.68 -24.31
N SER C 19 41.14 28.86 -24.34
CA SER C 19 41.73 30.00 -25.04
C SER C 19 41.46 29.98 -26.53
N GLU C 20 41.53 28.79 -27.13
CA GLU C 20 41.31 28.64 -28.57
C GLU C 20 39.83 28.89 -28.85
N ILE C 21 38.98 28.40 -27.95
CA ILE C 21 37.56 28.65 -28.07
C ILE C 21 37.26 30.14 -27.99
N THR C 22 37.83 30.81 -26.99
CA THR C 22 37.51 32.20 -26.73
C THR C 22 38.06 33.10 -27.80
N ASP C 23 39.29 32.83 -28.23
CA ASP C 23 39.90 33.59 -29.31
C ASP C 23 39.14 33.46 -30.62
N SER C 24 38.58 32.28 -30.87
CA SER C 24 37.80 32.09 -32.06
C SER C 24 36.43 32.74 -31.89
N PHE C 25 35.77 32.41 -30.78
CA PHE C 25 34.40 32.89 -30.49
C PHE C 25 34.32 34.42 -30.57
N VAL C 26 35.32 35.06 -29.98
CA VAL C 26 35.40 36.50 -29.96
C VAL C 26 35.35 37.12 -31.36
N GLU C 27 35.84 36.39 -32.38
CA GLU C 27 35.79 36.88 -33.76
C GLU C 27 34.52 36.44 -34.51
N PHE C 28 33.72 35.57 -33.91
CA PHE C 28 32.49 35.08 -34.56
C PHE C 28 31.57 36.24 -34.93
N PRO C 29 30.79 36.11 -36.02
CA PRO C 29 29.85 37.14 -36.42
C PRO C 29 29.05 37.65 -35.24
N GLY C 30 29.22 38.91 -34.89
CA GLY C 30 28.32 39.56 -33.96
C GLY C 30 28.78 39.64 -32.53
N LEU C 31 30.00 39.21 -32.28
CA LEU C 31 30.53 39.10 -30.95
C LEU C 31 31.72 39.98 -30.62
N LYS C 32 32.38 40.45 -31.64
CA LYS C 32 33.62 41.20 -31.48
C LYS C 32 33.39 42.37 -30.54
N GLU C 33 32.24 43.01 -30.67
CA GLU C 33 31.93 44.14 -29.80
C GLU C 33 31.87 43.71 -28.35
N HIS C 34 31.71 42.41 -28.12
CA HIS C 34 31.55 41.95 -26.74
C HIS C 34 32.76 41.20 -26.27
N GLU C 35 33.90 41.55 -26.83
CA GLU C 35 35.13 40.81 -26.57
C GLU C 35 35.46 40.79 -25.10
N GLU C 36 35.36 41.95 -24.45
CA GLU C 36 35.75 42.08 -23.03
C GLU C 36 35.00 41.15 -22.07
N ILE C 37 33.66 41.16 -22.12
CA ILE C 37 32.87 40.29 -21.25
C ILE C 37 33.12 38.85 -21.61
N ILE C 38 33.19 38.57 -22.91
CA ILE C 38 33.34 37.20 -23.38
C ILE C 38 34.63 36.65 -22.80
N ARG C 39 35.74 37.35 -23.07
CA ARG C 39 37.03 36.97 -22.49
C ARG C 39 36.95 36.87 -20.98
N ARG C 40 36.36 37.89 -20.35
CA ARG C 40 36.12 37.84 -18.90
C ARG C 40 35.30 36.63 -18.45
N LEU C 41 34.10 36.44 -19.02
CA LEU C 41 33.28 35.31 -18.62
C LEU C 41 33.99 33.98 -18.91
N HIS C 42 34.68 33.92 -20.04
CA HIS C 42 35.34 32.66 -20.41
C HIS C 42 36.51 32.34 -19.51
N ALA C 43 37.26 33.38 -19.15
CA ALA C 43 38.38 33.25 -18.25
C ALA C 43 37.89 32.77 -16.88
N ALA C 44 36.71 33.22 -16.48
CA ALA C 44 36.23 33.01 -15.10
C ALA C 44 35.60 31.64 -14.92
N ALA C 45 35.22 31.04 -16.05
CA ALA C 45 34.48 29.79 -16.03
C ALA C 45 35.28 28.67 -15.38
N LYS C 46 36.60 28.86 -15.24
CA LYS C 46 37.46 27.77 -14.76
C LYS C 46 37.21 26.49 -15.59
N VAL C 47 37.06 26.70 -16.91
CA VAL C 47 36.99 25.62 -17.88
C VAL C 47 38.23 25.82 -18.73
N ASN C 48 39.07 24.79 -18.85
CA ASN C 48 40.32 24.97 -19.59
C ASN C 48 40.27 24.38 -20.95
N GLY C 49 39.25 23.58 -21.22
CA GLY C 49 39.08 23.00 -22.53
C GLY C 49 37.70 22.39 -22.63
N ARG C 50 37.17 22.31 -23.84
CA ARG C 50 35.90 21.62 -24.06
C ARG C 50 35.97 20.87 -25.36
N HIS C 51 35.20 19.79 -25.45
CA HIS C 51 35.08 19.00 -26.68
C HIS C 51 33.84 19.46 -27.41
N LEU C 52 33.97 19.72 -28.71
CA LEU C 52 32.85 20.19 -29.48
C LEU C 52 32.54 19.16 -30.58
N VAL C 53 31.25 19.00 -30.86
CA VAL C 53 30.79 17.97 -31.77
C VAL C 53 31.08 18.38 -33.21
N LEU C 54 31.29 19.68 -33.40
CA LEU C 54 31.49 20.28 -34.72
C LEU C 54 32.82 20.98 -34.62
N PRO C 55 33.56 21.02 -35.73
CA PRO C 55 34.81 21.77 -35.67
C PRO C 55 34.52 23.19 -35.20
N LEU C 56 35.36 23.72 -34.32
CA LEU C 56 35.17 25.06 -33.77
C LEU C 56 34.72 26.14 -34.77
N GLN C 57 35.33 26.18 -35.95
CA GLN C 57 35.12 27.30 -36.86
C GLN C 57 33.86 27.09 -37.67
N GLN C 58 33.18 25.98 -37.41
CA GLN C 58 31.93 25.72 -38.11
C GLN C 58 30.76 26.38 -37.40
N TYR C 59 30.90 26.63 -36.11
CA TYR C 59 29.81 27.28 -35.38
C TYR C 59 29.23 28.56 -35.97
N PRO C 60 30.08 29.45 -36.54
CA PRO C 60 29.43 30.66 -37.08
C PRO C 60 28.34 30.34 -38.09
N SER C 61 28.47 29.23 -38.83
CA SER C 61 27.50 28.86 -39.85
C SER C 61 26.24 28.16 -39.30
N LEU C 62 26.27 27.80 -38.02
CA LEU C 62 25.17 27.05 -37.43
C LEU C 62 24.18 28.09 -36.92
N THR C 63 23.52 28.79 -37.84
CA THR C 63 22.59 29.81 -37.43
C THR C 63 21.17 29.29 -37.53
N ASP C 64 21.01 28.08 -38.07
CA ASP C 64 19.67 27.52 -38.24
C ASP C 64 19.37 26.37 -37.27
N PHE C 65 18.29 26.52 -36.51
CA PHE C 65 17.87 25.55 -35.52
C PHE C 65 17.56 24.20 -36.15
N GLY C 66 16.98 24.21 -37.35
CA GLY C 66 16.67 22.96 -38.01
C GLY C 66 17.95 22.20 -38.33
N ASP C 67 18.94 22.91 -38.83
CA ASP C 67 20.22 22.30 -39.16
C ASP C 67 20.87 21.79 -37.90
N ALA C 68 20.88 22.64 -36.86
CA ALA C 68 21.50 22.30 -35.59
C ALA C 68 20.84 21.08 -34.98
N ASN C 69 19.51 21.11 -34.85
CA ASN C 69 18.76 19.94 -34.35
C ASN C 69 18.94 18.65 -35.21
N GLU C 70 19.02 18.80 -36.52
CA GLU C 70 19.34 17.66 -37.39
C GLU C 70 20.71 17.11 -37.04
N ILE C 71 21.71 18.00 -36.99
CA ILE C 71 23.04 17.59 -36.56
C ILE C 71 22.96 17.04 -35.14
N PHE C 72 22.14 17.64 -34.28
CA PHE C 72 21.99 17.09 -32.95
C PHE C 72 21.61 15.62 -32.99
N ILE C 73 20.56 15.26 -33.73
CA ILE C 73 20.11 13.88 -33.65
C ILE C 73 21.09 12.90 -34.30
N GLU C 74 21.78 13.29 -35.36
CA GLU C 74 22.82 12.46 -35.97
C GLU C 74 23.93 12.17 -34.97
N LYS C 75 24.51 13.24 -34.43
CA LYS C 75 25.60 13.17 -33.45
C LYS C 75 25.20 12.63 -32.08
N ALA C 76 23.99 12.96 -31.61
CA ALA C 76 23.57 12.51 -30.28
C ALA C 76 23.46 11.02 -30.21
N VAL C 77 23.00 10.39 -31.29
CA VAL C 77 22.91 8.94 -31.27
C VAL C 77 24.29 8.31 -31.34
N ASP C 78 25.15 8.79 -32.25
CA ASP C 78 26.51 8.25 -32.36
C ASP C 78 27.16 8.21 -31.00
N LEU C 79 27.10 9.36 -30.33
CA LEU C 79 27.68 9.57 -29.02
C LEU C 79 26.99 8.77 -27.92
N GLY C 80 25.68 8.59 -28.06
CA GLY C 80 24.89 7.84 -27.11
C GLY C 80 25.14 6.34 -27.26
N VAL C 81 25.24 5.86 -28.50
CA VAL C 81 25.65 4.46 -28.65
C VAL C 81 27.11 4.28 -28.19
N GLU C 82 28.02 5.17 -28.61
CA GLU C 82 29.39 5.13 -28.03
C GLU C 82 29.38 5.04 -26.49
N ALA C 83 28.78 6.02 -25.83
CA ALA C 83 28.67 5.98 -24.37
C ALA C 83 28.03 4.69 -23.82
N LEU C 84 26.88 4.28 -24.37
CA LEU C 84 26.20 3.06 -23.91
C LEU C 84 27.05 1.80 -24.14
N LEU C 85 27.66 1.67 -25.31
CA LEU C 85 28.54 0.53 -25.58
C LEU C 85 29.62 0.43 -24.50
N GLY C 86 30.28 1.54 -24.22
CA GLY C 86 31.33 1.59 -23.22
C GLY C 86 30.88 1.27 -21.80
N ALA C 87 29.65 1.64 -21.48
CA ALA C 87 29.09 1.36 -20.15
C ALA C 87 28.81 -0.12 -20.05
N LEU C 88 28.34 -0.69 -21.16
CA LEU C 88 28.06 -2.11 -21.28
C LEU C 88 29.34 -2.93 -21.09
N ASP C 89 30.39 -2.57 -21.84
CA ASP C 89 31.73 -3.15 -21.69
C ASP C 89 32.25 -3.07 -20.25
N ASP C 90 32.24 -1.85 -19.67
CA ASP C 90 32.52 -1.66 -18.24
C ASP C 90 31.66 -2.63 -17.39
N ALA C 91 30.40 -2.83 -17.79
CA ALA C 91 29.45 -3.67 -17.06
C ALA C 91 29.57 -5.14 -17.42
N ASN C 92 30.38 -5.42 -18.44
CA ASN C 92 30.52 -6.76 -18.99
C ASN C 92 29.19 -7.34 -19.48
N LEU C 93 28.36 -6.47 -20.07
CA LEU C 93 27.04 -6.83 -20.55
C LEU C 93 26.82 -6.49 -22.02
N ARG C 94 25.70 -6.96 -22.56
CA ARG C 94 25.45 -6.86 -23.98
C ARG C 94 24.22 -6.01 -24.20
N PRO C 95 24.10 -5.41 -25.39
CA PRO C 95 22.87 -4.69 -25.74
C PRO C 95 21.60 -5.50 -25.44
N SER C 96 21.62 -6.79 -25.75
CA SER C 96 20.44 -7.65 -25.57
C SER C 96 20.00 -7.81 -24.12
N ASP C 97 20.89 -7.56 -23.17
CA ASP C 97 20.57 -7.72 -21.75
C ASP C 97 19.76 -6.54 -21.21
N ILE C 98 19.71 -5.45 -21.99
CA ILE C 98 19.01 -4.23 -21.57
C ILE C 98 17.50 -4.37 -21.66
N ASP C 99 16.82 -4.00 -20.57
CA ASP C 99 15.38 -4.14 -20.43
C ASP C 99 14.70 -2.78 -20.40
N MET C 100 15.46 -1.75 -20.05
CA MET C 100 14.89 -0.42 -19.92
C MET C 100 15.99 0.58 -20.23
N ILE C 101 15.71 1.47 -21.18
CA ILE C 101 16.66 2.51 -21.56
C ILE C 101 16.05 3.87 -21.24
N ALA C 102 16.72 4.61 -20.35
CA ALA C 102 16.30 5.96 -20.07
C ALA C 102 17.24 6.83 -20.83
N THR C 103 16.69 7.82 -21.52
CA THR C 103 17.47 8.74 -22.32
C THR C 103 17.26 10.11 -21.68
N ALA C 104 18.31 10.92 -21.57
CA ALA C 104 18.17 12.25 -21.00
C ALA C 104 18.90 13.22 -21.90
N THR C 105 18.24 14.30 -22.28
CA THR C 105 18.88 15.31 -23.10
C THR C 105 18.12 16.61 -22.87
N VAL C 106 18.81 17.75 -22.92
CA VAL C 106 18.06 18.97 -22.87
C VAL C 106 18.43 19.87 -24.04
N THR C 107 19.38 19.43 -24.86
CA THR C 107 19.96 20.33 -25.86
C THR C 107 19.53 19.95 -27.27
N GLY C 108 18.45 19.19 -27.40
CA GLY C 108 17.99 18.79 -28.72
C GLY C 108 16.63 18.15 -28.69
N VAL C 109 15.87 18.26 -29.77
CA VAL C 109 14.56 17.63 -29.76
C VAL C 109 14.37 16.58 -30.84
N ALA C 110 14.06 15.37 -30.37
CA ALA C 110 14.14 14.18 -31.18
C ALA C 110 12.86 13.40 -31.01
N VAL C 111 12.05 13.35 -32.07
CA VAL C 111 10.95 12.40 -32.13
C VAL C 111 11.02 11.73 -33.51
N PRO C 112 11.27 10.41 -33.55
CA PRO C 112 11.43 9.44 -32.47
C PRO C 112 12.57 9.81 -31.53
N SER C 113 12.42 9.48 -30.25
CA SER C 113 13.36 9.95 -29.24
C SER C 113 14.71 9.28 -29.40
N LEU C 114 15.68 9.78 -28.66
CA LEU C 114 17.04 9.26 -28.67
C LEU C 114 17.08 7.79 -28.27
N ASP C 115 16.31 7.39 -27.27
CA ASP C 115 16.33 6.00 -26.86
C ASP C 115 15.79 5.09 -27.95
N ALA C 116 14.84 5.57 -28.74
CA ALA C 116 14.37 4.72 -29.85
C ALA C 116 15.52 4.49 -30.83
N ARG C 117 16.21 5.57 -31.18
CA ARG C 117 17.25 5.49 -32.20
C ARG C 117 18.44 4.69 -31.70
N ILE C 118 18.86 4.93 -30.47
CA ILE C 118 20.05 4.20 -30.04
C ILE C 118 19.70 2.72 -29.80
N ALA C 119 18.44 2.44 -29.46
CA ALA C 119 18.03 1.03 -29.33
C ALA C 119 18.00 0.31 -30.68
N GLY C 120 17.73 1.05 -31.76
CA GLY C 120 17.76 0.48 -33.09
C GLY C 120 19.20 0.24 -33.52
N ARG C 121 20.10 1.12 -33.08
CA ARG C 121 21.52 1.03 -33.44
C ARG C 121 22.22 -0.13 -32.73
N LEU C 122 21.93 -0.32 -31.44
CA LEU C 122 22.53 -1.41 -30.67
C LEU C 122 21.78 -2.73 -30.82
N GLY C 123 20.62 -2.69 -31.44
CA GLY C 123 19.84 -3.91 -31.61
C GLY C 123 19.30 -4.36 -30.28
N LEU C 124 18.76 -3.42 -29.51
CA LEU C 124 18.14 -3.79 -28.24
C LEU C 124 16.90 -4.63 -28.54
N ARG C 125 16.52 -5.48 -27.59
CA ARG C 125 15.33 -6.29 -27.78
C ARG C 125 14.15 -5.36 -27.99
N PRO C 126 13.27 -5.70 -28.95
CA PRO C 126 12.15 -4.85 -29.37
C PRO C 126 11.26 -4.40 -28.22
N ASP C 127 11.20 -5.20 -27.16
CA ASP C 127 10.40 -4.82 -26.00
C ASP C 127 11.16 -4.06 -24.90
N VAL C 128 12.33 -3.49 -25.21
CA VAL C 128 13.03 -2.66 -24.22
C VAL C 128 12.04 -1.64 -23.73
N ARG C 129 12.11 -1.28 -22.46
CA ARG C 129 11.24 -0.21 -21.98
C ARG C 129 11.94 1.13 -22.16
N ARG C 130 11.27 2.05 -22.85
CA ARG C 130 11.91 3.33 -23.15
C ARG C 130 11.43 4.43 -22.21
N MET C 131 12.36 5.27 -21.77
CA MET C 131 12.04 6.43 -20.94
C MET C 131 12.82 7.65 -21.41
N PRO C 132 12.30 8.36 -22.42
CA PRO C 132 12.96 9.57 -22.88
C PRO C 132 12.68 10.76 -21.95
N LEU C 133 13.67 11.10 -21.15
CA LEU C 133 13.51 12.19 -20.22
C LEU C 133 13.96 13.44 -20.94
N PHE C 134 13.02 14.29 -21.29
CA PHE C 134 13.38 15.58 -21.82
C PHE C 134 12.88 16.68 -20.90
N GLY C 135 13.77 17.62 -20.59
CA GLY C 135 13.36 18.82 -19.87
C GLY C 135 13.84 18.90 -18.43
N LEU C 136 14.59 17.89 -18.00
CA LEU C 136 15.12 17.91 -16.67
C LEU C 136 16.38 18.74 -16.65
N GLY C 137 17.07 18.83 -17.78
CA GLY C 137 18.29 19.61 -17.86
C GLY C 137 19.40 19.04 -17.00
N CYS C 138 20.17 19.90 -16.36
CA CYS C 138 21.38 19.47 -15.64
C CYS C 138 21.08 18.57 -14.46
N VAL C 139 19.82 18.41 -14.11
CA VAL C 139 19.52 17.52 -13.00
C VAL C 139 19.38 16.09 -13.53
N ALA C 140 19.25 15.96 -14.85
CA ALA C 140 18.88 14.69 -15.46
C ALA C 140 19.90 13.58 -15.21
N GLY C 141 21.15 13.95 -14.94
CA GLY C 141 22.16 12.95 -14.66
C GLY C 141 21.83 12.23 -13.37
N ALA C 142 21.59 13.01 -12.32
CA ALA C 142 21.25 12.45 -11.01
C ALA C 142 19.86 11.87 -11.07
N ALA C 143 18.88 12.66 -11.49
CA ALA C 143 17.51 12.15 -11.60
C ALA C 143 17.41 10.89 -12.46
N GLY C 144 18.24 10.82 -13.50
CA GLY C 144 18.27 9.67 -14.39
C GLY C 144 18.67 8.42 -13.63
N VAL C 145 19.73 8.52 -12.84
CA VAL C 145 20.17 7.43 -11.98
C VAL C 145 19.05 7.04 -11.03
N ALA C 146 18.39 8.06 -10.47
CA ALA C 146 17.29 7.87 -9.54
C ALA C 146 16.13 7.14 -10.20
N ARG C 147 15.90 7.43 -11.48
CA ARG C 147 14.82 6.75 -12.20
C ARG C 147 15.17 5.32 -12.56
N LEU C 148 16.46 5.06 -12.77
CA LEU C 148 16.92 3.69 -13.00
C LEU C 148 16.62 2.90 -11.76
N ARG C 149 16.90 3.49 -10.61
CA ARG C 149 16.62 2.82 -9.34
C ARG C 149 15.13 2.57 -9.14
N ASP C 150 14.30 3.56 -9.47
CA ASP C 150 12.86 3.39 -9.27
C ASP C 150 12.33 2.26 -10.12
N TYR C 151 12.97 2.03 -11.25
CA TYR C 151 12.54 0.97 -12.12
C TYR C 151 13.02 -0.35 -11.55
N LEU C 152 14.33 -0.45 -11.36
CA LEU C 152 14.97 -1.66 -10.87
C LEU C 152 14.51 -2.08 -9.46
N ARG C 153 13.81 -1.18 -8.77
CA ARG C 153 13.28 -1.54 -7.46
C ARG C 153 12.21 -2.59 -7.63
N GLY C 154 11.37 -2.41 -8.64
CA GLY C 154 10.31 -3.36 -8.93
C GLY C 154 10.65 -4.31 -10.07
N ALA C 155 11.91 -4.29 -10.49
CA ALA C 155 12.40 -5.23 -11.51
C ALA C 155 13.81 -5.68 -11.17
N PRO C 156 13.93 -6.55 -10.15
CA PRO C 156 15.20 -6.89 -9.52
C PRO C 156 16.13 -7.72 -10.40
N ASP C 157 15.61 -8.32 -11.47
CA ASP C 157 16.44 -9.12 -12.37
C ASP C 157 16.87 -8.34 -13.61
N ASP C 158 16.43 -7.09 -13.71
CA ASP C 158 16.58 -6.35 -14.95
C ASP C 158 17.85 -5.51 -15.02
N VAL C 159 18.18 -5.12 -16.24
CA VAL C 159 19.25 -4.17 -16.49
C VAL C 159 18.59 -2.91 -17.02
N ALA C 160 18.81 -1.78 -16.36
CA ALA C 160 18.28 -0.52 -16.88
C ALA C 160 19.45 0.39 -17.13
N VAL C 161 19.45 1.05 -18.29
CA VAL C 161 20.53 1.98 -18.60
C VAL C 161 19.98 3.40 -18.76
N LEU C 162 20.81 4.36 -18.35
CA LEU C 162 20.56 5.78 -18.62
C LEU C 162 21.60 6.26 -19.62
N VAL C 163 21.16 6.85 -20.71
CA VAL C 163 22.13 7.50 -21.61
C VAL C 163 21.85 8.99 -21.62
N SER C 164 22.82 9.79 -21.18
CA SER C 164 22.70 11.22 -21.25
C SER C 164 23.52 11.75 -22.42
N VAL C 165 22.93 12.63 -23.23
CA VAL C 165 23.67 13.25 -24.33
C VAL C 165 23.36 14.71 -24.36
N GLU C 166 24.37 15.52 -24.13
CA GLU C 166 24.14 16.94 -24.16
C GLU C 166 25.13 17.52 -25.10
N LEU C 167 24.61 18.11 -26.17
CA LEU C 167 25.49 18.73 -27.16
C LEU C 167 25.10 20.17 -27.11
N CYS C 168 25.61 20.88 -26.12
CA CYS C 168 25.19 22.25 -25.85
C CYS C 168 25.68 23.18 -26.92
N SER C 169 26.82 22.88 -27.53
CA SER C 169 27.36 23.77 -28.56
C SER C 169 26.33 23.95 -29.68
N LEU C 170 25.50 22.93 -29.88
CA LEU C 170 24.49 22.93 -30.97
C LEU C 170 23.26 23.79 -30.69
N THR C 171 23.16 24.39 -29.51
CA THR C 171 22.05 25.29 -29.26
C THR C 171 22.51 26.66 -29.74
N TYR C 172 23.66 26.67 -30.40
CA TYR C 172 24.26 27.91 -30.90
C TYR C 172 23.33 28.83 -31.69
N PRO C 173 22.45 28.29 -32.56
CA PRO C 173 21.53 29.18 -33.28
C PRO C 173 20.79 30.17 -32.38
N ALA C 174 20.57 29.80 -31.13
CA ALA C 174 19.75 30.62 -30.24
C ALA C 174 20.60 31.63 -29.49
N VAL C 175 21.92 31.49 -29.55
CA VAL C 175 22.76 32.34 -28.73
C VAL C 175 22.99 33.73 -29.32
N LYS C 176 22.76 34.73 -28.47
CA LYS C 176 23.01 36.12 -28.80
C LYS C 176 23.87 36.65 -27.65
N PRO C 177 24.56 37.78 -27.88
CA PRO C 177 25.47 38.30 -26.86
C PRO C 177 24.73 39.00 -25.74
N THR C 178 23.80 38.30 -25.11
CA THR C 178 23.21 38.79 -23.88
C THR C 178 23.98 38.05 -22.82
N VAL C 179 23.92 38.56 -21.59
CA VAL C 179 24.84 38.11 -20.58
C VAL C 179 24.60 36.63 -20.33
N SER C 180 23.34 36.25 -20.17
CA SER C 180 22.96 34.88 -19.89
C SER C 180 23.52 33.84 -20.88
N SER C 181 23.48 34.15 -22.17
CA SER C 181 23.96 33.21 -23.19
C SER C 181 25.47 33.24 -23.28
N LEU C 182 26.05 34.40 -22.98
CA LEU C 182 27.49 34.50 -22.99
C LEU C 182 28.07 33.70 -21.84
N VAL C 183 27.32 33.60 -20.74
CA VAL C 183 27.74 32.76 -19.63
C VAL C 183 27.86 31.31 -20.08
N GLY C 184 26.79 30.80 -20.70
CA GLY C 184 26.73 29.42 -21.12
C GLY C 184 27.79 29.08 -22.15
N THR C 185 28.20 30.06 -22.94
CA THR C 185 29.22 29.81 -23.94
C THR C 185 30.61 29.73 -23.31
N ALA C 186 30.73 30.27 -22.11
CA ALA C 186 31.94 30.14 -21.30
C ALA C 186 32.03 28.75 -20.70
N LEU C 187 30.87 28.17 -20.39
CA LEU C 187 30.76 27.02 -19.50
C LEU C 187 30.44 25.70 -20.19
N PHE C 188 29.51 25.71 -21.14
CA PHE C 188 28.92 24.46 -21.65
C PHE C 188 29.70 23.78 -22.79
N GLY C 189 29.86 22.47 -22.70
CA GLY C 189 30.59 21.73 -23.73
C GLY C 189 29.78 20.52 -24.14
N ASP C 190 30.22 19.79 -25.15
CA ASP C 190 29.47 18.65 -25.64
C ASP C 190 30.01 17.35 -25.06
N GLY C 191 29.14 16.34 -24.93
CA GLY C 191 29.55 15.03 -24.49
C GLY C 191 28.36 14.15 -24.17
N ALA C 192 28.64 12.96 -23.66
CA ALA C 192 27.58 12.04 -23.36
C ALA C 192 28.06 11.17 -22.23
N ALA C 193 27.15 10.39 -21.68
CA ALA C 193 27.54 9.45 -20.67
C ALA C 193 26.44 8.44 -20.56
N ALA C 194 26.79 7.25 -20.09
CA ALA C 194 25.79 6.23 -19.97
C ALA C 194 26.07 5.47 -18.70
N VAL C 195 25.00 5.11 -18.00
CA VAL C 195 25.08 4.35 -16.77
C VAL C 195 24.38 3.07 -17.06
N VAL C 196 25.02 1.95 -16.73
CA VAL C 196 24.32 0.68 -16.82
C VAL C 196 24.04 0.22 -15.39
N ALA C 197 22.77 0.00 -15.07
CA ALA C 197 22.44 -0.43 -13.72
C ALA C 197 21.67 -1.73 -13.74
N VAL C 198 21.59 -2.35 -12.58
CA VAL C 198 21.16 -3.72 -12.53
C VAL C 198 20.38 -3.94 -11.24
N GLY C 199 19.30 -4.68 -11.33
CA GLY C 199 18.50 -4.99 -10.16
C GLY C 199 19.34 -5.67 -9.10
N ASP C 200 18.81 -5.74 -7.89
CA ASP C 200 19.61 -6.32 -6.82
C ASP C 200 19.74 -7.84 -6.90
N ARG C 201 18.91 -8.49 -7.70
CA ARG C 201 19.03 -9.95 -7.86
C ARG C 201 19.95 -10.29 -9.04
N ARG C 202 20.09 -9.35 -9.97
CA ARG C 202 20.97 -9.50 -11.11
C ARG C 202 22.41 -9.13 -10.72
N ALA C 203 22.53 -8.37 -9.63
CA ALA C 203 23.82 -7.82 -9.22
C ALA C 203 24.88 -8.87 -8.89
N GLU C 204 24.44 -10.07 -8.53
CA GLU C 204 25.36 -11.17 -8.23
C GLU C 204 25.71 -11.94 -9.50
N GLN C 205 24.67 -12.21 -10.30
CA GLN C 205 24.81 -12.90 -11.58
C GLN C 205 25.91 -12.27 -12.47
N VAL C 206 25.94 -10.95 -12.56
CA VAL C 206 26.95 -10.27 -13.37
C VAL C 206 28.04 -9.62 -12.51
N ARG C 207 27.97 -9.88 -11.23
CA ARG C 207 28.91 -9.32 -10.29
C ARG C 207 29.13 -7.88 -10.62
N ALA C 208 28.08 -7.10 -10.53
CA ALA C 208 28.13 -5.70 -10.87
C ALA C 208 28.96 -4.93 -9.84
N GLY C 209 30.12 -4.45 -10.27
CA GLY C 209 30.98 -3.65 -9.44
C GLY C 209 30.73 -2.20 -9.74
N GLY C 210 30.58 -1.42 -8.69
CA GLY C 210 30.19 -0.02 -8.83
C GLY C 210 29.02 0.22 -7.90
N PRO C 211 28.75 1.47 -7.61
CA PRO C 211 27.94 1.92 -6.50
C PRO C 211 26.53 1.43 -6.41
N ASP C 212 26.05 1.18 -5.20
CA ASP C 212 24.66 0.81 -4.94
C ASP C 212 23.83 2.08 -5.00
N ILE C 213 22.72 2.08 -5.72
CA ILE C 213 21.83 3.23 -5.65
C ILE C 213 20.81 2.98 -4.54
N LEU C 214 20.97 3.64 -3.39
CA LEU C 214 20.12 3.35 -2.23
C LEU C 214 18.79 4.10 -2.25
N ASP C 215 18.84 5.38 -2.57
CA ASP C 215 17.66 6.23 -2.45
C ASP C 215 17.95 7.61 -3.01
N SER C 216 16.89 8.33 -3.34
CA SER C 216 17.02 9.64 -3.95
C SER C 216 15.91 10.52 -3.42
N ARG C 217 16.02 11.82 -3.68
CA ARG C 217 15.01 12.77 -3.29
C ARG C 217 15.10 14.01 -4.16
N SER C 218 14.01 14.30 -4.88
CA SER C 218 13.90 15.51 -5.65
C SER C 218 13.53 16.66 -4.72
N SER C 219 13.84 17.88 -5.12
CA SER C 219 13.37 19.03 -4.36
C SER C 219 13.07 20.13 -5.34
N LEU C 220 11.80 20.24 -5.70
CA LEU C 220 11.35 21.29 -6.61
C LEU C 220 11.08 22.52 -5.75
N TYR C 221 11.77 23.62 -6.03
CA TYR C 221 11.60 24.84 -5.27
C TYR C 221 10.40 25.64 -5.79
N PRO C 222 9.53 26.10 -4.89
CA PRO C 222 8.36 26.88 -5.33
C PRO C 222 8.73 28.16 -6.10
N ASP C 223 7.89 28.50 -7.10
CA ASP C 223 7.94 29.81 -7.74
C ASP C 223 9.34 30.10 -8.22
N SER C 224 9.84 29.19 -9.06
CA SER C 224 11.26 29.10 -9.33
C SER C 224 11.52 28.70 -10.77
N LEU C 225 10.47 28.70 -11.59
CA LEU C 225 10.59 28.25 -12.98
C LEU C 225 11.56 29.15 -13.74
N HIS C 226 11.55 30.44 -13.38
CA HIS C 226 12.30 31.47 -14.10
C HIS C 226 13.81 31.40 -13.87
N ILE C 227 14.23 30.55 -12.94
CA ILE C 227 15.64 30.50 -12.54
C ILE C 227 16.54 29.88 -13.62
N MET C 228 16.05 28.81 -14.25
CA MET C 228 16.88 27.93 -15.05
C MET C 228 15.99 27.23 -16.09
N GLY C 229 16.43 27.17 -17.33
CA GLY C 229 15.64 26.51 -18.36
C GLY C 229 15.84 27.05 -19.75
N TRP C 230 15.01 26.59 -20.68
CA TRP C 230 15.07 27.12 -22.04
C TRP C 230 13.98 28.14 -22.29
N ASP C 231 14.33 29.20 -22.99
CA ASP C 231 13.35 29.98 -23.71
C ASP C 231 13.41 29.46 -25.13
N VAL C 232 12.35 28.77 -25.55
CA VAL C 232 12.31 28.05 -26.83
C VAL C 232 11.61 28.90 -27.89
N GLY C 233 12.18 28.98 -29.08
CA GLY C 233 11.64 29.84 -30.13
C GLY C 233 12.18 29.41 -31.48
N SER C 234 11.90 30.20 -32.53
CA SER C 234 12.38 29.89 -33.86
C SER C 234 13.89 29.70 -33.96
N HIS C 235 14.63 30.37 -33.08
CA HIS C 235 16.10 30.34 -33.16
C HIS C 235 16.66 29.22 -32.32
N GLY C 236 15.76 28.55 -31.62
CA GLY C 236 16.11 27.29 -30.99
C GLY C 236 16.00 27.37 -29.49
N LEU C 237 17.00 26.82 -28.84
CA LEU C 237 16.96 26.67 -27.40
C LEU C 237 17.81 27.74 -26.75
N ARG C 238 17.18 28.75 -26.14
CA ARG C 238 17.92 29.87 -25.58
C ARG C 238 17.99 29.79 -24.06
N LEU C 239 19.19 29.85 -23.53
CA LEU C 239 19.37 29.62 -22.10
C LEU C 239 18.73 30.71 -21.25
N ARG C 240 18.04 30.30 -20.18
CA ARG C 240 17.60 31.22 -19.14
C ARG C 240 18.37 30.87 -17.89
N LEU C 241 18.99 31.86 -17.27
CA LEU C 241 19.91 31.61 -16.15
C LEU C 241 19.92 32.80 -15.22
N SER C 242 19.12 32.76 -14.16
CA SER C 242 19.02 33.93 -13.28
C SER C 242 20.22 33.99 -12.34
N PRO C 243 20.65 35.22 -11.99
CA PRO C 243 21.76 35.38 -11.05
C PRO C 243 21.32 34.95 -9.67
N ASP C 244 20.00 34.87 -9.47
CA ASP C 244 19.43 34.43 -8.21
C ASP C 244 19.78 32.98 -7.88
N LEU C 245 20.46 32.30 -8.80
CA LEU C 245 20.64 30.86 -8.69
C LEU C 245 21.50 30.54 -7.49
N THR C 246 22.60 31.28 -7.36
CA THR C 246 23.54 31.10 -6.27
C THR C 246 22.87 31.34 -4.92
N ASN C 247 22.04 32.38 -4.84
CA ASN C 247 21.36 32.71 -3.60
C ASN C 247 20.40 31.63 -3.15
N LEU C 248 19.69 31.02 -4.11
CA LEU C 248 18.77 29.92 -3.80
C LEU C 248 19.50 28.73 -3.19
N ILE C 249 20.59 28.31 -3.84
CA ILE C 249 21.42 27.22 -3.33
C ILE C 249 21.87 27.46 -1.89
N GLU C 250 22.59 28.55 -1.64
CA GLU C 250 23.14 28.81 -0.30
C GLU C 250 22.09 29.36 0.67
N ARG C 251 20.82 29.28 0.27
CA ARG C 251 19.68 29.39 1.17
C ARG C 251 19.09 28.02 1.45
N TYR C 252 18.85 27.24 0.40
CA TYR C 252 18.03 26.04 0.53
C TYR C 252 18.73 24.67 0.36
N LEU C 253 19.93 24.65 -0.20
CA LEU C 253 20.60 23.37 -0.48
C LEU C 253 20.86 22.60 0.80
N ALA C 254 21.39 23.31 1.81
CA ALA C 254 21.75 22.67 3.08
C ALA C 254 20.55 21.92 3.64
N ASN C 255 19.38 22.54 3.54
CA ASN C 255 18.12 21.90 3.93
C ASN C 255 17.72 20.69 3.07
N ASP C 256 17.91 20.77 1.75
CA ASP C 256 17.57 19.62 0.90
C ASP C 256 18.41 18.42 1.32
N VAL C 257 19.71 18.65 1.49
CA VAL C 257 20.65 17.60 1.85
C VAL C 257 20.33 17.05 3.23
N THR C 258 20.12 17.95 4.18
CA THR C 258 19.79 17.56 5.55
C THR C 258 18.56 16.66 5.70
N THR C 259 17.40 17.08 5.19
CA THR C 259 16.19 16.27 5.35
C THR C 259 16.31 14.93 4.61
N PHE C 260 17.17 14.90 3.59
CA PHE C 260 17.42 13.66 2.88
C PHE C 260 18.37 12.74 3.66
N LEU C 261 19.48 13.29 4.14
CA LEU C 261 20.39 12.51 4.95
C LEU C 261 19.72 12.09 6.26
N ASP C 262 18.95 13.00 6.87
CA ASP C 262 18.23 12.70 8.12
C ASP C 262 17.42 11.41 8.05
N ALA C 263 16.70 11.23 6.96
CA ALA C 263 15.84 10.06 6.78
C ALA C 263 16.64 8.78 6.64
N HIS C 264 17.96 8.93 6.57
CA HIS C 264 18.86 7.79 6.44
C HIS C 264 19.83 7.73 7.61
N ARG C 265 19.55 8.54 8.63
CA ARG C 265 20.41 8.63 9.81
C ARG C 265 21.83 8.95 9.37
N LEU C 266 21.96 10.03 8.60
CA LEU C 266 23.25 10.40 8.07
C LEU C 266 23.50 11.89 8.24
N THR C 267 24.76 12.22 8.45
CA THR C 267 25.26 13.59 8.39
C THR C 267 26.08 13.72 7.10
N LYS C 268 26.47 14.94 6.75
CA LYS C 268 27.32 15.16 5.60
C LYS C 268 28.65 14.47 5.81
N ASP C 269 29.11 14.45 7.06
CA ASP C 269 30.44 13.90 7.37
C ASP C 269 30.46 12.37 7.24
N ASP C 270 29.28 11.78 7.06
CA ASP C 270 29.18 10.34 6.89
C ASP C 270 29.29 9.96 5.42
N ILE C 271 29.17 10.95 4.53
CA ILE C 271 29.35 10.68 3.11
C ILE C 271 30.83 10.85 2.74
N GLY C 272 31.33 9.88 1.99
CA GLY C 272 32.73 9.82 1.65
C GLY C 272 33.10 10.10 0.23
N ALA C 273 32.17 10.63 -0.54
CA ALA C 273 32.46 11.10 -1.86
C ALA C 273 31.31 11.88 -2.30
N TRP C 274 31.55 13.16 -2.56
CA TRP C 274 30.57 14.01 -3.17
C TRP C 274 30.76 14.01 -4.66
N VAL C 275 29.68 13.76 -5.35
CA VAL C 275 29.64 13.76 -6.80
C VAL C 275 28.63 14.83 -7.16
N SER C 276 29.08 16.05 -7.34
CA SER C 276 28.13 17.12 -7.52
C SER C 276 28.27 17.69 -8.91
N HIS C 277 27.19 18.26 -9.42
CA HIS C 277 27.18 18.89 -10.73
C HIS C 277 27.91 20.22 -10.69
N PRO C 278 28.83 20.42 -11.66
CA PRO C 278 29.60 21.67 -11.75
C PRO C 278 28.69 22.89 -11.74
N GLY C 279 27.81 22.97 -12.72
CA GLY C 279 27.14 24.23 -13.00
C GLY C 279 28.16 25.25 -13.44
N GLY C 280 28.99 25.68 -12.50
CA GLY C 280 30.04 26.66 -12.75
C GLY C 280 30.77 26.97 -11.44
N PRO C 281 31.78 27.84 -11.51
CA PRO C 281 32.50 28.14 -10.27
C PRO C 281 31.59 28.71 -9.17
N LYS C 282 30.78 29.73 -9.46
CA LYS C 282 29.88 30.30 -8.44
C LYS C 282 28.98 29.26 -7.79
N VAL C 283 28.36 28.42 -8.61
CA VAL C 283 27.55 27.32 -8.14
C VAL C 283 28.33 26.36 -7.23
N ILE C 284 29.46 25.88 -7.72
CA ILE C 284 30.30 24.98 -6.92
C ILE C 284 30.74 25.66 -5.63
N ASP C 285 31.06 26.95 -5.68
CA ASP C 285 31.39 27.69 -4.46
C ASP C 285 30.19 27.71 -3.53
N ALA C 286 29.02 28.01 -4.11
CA ALA C 286 27.76 28.05 -3.37
C ALA C 286 27.48 26.74 -2.65
N VAL C 287 27.62 25.61 -3.35
CA VAL C 287 27.34 24.33 -2.71
C VAL C 287 28.39 23.93 -1.68
N ALA C 288 29.64 24.33 -1.89
CA ALA C 288 30.68 24.05 -0.90
C ALA C 288 30.41 24.87 0.34
N THR C 289 30.11 26.15 0.14
CA THR C 289 29.78 27.05 1.23
C THR C 289 28.53 26.61 1.99
N SER C 290 27.45 26.31 1.26
CA SER C 290 26.17 25.97 1.89
C SER C 290 26.19 24.68 2.71
N LEU C 291 27.00 23.71 2.26
CA LEU C 291 27.08 22.39 2.93
C LEU C 291 28.30 22.29 3.87
N ALA C 292 29.01 23.41 4.04
CA ALA C 292 30.25 23.48 4.83
C ALA C 292 31.20 22.36 4.41
N LEU C 293 31.54 22.35 3.12
CA LEU C 293 32.28 21.27 2.50
C LEU C 293 33.79 21.53 2.46
N PRO C 294 34.58 20.53 2.88
CA PRO C 294 36.04 20.54 2.69
C PRO C 294 36.36 20.82 1.21
N PRO C 295 37.49 21.49 0.92
CA PRO C 295 37.75 22.00 -0.44
C PRO C 295 38.12 20.88 -1.40
N GLU C 296 38.27 19.67 -0.88
CA GLU C 296 38.59 18.53 -1.72
C GLU C 296 37.36 17.63 -1.91
N ALA C 297 36.25 17.96 -1.26
CA ALA C 297 35.02 17.22 -1.46
C ALA C 297 34.58 17.33 -2.91
N LEU C 298 34.73 18.53 -3.46
CA LEU C 298 34.25 18.83 -4.81
C LEU C 298 35.35 18.87 -5.86
N GLU C 299 36.57 18.49 -5.48
CA GLU C 299 37.73 18.56 -6.37
C GLU C 299 37.46 17.88 -7.71
N LEU C 300 36.85 16.71 -7.64
CA LEU C 300 36.61 15.93 -8.84
C LEU C 300 35.63 16.61 -9.77
N THR C 301 34.73 17.42 -9.22
CA THR C 301 33.79 18.12 -10.08
C THR C 301 34.38 19.42 -10.62
N TRP C 302 35.39 19.97 -9.93
CA TRP C 302 36.15 21.10 -10.45
C TRP C 302 37.12 20.66 -11.52
N ARG C 303 37.65 19.44 -11.39
CA ARG C 303 38.54 18.89 -12.42
C ARG C 303 37.76 18.65 -13.70
N SER C 304 36.55 18.12 -13.55
CA SER C 304 35.69 17.86 -14.70
C SER C 304 35.23 19.16 -15.37
N LEU C 305 34.82 20.16 -14.58
CA LEU C 305 34.52 21.48 -15.11
C LEU C 305 35.72 21.94 -15.92
N GLY C 306 36.91 21.74 -15.35
CA GLY C 306 38.16 22.18 -15.95
C GLY C 306 38.53 21.48 -17.24
N GLU C 307 38.35 20.16 -17.28
CA GLU C 307 38.76 19.36 -18.44
C GLU C 307 37.79 19.45 -19.60
N ILE C 308 36.50 19.30 -19.32
CA ILE C 308 35.51 19.14 -20.38
C ILE C 308 34.40 20.19 -20.31
N GLY C 309 34.49 21.10 -19.35
CA GLY C 309 33.45 22.08 -19.16
C GLY C 309 32.18 21.52 -18.54
N ASN C 310 31.08 22.27 -18.70
CA ASN C 310 29.76 21.85 -18.24
C ASN C 310 28.99 21.03 -19.31
N LEU C 311 28.72 19.77 -19.05
CA LEU C 311 28.07 18.92 -20.06
C LEU C 311 26.60 18.77 -19.75
N SER C 312 26.03 19.72 -19.07
CA SER C 312 24.68 19.59 -18.58
C SER C 312 24.52 18.29 -17.84
N SER C 313 23.48 17.56 -18.16
CA SER C 313 23.19 16.36 -17.37
C SER C 313 24.25 15.27 -17.47
N ALA C 314 25.20 15.38 -18.40
CA ALA C 314 26.17 14.31 -18.60
C ALA C 314 27.39 14.48 -17.71
N SER C 315 27.57 15.70 -17.22
CA SER C 315 28.75 16.09 -16.43
C SER C 315 28.85 15.34 -15.13
N ILE C 316 27.72 15.15 -14.48
CA ILE C 316 27.70 14.46 -13.20
C ILE C 316 28.02 13.00 -13.38
N LEU C 317 27.73 12.48 -14.57
CA LEU C 317 27.99 11.09 -14.86
C LEU C 317 29.46 10.85 -15.14
N HIS C 318 30.13 11.79 -15.83
CA HIS C 318 31.59 11.76 -15.96
C HIS C 318 32.30 11.84 -14.62
N ILE C 319 31.78 12.70 -13.73
CA ILE C 319 32.28 12.82 -12.36
C ILE C 319 32.00 11.55 -11.53
N LEU C 320 30.89 10.88 -11.75
CA LEU C 320 30.59 9.60 -11.10
C LEU C 320 31.54 8.53 -11.59
N ARG C 321 31.83 8.55 -12.86
CA ARG C 321 32.74 7.62 -13.43
C ARG C 321 34.10 7.86 -12.80
N ASP C 322 34.47 9.12 -12.70
CA ASP C 322 35.74 9.55 -12.14
C ASP C 322 35.82 9.25 -10.67
N THR C 323 34.76 9.49 -9.94
CA THR C 323 34.71 9.25 -8.50
C THR C 323 34.91 7.78 -8.19
N ILE C 324 34.27 6.92 -9.00
CA ILE C 324 34.42 5.48 -8.89
C ILE C 324 35.88 5.03 -9.07
N GLU C 325 36.57 5.63 -10.04
CA GLU C 325 37.97 5.28 -10.31
C GLU C 325 38.92 5.69 -9.18
N LYS C 326 38.53 6.73 -8.44
CA LYS C 326 39.28 7.17 -7.25
C LYS C 326 39.08 6.16 -6.12
N ARG C 327 38.02 5.38 -6.23
CA ARG C 327 37.72 4.35 -5.28
C ARG C 327 37.48 4.87 -3.89
N PRO C 328 36.30 5.41 -3.65
CA PRO C 328 35.99 5.96 -2.33
C PRO C 328 35.97 4.82 -1.31
N PRO C 329 36.09 5.14 0.00
CA PRO C 329 36.04 4.14 1.07
C PRO C 329 34.92 3.14 0.84
N SER C 330 35.25 1.84 0.90
CA SER C 330 34.32 0.78 0.53
C SER C 330 33.18 0.61 1.52
N GLY C 331 31.97 0.93 1.08
CA GLY C 331 30.79 0.82 1.93
C GLY C 331 30.37 2.20 2.37
N SER C 332 31.26 3.18 2.18
CA SER C 332 30.96 4.55 2.55
C SER C 332 29.91 5.13 1.61
N ALA C 333 29.13 6.09 2.11
CA ALA C 333 28.09 6.69 1.31
C ALA C 333 28.68 7.69 0.32
N GLY C 334 28.01 7.81 -0.82
CA GLY C 334 28.33 8.81 -1.81
C GLY C 334 27.04 9.54 -2.07
N LEU C 335 27.13 10.80 -2.42
CA LEU C 335 25.92 11.58 -2.62
C LEU C 335 26.01 12.31 -3.95
N MET C 336 25.27 11.82 -4.95
CA MET C 336 25.14 12.57 -6.20
C MET C 336 24.27 13.78 -5.92
N LEU C 337 24.75 14.94 -6.35
CA LEU C 337 24.04 16.17 -6.12
C LEU C 337 23.95 16.94 -7.44
N ALA C 338 22.73 17.10 -7.95
CA ALA C 338 22.56 17.89 -9.17
C ALA C 338 21.44 18.88 -8.97
N MET C 339 21.43 19.90 -9.82
CA MET C 339 20.40 20.93 -9.83
C MET C 339 20.05 21.18 -11.28
N GLY C 340 18.82 21.63 -11.54
CA GLY C 340 18.37 21.79 -12.90
C GLY C 340 17.12 22.63 -13.00
N PRO C 341 16.63 22.85 -14.23
CA PRO C 341 15.38 23.57 -14.46
C PRO C 341 14.27 23.05 -13.56
N GLY C 342 13.42 23.95 -13.08
CA GLY C 342 12.40 23.57 -12.09
C GLY C 342 11.83 24.71 -11.27
N PHE C 343 12.62 25.35 -10.41
CA PHE C 343 14.00 24.96 -10.12
C PHE C 343 14.04 23.80 -9.12
N CYS C 344 15.01 22.91 -9.30
CA CYS C 344 15.09 21.71 -8.45
C CYS C 344 16.51 21.24 -8.19
N THR C 345 16.65 20.49 -7.10
CA THR C 345 17.89 19.77 -6.85
C THR C 345 17.51 18.30 -6.78
N GLU C 346 18.46 17.43 -7.08
CA GLU C 346 18.21 16.01 -6.95
C GLU C 346 19.40 15.50 -6.19
N LEU C 347 19.14 14.57 -5.28
CA LEU C 347 20.16 14.01 -4.42
C LEU C 347 20.03 12.52 -4.64
N VAL C 348 21.15 11.81 -4.81
CA VAL C 348 21.05 10.36 -4.94
C VAL C 348 22.02 9.75 -3.97
N LEU C 349 21.49 8.93 -3.07
CA LEU C 349 22.32 8.34 -2.04
C LEU C 349 22.94 7.08 -2.61
N LEU C 350 24.25 6.95 -2.42
CA LEU C 350 24.99 5.85 -3.01
C LEU C 350 25.79 5.16 -1.93
N ARG C 351 26.18 3.92 -2.20
CA ARG C 351 27.18 3.25 -1.38
C ARG C 351 28.23 2.64 -2.30
N TRP C 352 29.50 2.89 -1.99
CA TRP C 352 30.58 2.44 -2.88
C TRP C 352 30.98 0.98 -2.64
N ARG C 353 31.62 0.39 -3.65
CA ARG C 353 32.02 -1.02 -3.57
C ARG C 353 33.51 -1.12 -3.16
N SER D 2 -0.49 -2.81 -9.85
CA SER D 2 -0.86 -1.41 -9.71
C SER D 2 -2.30 -1.22 -10.16
N VAL D 3 -2.96 -0.19 -9.61
CA VAL D 3 -4.37 0.02 -9.92
C VAL D 3 -4.69 1.45 -10.33
N ILE D 4 -5.50 1.61 -11.38
CA ILE D 4 -6.00 2.94 -11.74
C ILE D 4 -7.12 3.38 -10.80
N ALA D 5 -6.97 4.54 -10.18
CA ALA D 5 -7.97 5.02 -9.22
C ALA D 5 -8.84 6.10 -9.85
N GLY D 6 -8.32 6.77 -10.85
CA GLY D 6 -9.06 7.81 -11.52
C GLY D 6 -8.45 8.13 -12.86
N VAL D 7 -9.31 8.33 -13.84
CA VAL D 7 -8.85 8.89 -15.07
C VAL D 7 -9.86 9.94 -15.46
N PHE D 8 -9.37 10.97 -16.13
CA PHE D 8 -10.13 12.17 -16.34
C PHE D 8 -9.69 12.82 -17.64
N GLY D 9 -10.67 13.20 -18.46
CA GLY D 9 -10.39 13.94 -19.65
C GLY D 9 -10.51 15.43 -19.38
N ALA D 10 -9.65 16.20 -20.00
CA ALA D 10 -9.72 17.64 -19.87
C ALA D 10 -9.56 18.18 -21.28
N LEU D 11 -10.58 18.82 -21.77
CA LEU D 11 -10.57 19.38 -23.08
C LEU D 11 -10.77 20.88 -23.03
N PRO D 12 -10.08 21.60 -23.89
CA PRO D 12 -10.26 23.04 -24.00
C PRO D 12 -11.70 23.33 -24.13
N PRO D 13 -12.12 24.59 -23.68
CA PRO D 13 -13.56 24.82 -23.88
C PRO D 13 -14.00 25.23 -25.28
N HIS D 14 -13.12 25.70 -26.14
CA HIS D 14 -13.48 25.83 -27.55
C HIS D 14 -13.74 24.46 -28.15
N ARG D 15 -14.99 24.08 -28.33
CA ARG D 15 -15.39 22.86 -29.04
C ARG D 15 -15.90 23.22 -30.39
N TYR D 16 -15.34 22.67 -31.42
CA TYR D 16 -15.81 22.97 -32.77
C TYR D 16 -16.24 21.72 -33.50
N SER D 17 -17.24 21.87 -34.35
CA SER D 17 -17.61 20.81 -35.26
C SER D 17 -16.50 20.75 -36.31
N GLN D 18 -16.37 19.61 -36.97
CA GLN D 18 -15.31 19.43 -37.94
C GLN D 18 -15.59 20.34 -39.11
N SER D 19 -16.86 20.51 -39.44
CA SER D 19 -17.21 21.42 -40.52
C SER D 19 -16.88 22.87 -40.15
N GLU D 20 -17.08 23.23 -38.87
CA GLU D 20 -16.67 24.56 -38.39
C GLU D 20 -15.18 24.74 -38.59
N ILE D 21 -14.42 23.73 -38.19
CA ILE D 21 -12.96 23.78 -38.33
C ILE D 21 -12.54 23.89 -39.79
N THR D 22 -13.06 23.00 -40.63
CA THR D 22 -12.63 22.96 -42.02
C THR D 22 -12.97 24.25 -42.75
N ASP D 23 -14.12 24.82 -42.44
CA ASP D 23 -14.58 26.02 -43.15
C ASP D 23 -13.63 27.18 -42.91
N SER D 24 -13.19 27.35 -41.67
CA SER D 24 -12.30 28.45 -41.29
C SER D 24 -10.90 28.17 -41.79
N PHE D 25 -10.43 26.96 -41.52
CA PHE D 25 -9.10 26.54 -41.91
C PHE D 25 -8.77 26.76 -43.40
N VAL D 26 -9.75 26.54 -44.26
CA VAL D 26 -9.56 26.64 -45.71
C VAL D 26 -9.23 28.06 -46.15
N GLU D 27 -9.64 29.02 -45.33
CA GLU D 27 -9.46 30.43 -45.65
C GLU D 27 -8.21 31.04 -44.99
N PHE D 28 -7.51 30.24 -44.21
CA PHE D 28 -6.25 30.68 -43.59
C PHE D 28 -5.23 31.03 -44.69
N PRO D 29 -4.24 31.88 -44.36
CA PRO D 29 -3.25 32.30 -45.39
C PRO D 29 -2.37 31.15 -45.91
N GLY D 30 -2.21 31.06 -47.22
CA GLY D 30 -1.31 30.08 -47.80
C GLY D 30 -1.93 28.72 -48.10
N LEU D 31 -3.22 28.61 -47.81
CA LEU D 31 -3.96 27.36 -47.76
C LEU D 31 -5.16 27.32 -48.65
N LYS D 32 -5.56 28.46 -49.15
CA LYS D 32 -6.78 28.58 -49.94
C LYS D 32 -6.67 27.79 -51.25
N GLU D 33 -5.48 27.77 -51.83
CA GLU D 33 -5.22 27.00 -53.05
C GLU D 33 -5.26 25.49 -52.80
N HIS D 34 -5.39 25.08 -51.54
CA HIS D 34 -5.46 23.67 -51.19
C HIS D 34 -6.79 23.30 -50.55
N GLU D 35 -7.81 24.09 -50.79
CA GLU D 35 -9.09 23.90 -50.17
C GLU D 35 -9.62 22.48 -50.28
N GLU D 36 -9.80 22.02 -51.49
CA GLU D 36 -10.45 20.75 -51.72
C GLU D 36 -9.77 19.57 -51.04
N ILE D 37 -8.46 19.46 -51.22
CA ILE D 37 -7.71 18.39 -50.56
C ILE D 37 -7.88 18.49 -49.05
N ILE D 38 -7.97 19.72 -48.54
CA ILE D 38 -8.26 19.94 -47.12
C ILE D 38 -9.67 19.46 -46.83
N ARG D 39 -10.61 19.94 -47.62
CA ARG D 39 -11.96 19.48 -47.57
C ARG D 39 -12.00 17.98 -47.54
N ARG D 40 -11.38 17.38 -48.54
CA ARG D 40 -11.35 15.92 -48.64
C ARG D 40 -10.80 15.25 -47.38
N LEU D 41 -9.58 15.61 -46.99
CA LEU D 41 -8.90 15.01 -45.84
C LEU D 41 -9.67 15.22 -44.55
N HIS D 42 -10.24 16.40 -44.42
CA HIS D 42 -11.00 16.72 -43.21
C HIS D 42 -12.27 15.90 -43.08
N ALA D 43 -12.96 15.70 -44.20
CA ALA D 43 -14.22 14.97 -44.18
C ALA D 43 -13.95 13.48 -44.04
N ALA D 44 -12.90 13.00 -44.72
CA ALA D 44 -12.53 11.58 -44.69
C ALA D 44 -11.99 11.13 -43.31
N ALA D 45 -11.73 12.08 -42.43
CA ALA D 45 -11.06 11.78 -41.16
C ALA D 45 -11.92 11.10 -40.11
N LYS D 46 -13.25 11.06 -40.32
CA LYS D 46 -14.18 10.51 -39.32
C LYS D 46 -14.01 11.17 -37.96
N VAL D 47 -13.63 12.45 -37.99
CA VAL D 47 -13.67 13.30 -36.80
C VAL D 47 -14.81 14.26 -37.04
N ASN D 48 -15.75 14.34 -36.11
CA ASN D 48 -16.91 15.17 -36.36
C ASN D 48 -16.88 16.44 -35.49
N GLY D 49 -15.95 16.44 -34.53
CA GLY D 49 -15.73 17.61 -33.71
C GLY D 49 -14.39 17.59 -32.98
N ARG D 50 -13.82 18.76 -32.76
CA ARG D 50 -12.56 18.83 -32.04
C ARG D 50 -12.51 20.03 -31.12
N HIS D 51 -11.96 19.83 -29.93
CA HIS D 51 -11.71 20.92 -29.01
C HIS D 51 -10.35 21.55 -29.33
N LEU D 52 -10.36 22.86 -29.60
CA LEU D 52 -9.13 23.57 -29.85
C LEU D 52 -8.82 24.52 -28.71
N VAL D 53 -7.55 24.58 -28.35
CA VAL D 53 -7.11 25.35 -27.19
C VAL D 53 -7.22 26.86 -27.44
N LEU D 54 -7.27 27.26 -28.72
CA LEU D 54 -7.40 28.66 -29.10
C LEU D 54 -8.66 28.93 -29.92
N PRO D 55 -9.20 30.16 -29.85
CA PRO D 55 -10.26 30.55 -30.80
C PRO D 55 -9.77 30.34 -32.23
N LEU D 56 -10.61 29.74 -33.05
CA LEU D 56 -10.27 29.35 -34.42
C LEU D 56 -9.60 30.44 -35.25
N GLN D 57 -9.97 31.69 -35.01
CA GLN D 57 -9.53 32.78 -35.87
C GLN D 57 -8.13 33.18 -35.52
N GLN D 58 -7.65 32.68 -34.40
CA GLN D 58 -6.35 33.06 -33.88
C GLN D 58 -5.21 32.23 -34.50
N TYR D 59 -5.53 31.06 -35.05
CA TYR D 59 -4.45 30.22 -35.61
C TYR D 59 -3.56 30.84 -36.71
N PRO D 60 -4.16 31.55 -37.70
CA PRO D 60 -3.34 32.29 -38.68
C PRO D 60 -2.29 33.23 -38.07
N SER D 61 -2.52 33.72 -36.84
CA SER D 61 -1.56 34.57 -36.16
C SER D 61 -0.44 33.76 -35.52
N LEU D 62 -0.64 32.44 -35.43
CA LEU D 62 0.37 31.54 -34.85
C LEU D 62 1.40 31.09 -35.87
N THR D 63 2.21 32.01 -36.36
CA THR D 63 3.17 31.68 -37.40
C THR D 63 4.54 31.53 -36.78
N ASP D 64 4.65 31.92 -35.50
CA ASP D 64 5.91 31.88 -34.78
C ASP D 64 5.91 30.76 -33.74
N PHE D 65 6.85 29.85 -33.91
CA PHE D 65 7.06 28.76 -32.96
C PHE D 65 7.23 29.27 -31.52
N GLY D 66 7.91 30.41 -31.35
CA GLY D 66 8.10 30.97 -30.01
C GLY D 66 6.78 31.31 -29.39
N ASP D 67 5.95 32.00 -30.15
CA ASP D 67 4.58 32.28 -29.71
C ASP D 67 3.85 30.99 -29.39
N ALA D 68 3.79 30.09 -30.38
CA ALA D 68 2.96 28.90 -30.24
C ALA D 68 3.42 28.04 -29.09
N ASN D 69 4.75 27.96 -28.91
CA ASN D 69 5.30 27.15 -27.84
C ASN D 69 5.09 27.81 -26.48
N GLU D 70 5.20 29.14 -26.40
CA GLU D 70 4.83 29.83 -25.15
C GLU D 70 3.36 29.67 -24.82
N ILE D 71 2.49 29.71 -25.82
CA ILE D 71 1.07 29.52 -25.54
C ILE D 71 0.89 28.07 -25.11
N PHE D 72 1.66 27.18 -25.72
CA PHE D 72 1.64 25.79 -25.33
C PHE D 72 1.92 25.58 -23.83
N ILE D 73 3.04 26.09 -23.33
CA ILE D 73 3.39 25.89 -21.91
C ILE D 73 2.27 26.43 -21.04
N GLU D 74 1.75 27.62 -21.40
CA GLU D 74 0.68 28.31 -20.67
C GLU D 74 -0.59 27.43 -20.62
N LYS D 75 -1.06 27.04 -21.82
CA LYS D 75 -2.28 26.27 -21.98
C LYS D 75 -2.13 24.79 -21.56
N ALA D 76 -0.97 24.19 -21.82
CA ALA D 76 -0.75 22.80 -21.44
C ALA D 76 -0.75 22.64 -19.95
N VAL D 77 -0.12 23.57 -19.22
CA VAL D 77 -0.10 23.37 -17.78
C VAL D 77 -1.51 23.42 -17.17
N ASP D 78 -2.29 24.44 -17.49
CA ASP D 78 -3.56 24.50 -16.79
C ASP D 78 -4.57 23.44 -17.27
N LEU D 79 -4.37 22.89 -18.46
CA LEU D 79 -5.17 21.73 -18.93
C LEU D 79 -4.66 20.49 -18.24
N GLY D 80 -3.33 20.47 -18.05
CA GLY D 80 -2.66 19.47 -17.27
C GLY D 80 -3.12 19.53 -15.83
N VAL D 81 -3.22 20.74 -15.27
CA VAL D 81 -3.73 20.81 -13.90
C VAL D 81 -5.20 20.40 -13.84
N GLU D 82 -6.01 20.83 -14.80
CA GLU D 82 -7.42 20.42 -14.83
C GLU D 82 -7.60 18.91 -14.94
N ALA D 83 -6.81 18.25 -15.79
CA ALA D 83 -6.92 16.80 -15.97
C ALA D 83 -6.48 16.08 -14.72
N LEU D 84 -5.43 16.59 -14.07
CA LEU D 84 -4.91 15.93 -12.86
C LEU D 84 -5.88 16.08 -11.68
N LEU D 85 -6.35 17.31 -11.45
CA LEU D 85 -7.32 17.53 -10.39
C LEU D 85 -8.52 16.65 -10.55
N GLY D 86 -9.01 16.54 -11.78
CA GLY D 86 -10.18 15.74 -12.06
C GLY D 86 -9.95 14.27 -11.81
N ALA D 87 -8.77 13.78 -12.20
CA ALA D 87 -8.44 12.36 -12.04
C ALA D 87 -8.22 12.05 -10.57
N LEU D 88 -7.72 13.07 -9.88
CA LEU D 88 -7.48 13.02 -8.44
C LEU D 88 -8.81 12.94 -7.69
N ASP D 89 -9.78 13.73 -8.14
CA ASP D 89 -11.11 13.72 -7.53
C ASP D 89 -11.89 12.45 -7.87
N ASP D 90 -11.73 11.93 -9.09
CA ASP D 90 -12.33 10.65 -9.50
C ASP D 90 -11.75 9.54 -8.62
N ALA D 91 -10.55 9.77 -8.10
CA ALA D 91 -9.82 8.79 -7.30
C ALA D 91 -9.90 9.09 -5.81
N ASN D 92 -10.58 10.18 -5.47
CA ASN D 92 -10.69 10.61 -4.07
C ASN D 92 -9.34 10.89 -3.43
N LEU D 93 -8.40 11.37 -4.25
CA LEU D 93 -7.08 11.70 -3.74
C LEU D 93 -6.83 13.18 -3.82
N ARG D 94 -5.76 13.62 -3.15
CA ARG D 94 -5.40 15.03 -3.19
C ARG D 94 -4.00 15.19 -3.76
N PRO D 95 -3.71 16.35 -4.36
CA PRO D 95 -2.41 16.61 -5.00
C PRO D 95 -1.22 16.23 -4.10
N SER D 96 -1.40 16.44 -2.81
CA SER D 96 -0.39 16.12 -1.79
C SER D 96 -0.02 14.62 -1.76
N ASP D 97 -0.88 13.79 -2.32
CA ASP D 97 -0.74 12.32 -2.27
C ASP D 97 0.13 11.76 -3.39
N ILE D 98 0.26 12.55 -4.46
CA ILE D 98 1.07 12.15 -5.59
C ILE D 98 2.54 12.10 -5.18
N ASP D 99 3.15 10.94 -5.40
CA ASP D 99 4.58 10.78 -5.11
C ASP D 99 5.38 10.88 -6.38
N MET D 100 4.70 10.74 -7.51
CA MET D 100 5.41 10.73 -8.79
C MET D 100 4.50 11.15 -9.91
N ILE D 101 4.98 12.15 -10.67
CA ILE D 101 4.22 12.65 -11.78
C ILE D 101 4.98 12.44 -13.07
N ALA D 102 4.32 11.76 -14.00
CA ALA D 102 4.84 11.54 -15.33
C ALA D 102 4.01 12.39 -16.26
N THR D 103 4.68 13.13 -17.13
CA THR D 103 3.96 14.02 -18.05
C THR D 103 4.31 13.62 -19.46
N ALA D 104 3.31 13.62 -20.32
CA ALA D 104 3.57 13.16 -21.67
C ALA D 104 3.04 14.17 -22.63
N THR D 105 3.92 14.67 -23.48
CA THR D 105 3.49 15.56 -24.53
C THR D 105 4.40 15.35 -25.68
N VAL D 106 3.97 15.76 -26.87
CA VAL D 106 4.84 15.69 -28.02
C VAL D 106 4.67 16.97 -28.83
N THR D 107 3.79 17.85 -28.36
CA THR D 107 3.37 19.00 -29.18
C THR D 107 3.91 20.35 -28.71
N GLY D 108 4.91 20.32 -27.84
CA GLY D 108 5.48 21.55 -27.30
C GLY D 108 6.71 21.23 -26.47
N VAL D 109 7.61 22.21 -26.30
CA VAL D 109 8.84 21.94 -25.54
C VAL D 109 9.04 22.90 -24.35
N ALA D 110 9.09 22.27 -23.18
CA ALA D 110 9.07 22.99 -21.92
C ALA D 110 10.23 22.52 -21.07
N VAL D 111 11.16 23.43 -20.82
CA VAL D 111 12.20 23.28 -19.81
C VAL D 111 12.17 24.59 -19.02
N PRO D 112 11.76 24.54 -17.72
CA PRO D 112 11.38 23.36 -16.93
C PRO D 112 10.18 22.62 -17.51
N SER D 113 10.20 21.30 -17.31
CA SER D 113 9.18 20.44 -17.88
C SER D 113 7.79 20.77 -17.34
N LEU D 114 6.78 20.22 -18.04
CA LEU D 114 5.36 20.38 -17.73
C LEU D 114 5.03 19.84 -16.33
N ASP D 115 5.60 18.69 -15.99
CA ASP D 115 5.43 18.17 -14.63
C ASP D 115 5.94 19.16 -13.58
N ALA D 116 6.98 19.93 -13.90
CA ALA D 116 7.48 20.86 -12.89
C ALA D 116 6.47 21.98 -12.71
N ARG D 117 5.84 22.39 -13.79
CA ARG D 117 4.86 23.48 -13.73
C ARG D 117 3.57 23.00 -13.07
N ILE D 118 3.17 21.76 -13.36
CA ILE D 118 1.96 21.20 -12.78
C ILE D 118 2.13 20.98 -11.26
N ALA D 119 3.32 20.53 -10.87
CA ALA D 119 3.60 20.34 -9.44
C ALA D 119 3.46 21.67 -8.70
N GLY D 120 4.14 22.71 -9.17
CA GLY D 120 4.02 24.02 -8.56
C GLY D 120 2.62 24.61 -8.56
N ARG D 121 1.85 24.34 -9.62
CA ARG D 121 0.49 24.84 -9.71
C ARG D 121 -0.46 24.15 -8.74
N LEU D 122 -0.29 22.85 -8.58
CA LEU D 122 -1.14 22.08 -7.67
C LEU D 122 -0.49 21.97 -6.29
N GLY D 123 0.71 22.52 -6.14
CA GLY D 123 1.44 22.39 -4.90
C GLY D 123 1.68 20.94 -4.50
N LEU D 124 2.13 20.12 -5.46
CA LEU D 124 2.60 18.79 -5.11
C LEU D 124 3.78 18.96 -4.16
N ARG D 125 4.06 17.93 -3.38
CA ARG D 125 5.15 17.99 -2.42
C ARG D 125 6.43 18.28 -3.17
N PRO D 126 7.30 19.12 -2.60
CA PRO D 126 8.52 19.49 -3.33
C PRO D 126 9.38 18.30 -3.70
N ASP D 127 9.17 17.16 -3.06
CA ASP D 127 10.00 15.97 -3.26
C ASP D 127 9.40 14.97 -4.25
N VAL D 128 8.39 15.41 -5.01
CA VAL D 128 7.72 14.52 -5.95
C VAL D 128 8.66 14.13 -7.11
N ARG D 129 8.69 12.84 -7.45
CA ARG D 129 9.63 12.38 -8.48
C ARG D 129 9.03 12.57 -9.87
N ARG D 130 9.72 13.33 -10.71
CA ARG D 130 9.15 13.73 -12.00
C ARG D 130 9.71 12.94 -13.17
N MET D 131 8.83 12.63 -14.12
CA MET D 131 9.18 11.88 -15.31
C MET D 131 8.57 12.60 -16.51
N PRO D 132 9.26 13.62 -17.02
CA PRO D 132 8.82 14.26 -18.27
C PRO D 132 9.12 13.37 -19.49
N LEU D 133 8.09 12.79 -20.06
CA LEU D 133 8.25 11.93 -21.24
C LEU D 133 8.00 12.74 -22.49
N PHE D 134 9.06 13.02 -23.22
CA PHE D 134 8.90 13.70 -24.48
C PHE D 134 9.49 12.84 -25.60
N GLY D 135 8.75 12.64 -26.68
CA GLY D 135 9.29 11.96 -27.84
C GLY D 135 8.59 10.64 -28.11
N LEU D 136 7.76 10.22 -27.16
CA LEU D 136 6.96 9.01 -27.28
C LEU D 136 5.74 9.23 -28.21
N GLY D 137 5.25 10.46 -28.31
CA GLY D 137 4.15 10.72 -29.23
C GLY D 137 2.88 10.00 -28.83
N CYS D 138 2.17 9.41 -29.80
CA CYS D 138 0.88 8.77 -29.54
C CYS D 138 0.98 7.53 -28.67
N VAL D 139 2.19 7.02 -28.47
CA VAL D 139 2.31 5.78 -27.72
C VAL D 139 2.28 6.11 -26.25
N ALA D 140 2.39 7.40 -25.96
CA ALA D 140 2.64 7.84 -24.59
C ALA D 140 1.47 7.59 -23.65
N GLY D 141 0.25 7.54 -24.17
CA GLY D 141 -0.90 7.29 -23.31
C GLY D 141 -0.77 5.91 -22.67
N ALA D 142 -0.61 4.90 -23.52
CA ALA D 142 -0.46 3.51 -23.06
C ALA D 142 0.92 3.29 -22.45
N ALA D 143 1.96 3.77 -23.13
CA ALA D 143 3.31 3.67 -22.59
C ALA D 143 3.41 4.34 -21.23
N GLY D 144 2.75 5.50 -21.07
CA GLY D 144 2.79 6.21 -19.80
C GLY D 144 2.15 5.44 -18.67
N VAL D 145 1.03 4.80 -18.97
CA VAL D 145 0.38 3.93 -17.99
C VAL D 145 1.32 2.79 -17.62
N ALA D 146 2.09 2.33 -18.61
CA ALA D 146 3.07 1.26 -18.37
C ALA D 146 4.22 1.73 -17.51
N ARG D 147 4.64 2.98 -17.67
CA ARG D 147 5.70 3.50 -16.81
C ARG D 147 5.16 3.68 -15.37
N LEU D 148 3.88 4.02 -15.28
CA LEU D 148 3.17 4.08 -13.99
C LEU D 148 3.20 2.71 -13.28
N ARG D 149 3.02 1.64 -14.05
CA ARG D 149 3.08 0.28 -13.53
C ARG D 149 4.49 -0.03 -13.08
N ASP D 150 5.46 0.30 -13.94
CA ASP D 150 6.85 0.03 -13.63
C ASP D 150 7.21 0.74 -12.34
N TYR D 151 6.92 2.04 -12.28
CA TYR D 151 7.24 2.80 -11.08
C TYR D 151 6.53 2.22 -9.84
N LEU D 152 5.23 1.93 -9.99
CA LEU D 152 4.43 1.43 -8.88
C LEU D 152 4.85 0.00 -8.45
N ARG D 153 5.45 -0.77 -9.37
CA ARG D 153 5.93 -2.12 -9.03
C ARG D 153 7.00 -1.97 -7.95
N GLY D 154 7.86 -0.97 -8.12
CA GLY D 154 8.94 -0.71 -7.19
C GLY D 154 8.54 0.25 -6.07
N ALA D 155 7.30 0.63 -6.04
CA ALA D 155 6.79 1.53 -5.04
C ALA D 155 5.30 1.31 -4.82
N PRO D 156 4.94 0.21 -4.20
CA PRO D 156 3.54 -0.24 -4.15
C PRO D 156 2.67 0.56 -3.18
N ASP D 157 3.28 1.39 -2.33
CA ASP D 157 2.50 2.24 -1.43
C ASP D 157 2.23 3.63 -2.02
N ASP D 158 2.77 3.90 -3.21
CA ASP D 158 2.73 5.25 -3.75
C ASP D 158 1.56 5.51 -4.67
N VAL D 159 1.39 6.78 -5.00
CA VAL D 159 0.48 7.24 -6.03
C VAL D 159 1.35 7.82 -7.12
N ALA D 160 1.10 7.44 -8.34
CA ALA D 160 1.90 7.91 -9.45
C ALA D 160 0.88 8.34 -10.45
N VAL D 161 0.99 9.56 -10.97
CA VAL D 161 0.01 10.03 -11.92
C VAL D 161 0.67 10.27 -13.26
N LEU D 162 -0.13 10.14 -14.32
CA LEU D 162 0.36 10.36 -15.66
C LEU D 162 -0.44 11.52 -16.18
N VAL D 163 0.20 12.59 -16.61
CA VAL D 163 -0.56 13.65 -17.25
C VAL D 163 -0.16 13.74 -18.72
N SER D 164 -1.12 13.44 -19.59
CA SER D 164 -0.92 13.62 -21.01
C SER D 164 -1.54 14.94 -21.39
N VAL D 165 -0.76 15.79 -22.06
CA VAL D 165 -1.29 17.02 -22.58
C VAL D 165 -0.81 17.19 -23.99
N GLU D 166 -1.75 17.15 -24.94
CA GLU D 166 -1.35 17.38 -26.31
C GLU D 166 -2.19 18.52 -26.89
N LEU D 167 -1.52 19.54 -27.42
CA LEU D 167 -2.21 20.67 -28.00
C LEU D 167 -1.75 20.73 -29.42
N CYS D 168 -2.09 19.69 -30.17
CA CYS D 168 -1.59 19.50 -31.51
C CYS D 168 -1.79 20.72 -32.39
N SER D 169 -2.84 21.48 -32.09
CA SER D 169 -3.25 22.58 -32.95
C SER D 169 -2.22 23.68 -32.85
N LEU D 170 -1.58 23.75 -31.69
CA LEU D 170 -0.48 24.68 -31.45
C LEU D 170 0.78 24.42 -32.29
N THR D 171 0.83 23.26 -32.96
CA THR D 171 1.94 22.99 -33.88
C THR D 171 1.71 23.71 -35.20
N TYR D 172 0.63 24.50 -35.25
CA TYR D 172 0.27 25.24 -36.46
C TYR D 172 1.43 25.92 -37.23
N PRO D 173 2.31 26.67 -36.53
CA PRO D 173 3.38 27.38 -37.24
C PRO D 173 4.17 26.49 -38.19
N ALA D 174 4.16 25.19 -37.94
CA ALA D 174 4.98 24.27 -38.72
C ALA D 174 4.20 23.60 -39.82
N VAL D 175 2.91 23.94 -39.96
CA VAL D 175 2.11 23.24 -40.96
C VAL D 175 2.26 23.82 -42.36
N LYS D 176 2.31 22.91 -43.32
CA LYS D 176 2.52 23.26 -44.70
C LYS D 176 1.42 22.60 -45.50
N PRO D 177 1.17 23.05 -46.70
CA PRO D 177 0.20 22.38 -47.57
C PRO D 177 0.73 21.06 -48.06
N THR D 178 1.07 20.22 -47.13
CA THR D 178 1.71 18.99 -47.41
C THR D 178 0.74 17.90 -47.00
N VAL D 179 0.61 16.84 -47.78
CA VAL D 179 -0.25 15.71 -47.41
C VAL D 179 -0.07 15.26 -45.94
N SER D 180 1.17 15.05 -45.50
CA SER D 180 1.40 14.71 -44.09
C SER D 180 0.85 15.78 -43.14
N SER D 181 1.18 17.05 -43.38
CA SER D 181 0.68 18.12 -42.53
C SER D 181 -0.83 18.29 -42.58
N LEU D 182 -1.39 18.39 -43.78
CA LEU D 182 -2.84 18.49 -43.93
C LEU D 182 -3.59 17.30 -43.35
N VAL D 183 -3.05 16.10 -43.47
CA VAL D 183 -3.68 14.94 -42.83
C VAL D 183 -3.72 15.21 -41.33
N GLY D 184 -2.60 15.66 -40.79
CA GLY D 184 -2.51 16.03 -39.40
C GLY D 184 -3.61 17.02 -39.00
N THR D 185 -3.85 18.01 -39.83
CA THR D 185 -4.85 19.00 -39.48
C THR D 185 -6.29 18.47 -39.57
N ALA D 186 -6.45 17.32 -40.21
CA ALA D 186 -7.76 16.71 -40.38
C ALA D 186 -8.09 15.87 -39.17
N LEU D 187 -7.06 15.40 -38.50
CA LEU D 187 -7.20 14.37 -37.49
C LEU D 187 -7.01 14.93 -36.07
N PHE D 188 -6.02 15.78 -35.91
CA PHE D 188 -5.52 16.09 -34.57
C PHE D 188 -6.24 17.24 -33.86
N GLY D 189 -6.53 17.02 -32.59
CA GLY D 189 -7.20 18.03 -31.79
C GLY D 189 -6.44 18.28 -30.51
N ASP D 190 -6.99 19.14 -29.67
CA ASP D 190 -6.35 19.44 -28.39
C ASP D 190 -7.08 18.75 -27.25
N GLY D 191 -6.33 18.37 -26.23
CA GLY D 191 -6.89 17.74 -25.08
C GLY D 191 -5.81 17.32 -24.12
N ALA D 192 -6.25 16.83 -22.98
CA ALA D 192 -5.36 16.44 -21.91
C ALA D 192 -6.05 15.31 -21.19
N ALA D 193 -5.28 14.51 -20.47
CA ALA D 193 -5.88 13.52 -19.62
C ALA D 193 -4.88 13.14 -18.56
N ALA D 194 -5.37 12.60 -17.46
CA ALA D 194 -4.51 12.22 -16.38
C ALA D 194 -4.94 10.85 -15.92
N VAL D 195 -3.98 10.05 -15.50
CA VAL D 195 -4.32 8.78 -14.90
C VAL D 195 -3.77 8.90 -13.52
N VAL D 196 -4.59 8.65 -12.51
CA VAL D 196 -4.05 8.52 -11.18
C VAL D 196 -4.03 7.01 -10.95
N ALA D 197 -2.87 6.50 -10.56
CA ALA D 197 -2.73 5.09 -10.28
C ALA D 197 -2.03 4.97 -8.95
N VAL D 198 -2.34 3.88 -8.24
CA VAL D 198 -1.76 3.62 -6.92
C VAL D 198 -1.10 2.25 -6.93
N GLY D 199 -0.04 2.11 -6.16
CA GLY D 199 0.61 0.81 -6.04
C GLY D 199 -0.33 -0.20 -5.39
N ASP D 200 0.00 -1.48 -5.51
CA ASP D 200 -0.87 -2.53 -5.02
C ASP D 200 -1.07 -2.48 -3.51
N ARG D 201 -0.02 -2.16 -2.75
CA ARG D 201 -0.19 -2.00 -1.30
C ARG D 201 -1.05 -0.79 -0.96
N ARG D 202 -1.09 0.18 -1.86
CA ARG D 202 -1.85 1.40 -1.61
C ARG D 202 -3.32 1.19 -1.95
N ALA D 203 -3.61 0.34 -2.93
CA ALA D 203 -5.00 -0.01 -3.22
C ALA D 203 -5.60 -0.87 -2.10
N GLU D 204 -4.76 -1.24 -1.12
CA GLU D 204 -5.19 -1.99 0.06
C GLU D 204 -5.80 -1.04 1.11
N GLN D 205 -5.59 0.26 0.93
CA GLN D 205 -6.12 1.27 1.86
C GLN D 205 -6.75 2.48 1.15
N VAL D 206 -6.84 2.40 -0.17
CA VAL D 206 -7.52 3.41 -0.96
C VAL D 206 -8.47 2.65 -1.87
N ARG D 207 -9.76 2.92 -1.73
CA ARG D 207 -10.74 2.25 -2.58
C ARG D 207 -10.55 2.71 -4.03
N ALA D 208 -10.09 1.80 -4.89
CA ALA D 208 -9.71 2.14 -6.27
C ALA D 208 -10.67 1.54 -7.29
N GLY D 209 -11.46 2.41 -7.93
CA GLY D 209 -12.55 1.96 -8.76
C GLY D 209 -12.20 1.71 -10.22
N GLY D 210 -10.94 1.90 -10.58
CA GLY D 210 -10.49 1.62 -11.94
C GLY D 210 -9.75 0.30 -12.04
N PRO D 211 -9.38 -0.08 -13.28
CA PRO D 211 -8.83 -1.40 -13.59
C PRO D 211 -7.45 -1.65 -13.00
N ASP D 212 -7.07 -2.92 -12.83
CA ASP D 212 -5.71 -3.26 -12.44
C ASP D 212 -4.80 -3.16 -13.67
N ILE D 213 -3.54 -2.80 -13.46
CA ILE D 213 -2.58 -2.86 -14.56
C ILE D 213 -1.69 -4.09 -14.40
N LEU D 214 -1.90 -5.05 -15.29
CA LEU D 214 -1.30 -6.37 -15.12
C LEU D 214 0.08 -6.44 -15.76
N ASP D 215 0.21 -5.90 -16.97
CA ASP D 215 1.48 -6.00 -17.68
C ASP D 215 1.50 -5.06 -18.88
N SER D 216 2.67 -4.91 -19.47
CA SER D 216 2.82 -4.06 -20.65
C SER D 216 3.89 -4.70 -21.52
N ARG D 217 3.77 -4.53 -22.83
CA ARG D 217 4.88 -4.85 -23.70
C ARG D 217 5.03 -3.77 -24.76
N SER D 218 6.23 -3.22 -24.85
CA SER D 218 6.59 -2.35 -25.95
C SER D 218 7.01 -3.23 -27.11
N SER D 219 7.08 -2.64 -28.28
CA SER D 219 7.52 -3.36 -29.44
C SER D 219 8.11 -2.31 -30.34
N LEU D 220 9.45 -2.21 -30.35
CA LEU D 220 10.15 -1.22 -31.16
C LEU D 220 10.48 -1.90 -32.48
N TYR D 221 9.90 -1.40 -33.56
CA TYR D 221 10.03 -1.98 -34.90
C TYR D 221 11.37 -1.64 -35.54
N PRO D 222 12.06 -2.65 -36.10
CA PRO D 222 13.36 -2.49 -36.74
C PRO D 222 13.31 -1.51 -37.91
N ASP D 223 14.28 -0.61 -37.96
CA ASP D 223 14.46 0.27 -39.12
C ASP D 223 13.17 0.95 -39.51
N SER D 224 12.51 1.58 -38.52
CA SER D 224 11.22 2.23 -38.75
C SER D 224 11.12 3.67 -38.22
N LEU D 225 12.20 4.46 -38.33
CA LEU D 225 12.19 5.81 -37.74
C LEU D 225 11.38 6.75 -38.62
N HIS D 226 11.31 6.40 -39.91
CA HIS D 226 10.64 7.24 -40.92
C HIS D 226 9.11 7.08 -40.90
N ILE D 227 8.61 6.12 -40.11
CA ILE D 227 7.17 5.86 -40.07
C ILE D 227 6.42 7.09 -39.55
N MET D 228 6.95 7.67 -38.48
CA MET D 228 6.37 8.90 -37.92
C MET D 228 7.35 9.56 -36.97
N GLY D 229 7.18 10.87 -36.77
CA GLY D 229 8.02 11.64 -35.89
C GLY D 229 7.85 13.12 -36.17
N TRP D 230 8.76 13.94 -35.67
CA TRP D 230 8.74 15.37 -35.94
C TRP D 230 9.89 15.73 -36.84
N ASP D 231 9.68 16.71 -37.70
CA ASP D 231 10.77 17.49 -38.27
C ASP D 231 10.82 18.76 -37.43
N VAL D 232 11.97 19.05 -36.81
CA VAL D 232 12.06 20.14 -35.84
C VAL D 232 13.00 21.25 -36.32
N GLY D 233 12.46 22.47 -36.44
CA GLY D 233 13.13 23.55 -37.12
C GLY D 233 12.58 24.87 -36.67
N SER D 234 12.95 25.93 -37.38
CA SER D 234 12.55 27.25 -36.98
C SER D 234 11.04 27.44 -36.92
N HIS D 235 10.29 26.65 -37.64
CA HIS D 235 8.83 26.85 -37.64
C HIS D 235 8.17 25.92 -36.66
N GLY D 236 8.97 25.18 -35.90
CA GLY D 236 8.44 24.32 -34.88
C GLY D 236 8.44 22.86 -35.26
N LEU D 237 7.42 22.18 -34.79
CA LEU D 237 7.30 20.74 -34.86
C LEU D 237 6.44 20.33 -36.06
N ARG D 238 7.07 19.77 -37.09
CA ARG D 238 6.38 19.46 -38.34
C ARG D 238 6.18 17.94 -38.49
N LEU D 239 4.93 17.51 -38.66
CA LEU D 239 4.60 16.09 -38.65
C LEU D 239 5.16 15.34 -39.83
N ARG D 240 5.74 14.17 -39.55
CA ARG D 240 6.20 13.25 -40.58
C ARG D 240 5.33 12.04 -40.41
N LEU D 241 4.69 11.60 -41.48
CA LEU D 241 3.84 10.41 -41.35
C LEU D 241 3.99 9.57 -42.61
N SER D 242 4.59 8.39 -42.49
CA SER D 242 4.80 7.54 -43.65
C SER D 242 3.56 6.70 -43.98
N PRO D 243 3.31 6.48 -45.27
CA PRO D 243 2.20 5.65 -45.74
C PRO D 243 2.37 4.20 -45.30
N ASP D 244 3.57 3.74 -45.12
CA ASP D 244 3.80 2.37 -44.77
C ASP D 244 3.34 2.03 -43.39
N LEU D 245 2.71 2.98 -42.73
CA LEU D 245 2.20 2.81 -41.38
C LEU D 245 1.23 1.64 -41.36
N THR D 246 0.12 1.82 -42.05
CA THR D 246 -0.96 0.84 -42.12
C THR D 246 -0.42 -0.55 -42.47
N ASN D 247 0.42 -0.60 -43.49
CA ASN D 247 1.11 -1.82 -43.91
C ASN D 247 1.96 -2.42 -42.79
N LEU D 248 2.62 -1.56 -41.99
CA LEU D 248 3.39 -2.03 -40.84
C LEU D 248 2.49 -2.67 -39.80
N ILE D 249 1.31 -2.07 -39.63
CA ILE D 249 0.34 -2.60 -38.67
C ILE D 249 -0.12 -4.00 -39.03
N GLU D 250 -0.67 -4.15 -40.23
CA GLU D 250 -1.32 -5.41 -40.61
C GLU D 250 -0.31 -6.55 -40.71
N ARG D 251 0.95 -6.20 -40.89
CA ARG D 251 1.99 -7.20 -41.00
C ARG D 251 2.47 -7.63 -39.60
N TYR D 252 2.69 -6.67 -38.72
CA TYR D 252 3.36 -6.97 -37.45
C TYR D 252 2.47 -6.95 -36.19
N LEU D 253 1.35 -6.22 -36.24
CA LEU D 253 0.58 -6.01 -35.00
C LEU D 253 0.03 -7.29 -34.40
N ALA D 254 -0.54 -8.15 -35.24
CA ALA D 254 -1.04 -9.45 -34.76
C ALA D 254 0.03 -10.18 -33.96
N ASN D 255 1.28 -10.14 -34.45
CA ASN D 255 2.38 -10.78 -33.73
C ASN D 255 2.66 -10.15 -32.37
N ASP D 256 2.68 -8.81 -32.27
CA ASP D 256 2.83 -8.11 -30.99
C ASP D 256 1.76 -8.55 -29.98
N VAL D 257 0.50 -8.54 -30.42
CA VAL D 257 -0.59 -8.92 -29.53
C VAL D 257 -0.42 -10.40 -29.11
N THR D 258 -0.36 -11.29 -30.10
CA THR D 258 -0.17 -12.71 -29.83
C THR D 258 1.01 -12.99 -28.90
N THR D 259 2.19 -12.45 -29.21
CA THR D 259 3.37 -12.56 -28.35
C THR D 259 3.05 -12.16 -26.90
N PHE D 260 2.41 -11.00 -26.74
CA PHE D 260 2.01 -10.49 -25.43
C PHE D 260 0.93 -11.33 -24.76
N LEU D 261 -0.12 -11.63 -25.50
CA LEU D 261 -1.22 -12.38 -24.92
C LEU D 261 -0.83 -13.83 -24.58
N ASP D 262 -0.07 -14.50 -25.44
CA ASP D 262 0.41 -15.84 -25.12
C ASP D 262 1.16 -15.84 -23.79
N ALA D 263 1.94 -14.79 -23.58
CA ALA D 263 2.69 -14.63 -22.32
C ALA D 263 1.78 -14.67 -21.08
N HIS D 264 0.49 -14.40 -21.28
CA HIS D 264 -0.48 -14.45 -20.17
C HIS D 264 -1.54 -15.54 -20.33
N ARG D 265 -1.27 -16.49 -21.23
CA ARG D 265 -2.22 -17.57 -21.55
C ARG D 265 -3.55 -17.01 -22.02
N LEU D 266 -3.48 -15.93 -22.79
CA LEU D 266 -4.66 -15.28 -23.30
C LEU D 266 -4.73 -15.39 -24.81
N THR D 267 -5.89 -15.05 -25.35
CA THR D 267 -6.09 -14.84 -26.79
C THR D 267 -6.88 -13.57 -26.96
N LYS D 268 -6.85 -12.99 -28.18
CA LYS D 268 -7.58 -11.75 -28.48
C LYS D 268 -9.10 -11.88 -28.28
N ASP D 269 -9.56 -13.11 -28.13
CA ASP D 269 -10.95 -13.41 -27.91
C ASP D 269 -11.20 -13.46 -26.38
N ASP D 270 -10.11 -13.58 -25.62
CA ASP D 270 -10.19 -13.56 -24.17
C ASP D 270 -10.24 -12.15 -23.58
N ILE D 271 -9.97 -11.14 -24.39
CA ILE D 271 -10.05 -9.77 -23.87
C ILE D 271 -11.46 -9.14 -24.10
N GLY D 272 -12.00 -8.56 -23.03
CA GLY D 272 -13.39 -8.11 -23.03
C GLY D 272 -13.60 -6.63 -23.34
N ALA D 273 -12.52 -5.86 -23.27
CA ALA D 273 -12.59 -4.47 -23.73
C ALA D 273 -11.26 -4.07 -24.37
N TRP D 274 -11.32 -3.64 -25.63
CA TRP D 274 -10.16 -3.09 -26.33
C TRP D 274 -10.10 -1.58 -26.16
N VAL D 275 -8.96 -1.10 -25.67
CA VAL D 275 -8.71 0.33 -25.55
C VAL D 275 -7.56 0.70 -26.48
N SER D 276 -7.89 1.11 -27.70
CA SER D 276 -6.88 1.32 -28.71
C SER D 276 -6.74 2.79 -29.10
N HIS D 277 -5.53 3.22 -29.41
CA HIS D 277 -5.32 4.57 -29.88
C HIS D 277 -6.02 4.73 -31.22
N PRO D 278 -6.63 5.88 -31.45
CA PRO D 278 -7.31 6.14 -32.72
C PRO D 278 -6.33 6.27 -33.87
N GLY D 279 -5.70 7.40 -34.05
CA GLY D 279 -4.68 7.50 -35.08
C GLY D 279 -5.35 8.04 -36.33
N GLY D 280 -6.45 7.41 -36.70
CA GLY D 280 -7.16 7.78 -37.91
C GLY D 280 -7.95 6.59 -38.40
N PRO D 281 -8.89 6.82 -39.32
CA PRO D 281 -9.77 5.74 -39.76
C PRO D 281 -8.99 4.55 -40.34
N LYS D 282 -8.11 4.79 -41.33
CA LYS D 282 -7.33 3.72 -41.93
C LYS D 282 -6.55 2.90 -40.89
N VAL D 283 -6.06 3.56 -39.85
CA VAL D 283 -5.34 2.88 -38.77
C VAL D 283 -6.27 2.03 -37.91
N ILE D 284 -7.42 2.59 -37.55
CA ILE D 284 -8.41 1.82 -36.79
C ILE D 284 -8.88 0.59 -37.62
N ASP D 285 -9.06 0.75 -38.92
CA ASP D 285 -9.32 -0.39 -39.80
C ASP D 285 -8.18 -1.41 -39.72
N ALA D 286 -6.94 -0.92 -39.83
CA ALA D 286 -5.77 -1.79 -39.88
C ALA D 286 -5.67 -2.65 -38.64
N VAL D 287 -5.91 -2.09 -37.47
CA VAL D 287 -5.89 -2.90 -36.25
C VAL D 287 -7.08 -3.85 -36.19
N ALA D 288 -8.23 -3.38 -36.67
CA ALA D 288 -9.44 -4.20 -36.65
C ALA D 288 -9.24 -5.43 -37.52
N THR D 289 -8.62 -5.21 -38.68
CA THR D 289 -8.29 -6.30 -39.59
C THR D 289 -7.22 -7.24 -39.04
N SER D 290 -6.12 -6.66 -38.62
CA SER D 290 -4.98 -7.37 -38.18
C SER D 290 -5.24 -8.18 -36.98
N LEU D 291 -6.14 -7.75 -36.14
CA LEU D 291 -6.48 -8.51 -34.99
C LEU D 291 -7.78 -9.29 -35.16
N ALA D 292 -8.36 -9.14 -36.32
CA ALA D 292 -9.57 -9.81 -36.71
C ALA D 292 -10.67 -9.63 -35.69
N LEU D 293 -10.79 -8.43 -35.17
CA LEU D 293 -11.68 -8.21 -34.05
C LEU D 293 -13.16 -8.01 -34.36
N PRO D 294 -14.00 -8.43 -33.33
CA PRO D 294 -15.42 -8.38 -33.66
C PRO D 294 -15.91 -6.98 -33.82
N PRO D 295 -17.15 -6.86 -34.48
CA PRO D 295 -17.32 -5.53 -35.08
C PRO D 295 -17.42 -4.52 -33.99
N GLU D 296 -16.55 -3.55 -34.11
CA GLU D 296 -16.41 -2.59 -33.08
C GLU D 296 -16.32 -3.15 -31.66
N ALA D 297 -15.29 -3.96 -31.49
CA ALA D 297 -14.55 -4.05 -30.30
C ALA D 297 -13.89 -2.70 -30.13
N LEU D 298 -13.82 -1.96 -31.21
CA LEU D 298 -13.14 -0.68 -31.32
C LEU D 298 -14.08 0.50 -31.22
N GLU D 299 -15.36 0.23 -31.00
CA GLU D 299 -16.40 1.26 -31.00
C GLU D 299 -16.06 2.51 -30.17
N LEU D 300 -15.54 2.30 -28.96
CA LEU D 300 -15.23 3.41 -28.06
C LEU D 300 -14.13 4.33 -28.63
N THR D 301 -13.20 3.76 -29.38
CA THR D 301 -12.13 4.54 -29.97
C THR D 301 -12.61 5.22 -31.26
N TRP D 302 -13.49 4.56 -32.00
CA TRP D 302 -14.19 5.24 -33.10
C TRP D 302 -14.96 6.45 -32.61
N ARG D 303 -15.74 6.26 -31.55
CA ARG D 303 -16.55 7.35 -31.00
C ARG D 303 -15.68 8.51 -30.53
N SER D 304 -14.67 8.20 -29.70
CA SER D 304 -13.74 9.24 -29.24
C SER D 304 -13.15 10.02 -30.42
N LEU D 305 -12.61 9.29 -31.40
CA LEU D 305 -12.10 9.91 -32.64
C LEU D 305 -13.15 10.79 -33.30
N GLY D 306 -14.41 10.37 -33.23
CA GLY D 306 -15.51 11.14 -33.78
C GLY D 306 -15.77 12.43 -33.03
N GLU D 307 -15.63 12.38 -31.73
CA GLU D 307 -16.06 13.49 -30.91
C GLU D 307 -15.00 14.47 -30.46
N ILE D 308 -13.75 14.04 -30.30
CA ILE D 308 -12.69 14.94 -29.88
C ILE D 308 -11.49 14.91 -30.81
N GLY D 309 -11.47 13.97 -31.73
CA GLY D 309 -10.39 13.87 -32.70
C GLY D 309 -9.25 13.02 -32.19
N ASN D 310 -8.12 13.10 -32.89
CA ASN D 310 -6.90 12.42 -32.45
C ASN D 310 -6.13 13.33 -31.48
N LEU D 311 -6.02 12.92 -30.22
CA LEU D 311 -5.34 13.76 -29.25
C LEU D 311 -3.93 13.27 -28.95
N SER D 312 -3.29 12.60 -29.90
CA SER D 312 -1.99 11.98 -29.63
C SER D 312 -2.07 11.13 -28.34
N SER D 313 -1.08 11.25 -27.45
CA SER D 313 -1.11 10.42 -26.23
C SER D 313 -2.41 10.51 -25.43
N ALA D 314 -3.06 11.68 -25.41
CA ALA D 314 -4.26 11.81 -24.57
C ALA D 314 -5.51 11.06 -25.06
N SER D 315 -5.56 10.73 -26.35
CA SER D 315 -6.74 10.05 -26.90
C SER D 315 -7.00 8.71 -26.24
N ILE D 316 -5.97 7.89 -26.10
CA ILE D 316 -6.20 6.55 -25.52
C ILE D 316 -6.63 6.63 -24.05
N LEU D 317 -6.31 7.75 -23.39
CA LEU D 317 -6.67 7.91 -21.98
C LEU D 317 -8.13 8.30 -21.85
N HIS D 318 -8.62 9.10 -22.80
CA HIS D 318 -10.04 9.43 -22.86
C HIS D 318 -10.83 8.15 -23.14
N ILE D 319 -10.31 7.37 -24.09
CA ILE D 319 -10.95 6.11 -24.47
C ILE D 319 -10.95 5.14 -23.30
N LEU D 320 -9.86 5.13 -22.54
CA LEU D 320 -9.79 4.36 -21.32
C LEU D 320 -10.86 4.81 -20.31
N ARG D 321 -11.17 6.12 -20.30
CA ARG D 321 -12.20 6.65 -19.42
C ARG D 321 -13.60 6.17 -19.86
N ASP D 322 -13.90 6.32 -21.14
CA ASP D 322 -15.13 5.83 -21.75
C ASP D 322 -15.39 4.33 -21.52
N THR D 323 -14.32 3.54 -21.40
CA THR D 323 -14.42 2.10 -21.19
C THR D 323 -14.73 1.77 -19.73
N ILE D 324 -14.02 2.45 -18.81
CA ILE D 324 -14.22 2.31 -17.36
C ILE D 324 -15.64 2.67 -16.94
N GLU D 325 -16.11 3.83 -17.42
CA GLU D 325 -17.49 4.27 -17.20
C GLU D 325 -18.53 3.29 -17.77
N LYS D 326 -18.20 2.63 -18.88
CA LYS D 326 -19.10 1.65 -19.52
C LYS D 326 -19.26 0.39 -18.67
N ARG D 327 -18.58 0.39 -17.52
CA ARG D 327 -18.59 -0.70 -16.54
C ARG D 327 -18.48 -2.07 -17.21
N PRO D 328 -17.30 -2.37 -17.80
CA PRO D 328 -17.07 -3.60 -18.56
C PRO D 328 -16.92 -4.80 -17.61
N PRO D 329 -17.19 -6.03 -18.11
CA PRO D 329 -17.39 -7.24 -17.29
C PRO D 329 -16.35 -7.43 -16.20
N SER D 330 -16.79 -7.41 -14.95
CA SER D 330 -15.90 -7.55 -13.80
C SER D 330 -15.03 -8.82 -13.91
N GLY D 331 -13.71 -8.63 -13.85
CA GLY D 331 -12.76 -9.72 -14.01
C GLY D 331 -12.24 -9.87 -15.43
N SER D 332 -12.92 -9.27 -16.40
CA SER D 332 -12.43 -9.34 -17.77
C SER D 332 -11.12 -8.58 -17.90
N ALA D 333 -10.32 -9.01 -18.86
CA ALA D 333 -9.03 -8.44 -19.17
C ALA D 333 -9.25 -7.35 -20.21
N GLY D 334 -8.58 -6.21 -20.03
CA GLY D 334 -8.65 -5.12 -20.99
C GLY D 334 -7.32 -5.02 -21.70
N LEU D 335 -7.32 -4.45 -22.89
CA LEU D 335 -6.07 -4.31 -23.61
C LEU D 335 -5.93 -2.91 -24.19
N MET D 336 -5.00 -2.14 -23.64
CA MET D 336 -4.63 -0.87 -24.28
C MET D 336 -3.63 -1.15 -25.36
N LEU D 337 -3.82 -0.44 -26.47
CA LEU D 337 -2.96 -0.58 -27.63
C LEU D 337 -2.77 0.81 -28.23
N ALA D 338 -1.51 1.22 -28.35
CA ALA D 338 -1.18 2.53 -28.86
C ALA D 338 0.04 2.34 -29.74
N MET D 339 0.34 3.36 -30.54
CA MET D 339 1.49 3.26 -31.44
C MET D 339 2.01 4.66 -31.66
N GLY D 340 3.30 4.80 -31.96
CA GLY D 340 3.91 6.11 -32.05
C GLY D 340 5.32 6.06 -32.58
N PRO D 341 5.97 7.21 -32.66
CA PRO D 341 7.28 7.39 -33.29
C PRO D 341 8.26 6.41 -32.71
N GLY D 342 9.07 5.76 -33.55
CA GLY D 342 9.88 4.65 -33.10
C GLY D 342 10.49 3.82 -34.22
N PHE D 343 9.66 3.15 -35.01
CA PHE D 343 8.21 3.05 -34.78
C PHE D 343 7.94 1.96 -33.74
N CYS D 344 6.96 2.18 -32.89
CA CYS D 344 6.74 1.25 -31.80
C CYS D 344 5.29 1.09 -31.45
N THR D 345 4.99 -0.03 -30.80
CA THR D 345 3.65 -0.33 -30.35
C THR D 345 3.68 -0.55 -28.83
N GLU D 346 2.64 -0.18 -28.15
CA GLU D 346 2.60 -0.44 -26.76
C GLU D 346 1.28 -1.12 -26.39
N LEU D 347 1.43 -2.13 -25.59
CA LEU D 347 0.35 -2.93 -25.18
C LEU D 347 0.29 -2.87 -23.70
N VAL D 348 -0.87 -2.60 -23.14
CA VAL D 348 -1.00 -2.68 -21.69
C VAL D 348 -2.18 -3.60 -21.37
N LEU D 349 -1.92 -4.62 -20.57
CA LEU D 349 -2.97 -5.58 -20.23
C LEU D 349 -3.67 -5.10 -18.96
N LEU D 350 -4.98 -4.90 -19.05
CA LEU D 350 -5.80 -4.42 -17.95
C LEU D 350 -6.67 -5.55 -17.40
N ARG D 351 -6.98 -5.52 -16.11
CA ARG D 351 -8.07 -6.34 -15.54
C ARG D 351 -9.17 -5.42 -14.99
N TRP D 352 -10.39 -5.51 -15.54
CA TRP D 352 -11.47 -4.56 -15.24
C TRP D 352 -12.12 -4.61 -13.86
N ARG D 353 -12.69 -3.46 -13.49
CA ARG D 353 -13.59 -3.32 -12.33
C ARG D 353 -12.98 -3.76 -11.01
C1 PLM E . 2.12 -16.20 25.61
O1 PLM E . 1.64 -17.36 25.63
O2 PLM E . 2.03 -15.38 24.68
C2 PLM E . 2.71 -15.69 26.93
C3 PLM E . 1.52 -15.42 27.83
C4 PLM E . 1.82 -14.95 29.22
C5 PLM E . 2.69 -15.89 30.03
C6 PLM E . 2.80 -15.33 31.44
C7 PLM E . 3.70 -16.27 32.28
C8 PLM E . 3.72 -15.83 33.76
C9 PLM E . 4.65 -16.69 34.57
CA PLM E . 4.76 -16.24 36.04
CB PLM E . 5.19 -14.76 36.25
CC PLM E . 5.46 -14.49 37.74
CD PLM E . 5.80 -13.02 37.92
CE PLM E . 6.28 -12.86 39.36
CF PLM E . 5.34 -13.31 40.47
CG PLM E . 6.01 -13.12 41.85
CAB JAO F . -23.28 -17.34 28.41
CAE JAO F . -24.48 -16.83 26.22
CAF JAO F . -24.88 -34.06 31.02
CAG JAO F . -25.74 -33.35 30.04
CAH JAO F . -25.13 -32.13 29.37
CAI JAO F . -25.94 -30.85 29.38
CAJ JAO F . -25.22 -29.53 29.13
CAK JAO F . -24.59 -28.87 30.37
CAL JAO F . -24.24 -27.40 30.25
CAM JAO F . -24.28 -26.54 31.49
CAN JAO F . -23.57 -25.20 31.40
CAO JAO F . -24.18 -24.16 30.47
CAP JAO F . -23.31 -23.56 29.37
CAQ JAO F . -23.63 -22.13 28.93
CAR JAO F . -22.92 -21.55 27.71
CAS JAO F . -22.70 -20.04 27.71
CAT JAO F . -23.48 -19.19 26.72
CAU JAO F . -23.43 -17.68 26.94
O3 JAO F . -24.72 -15.68 26.65
CAB JAO G . 19.19 23.35 -18.43
CAE JAO G . 21.14 22.94 -16.85
CAF JAO G . 32.12 28.13 -30.02
CAG JAO G . 30.69 27.77 -29.73
CAH JAO G . 30.41 26.75 -28.64
CAI JAO G . 29.86 27.31 -27.34
CAJ JAO G . 28.61 26.67 -26.75
CAK JAO G . 27.33 27.50 -26.95
CAL JAO G . 26.14 27.14 -26.10
CAM JAO G . 25.59 28.19 -25.15
CAN JAO G . 24.36 27.76 -24.36
CAO JAO G . 24.51 26.57 -23.43
CAP JAO G . 23.42 25.50 -23.28
CAQ JAO G . 22.92 25.19 -21.86
CAR JAO G . 22.24 23.86 -21.53
CAS JAO G . 21.27 23.83 -20.36
CAT JAO G . 21.40 22.68 -19.38
CAU JAO G . 20.47 22.61 -18.18
O3 JAO G . 20.74 23.91 -16.17
C1 PLM H . 3.09 11.70 -33.43
O1 PLM H . 2.71 11.01 -32.45
O2 PLM H . 4.23 11.65 -33.99
C2 PLM H . 2.05 12.70 -33.92
C3 PLM H . 1.84 13.72 -32.82
C4 PLM H . 0.77 14.77 -33.11
C5 PLM H . 0.96 15.70 -34.31
C6 PLM H . -0.20 16.65 -34.33
C7 PLM H . -0.37 17.83 -35.25
C8 PLM H . -0.38 17.74 -36.76
C9 PLM H . -0.67 19.20 -37.21
CA PLM H . -2.06 19.63 -36.64
CB PLM H . -2.53 21.05 -36.93
CC PLM H . -3.95 21.25 -36.32
CD PLM H . -4.53 22.66 -36.49
CE PLM H . -5.95 22.74 -35.90
CF PLM H . -6.50 24.15 -35.98
CG PLM H . -6.57 24.72 -37.37
#